data_6HU0
#
_entry.id   6HU0
#
_cell.length_a   70.690
_cell.length_b   70.730
_cell.length_c   98.120
_cell.angle_alpha   75.51
_cell.angle_beta   78.08
_cell.angle_gamma   85.55
#
_symmetry.space_group_name_H-M   'P 1'
#
loop_
_entity.id
_entity.type
_entity.pdbx_description
1 polymer 'Histone deacetylase'
2 non-polymer 'ZINC ION'
3 non-polymer 'POTASSIUM ION'
4 non-polymer 3-[(2,4-dichlorophenyl)carbonylamino]-4-methoxy-~{N}-oxidanyl-benzamide
5 non-polymer DIMETHYLFORMAMIDE
6 non-polymer GLYCEROL
7 water water
#
_entity_poly.entity_id   1
_entity_poly.type   'polypeptide(L)'
_entity_poly.pdbx_seq_one_letter_code
;HMSVGIVYGDQYRQLCCSSPKFGDRYALVMDLINAYKLIPELSRVPPLQWDSPSRMYEAVTAFHSTEYVDALKKLQMLHC
EEKELTADDELLMDSFSLNYDCPGFPSVFDYSLAAVQGSLAAASALICRHCEVVINWGGGWHHAKRSEASGFCYLNDIVL
AIHRLVSSTPPETSPNRQTRVLYVDLDLHHGDGVEEAFWYSPRVVTFSVHHASPGFFPGTGTWNMVDNDKLPIFLNGAGR
GRFSAFNLPLEEGINDLDWSNAIGPILDSLNIVIQPSYVVVQCGADCLATDPHRIFRLTNFYPNLNLDSDCDSECSLSGY
LYAIKKILSWKVPTLILGGGGYNFPDTARLWTRVTALTIEEVKGKKMTISPEIPEHSYFSRYGPDFELDIDYFPHESHNK
TLDSIQKHHRRILEQLRNYADLNKLIYDYDQVYQLYNLTGMGSLVPR
;
_entity_poly.pdbx_strand_id   A,B,C,D
#
# COMPACT_ATOMS: atom_id res chain seq x y z
N SER A 3 23.69 5.06 -29.15
CA SER A 3 22.87 5.95 -29.94
C SER A 3 22.45 7.19 -29.14
N VAL A 4 21.95 8.19 -29.86
CA VAL A 4 21.30 9.35 -29.25
C VAL A 4 19.79 9.16 -29.38
N GLY A 5 19.08 9.20 -28.24
CA GLY A 5 17.64 9.08 -28.25
C GLY A 5 16.96 10.42 -28.14
N ILE A 6 15.72 10.47 -28.61
CA ILE A 6 14.91 11.67 -28.44
C ILE A 6 13.47 11.24 -28.20
N VAL A 7 12.83 11.87 -27.22
CA VAL A 7 11.46 11.49 -26.86
C VAL A 7 10.48 12.22 -27.79
N TYR A 8 9.65 11.47 -28.50
CA TYR A 8 8.54 12.06 -29.23
CA TYR A 8 8.60 12.04 -29.33
C TYR A 8 7.54 10.97 -29.61
N GLY A 9 6.39 11.42 -30.08
CA GLY A 9 5.27 10.56 -30.41
C GLY A 9 4.08 11.43 -30.78
N ASP A 10 3.14 10.90 -31.57
CA ASP A 10 2.01 11.73 -32.02
C ASP A 10 1.20 12.24 -30.83
N GLN A 11 0.76 11.35 -29.94
CA GLN A 11 0.00 11.78 -28.78
C GLN A 11 0.83 12.68 -27.87
N TYR A 12 2.10 12.32 -27.67
CA TYR A 12 2.98 13.13 -26.86
C TYR A 12 3.07 14.54 -27.40
N ARG A 13 3.21 14.69 -28.71
CA ARG A 13 3.26 16.01 -29.31
C ARG A 13 2.02 16.82 -28.99
N GLN A 14 0.84 16.20 -29.16
CA GLN A 14 -0.42 16.91 -28.94
C GLN A 14 -0.53 17.37 -27.49
N LEU A 15 -0.19 16.50 -26.54
CA LEU A 15 -0.24 16.88 -25.13
C LEU A 15 0.79 17.95 -24.79
N CYS A 16 2.00 17.86 -25.34
CA CYS A 16 3.00 18.89 -25.05
C CYS A 16 2.63 20.23 -25.65
N CYS A 17 1.71 20.25 -26.62
CA CYS A 17 1.25 21.47 -27.25
C CYS A 17 -0.12 21.93 -26.75
N SER A 18 -0.62 21.36 -25.65
CA SER A 18 -1.99 21.63 -25.20
C SER A 18 -2.06 22.66 -24.08
N SER A 19 -0.95 23.28 -23.68
CA SER A 19 -1.05 24.15 -22.52
C SER A 19 -1.13 25.61 -22.94
N PRO A 20 -1.75 26.47 -22.13
CA PRO A 20 -1.85 27.89 -22.54
C PRO A 20 -0.51 28.59 -22.52
N LYS A 21 0.36 28.26 -21.56
CA LYS A 21 1.63 28.97 -21.46
C LYS A 21 2.59 28.63 -22.58
N PHE A 22 2.73 27.34 -22.91
CA PHE A 22 3.77 26.96 -23.85
C PHE A 22 3.24 26.69 -25.25
N GLY A 23 1.93 26.84 -25.47
CA GLY A 23 1.33 26.72 -26.78
C GLY A 23 1.95 25.63 -27.62
N ASP A 24 2.41 25.99 -28.83
CA ASP A 24 2.93 25.02 -29.79
C ASP A 24 4.45 24.96 -29.82
N ARG A 25 5.12 25.41 -28.74
CA ARG A 25 6.58 25.46 -28.74
C ARG A 25 7.20 24.12 -29.08
N TYR A 26 6.69 23.04 -28.46
CA TYR A 26 7.28 21.73 -28.67
C TYR A 26 7.19 21.30 -30.13
N ALA A 27 6.12 21.74 -30.83
CA ALA A 27 5.97 21.44 -32.25
C ALA A 27 7.00 22.19 -33.09
N LEU A 28 7.23 23.47 -32.77
CA LEU A 28 8.28 24.20 -33.46
C LEU A 28 9.63 23.53 -33.24
N VAL A 29 9.92 23.14 -31.99
CA VAL A 29 11.19 22.52 -31.68
C VAL A 29 11.39 21.23 -32.49
N MET A 30 10.40 20.33 -32.44
CA MET A 30 10.59 19.05 -33.10
C MET A 30 10.53 19.18 -34.61
N ASP A 31 9.74 20.12 -35.13
CA ASP A 31 9.67 20.29 -36.58
C ASP A 31 10.90 20.97 -37.14
N LEU A 32 11.58 21.81 -36.35
CA LEU A 32 12.85 22.37 -36.80
C LEU A 32 13.93 21.29 -36.79
N ILE A 33 13.99 20.48 -35.74
CA ILE A 33 14.88 19.31 -35.71
C ILE A 33 14.63 18.43 -36.92
N ASN A 34 13.35 18.20 -37.24
CA ASN A 34 12.99 17.42 -38.43
C ASN A 34 13.35 18.16 -39.71
N ALA A 35 13.08 19.47 -39.77
CA ALA A 35 13.39 20.24 -40.97
C ALA A 35 14.88 20.16 -41.33
N TYR A 36 15.75 20.09 -40.33
CA TYR A 36 17.19 19.97 -40.55
C TYR A 36 17.66 18.52 -40.72
N LYS A 37 16.73 17.59 -40.92
CA LYS A 37 17.06 16.21 -41.27
C LYS A 37 17.84 15.51 -40.15
N LEU A 38 17.56 15.85 -38.89
CA LEU A 38 18.23 15.20 -37.77
C LEU A 38 17.50 13.96 -37.27
N ILE A 39 16.21 13.81 -37.58
CA ILE A 39 15.45 12.67 -37.03
C ILE A 39 16.04 11.32 -37.43
N PRO A 40 16.47 11.08 -38.68
CA PRO A 40 17.06 9.78 -39.01
C PRO A 40 18.31 9.45 -38.21
N GLU A 41 19.02 10.46 -37.69
CA GLU A 41 20.18 10.21 -36.85
C GLU A 41 19.82 9.77 -35.45
N LEU A 42 18.54 9.85 -35.06
CA LEU A 42 18.12 9.79 -33.68
C LEU A 42 17.23 8.58 -33.45
N SER A 43 17.33 7.98 -32.27
CA SER A 43 16.49 6.84 -31.91
C SER A 43 15.25 7.36 -31.16
N ARG A 44 14.06 7.20 -31.73
CA ARG A 44 12.85 7.64 -31.03
C ARG A 44 12.65 6.84 -29.75
N VAL A 45 12.52 7.54 -28.63
CA VAL A 45 12.22 6.93 -27.34
C VAL A 45 10.74 7.19 -27.07
N PRO A 46 9.89 6.15 -27.02
CA PRO A 46 8.47 6.37 -26.80
C PRO A 46 8.19 6.72 -25.35
N PRO A 47 7.29 7.66 -25.10
CA PRO A 47 6.96 7.97 -23.70
C PRO A 47 6.45 6.74 -22.97
N LEU A 48 6.76 6.67 -21.67
CA LEU A 48 6.32 5.56 -20.85
C LEU A 48 4.80 5.56 -20.68
N GLN A 49 4.19 4.39 -20.78
CA GLN A 49 2.79 4.21 -20.41
C GLN A 49 2.70 3.08 -19.40
N TRP A 50 1.59 3.07 -18.64
CA TRP A 50 1.46 2.21 -17.48
C TRP A 50 0.35 1.18 -17.68
N ASP A 51 0.43 0.12 -16.86
CA ASP A 51 -0.46 -1.03 -16.92
C ASP A 51 -1.81 -0.78 -16.27
N SER A 52 -1.94 0.29 -15.48
CA SER A 52 -3.14 0.50 -14.70
C SER A 52 -3.05 1.87 -14.05
N PRO A 53 -4.19 2.41 -13.60
CA PRO A 53 -4.15 3.62 -12.77
C PRO A 53 -3.28 3.47 -11.53
N SER A 54 -3.34 2.32 -10.84
CA SER A 54 -2.52 2.14 -9.65
C SER A 54 -1.04 2.20 -9.99
N ARG A 55 -0.66 1.67 -11.15
CA ARG A 55 0.76 1.70 -11.52
C ARG A 55 1.20 3.13 -11.85
N MET A 56 0.33 3.91 -12.48
CA MET A 56 0.64 5.31 -12.75
C MET A 56 0.79 6.09 -11.45
N TYR A 57 -0.17 5.94 -10.53
CA TYR A 57 -0.11 6.65 -9.26
C TYR A 57 1.14 6.26 -8.46
N GLU A 58 1.49 4.97 -8.47
CA GLU A 58 2.69 4.52 -7.79
C GLU A 58 3.93 5.22 -8.35
N ALA A 59 3.98 5.38 -9.67
CA ALA A 59 5.12 6.03 -10.30
C ALA A 59 5.19 7.50 -9.92
N VAL A 60 4.06 8.21 -10.02
CA VAL A 60 4.08 9.65 -9.78
C VAL A 60 4.25 9.96 -8.29
N THR A 61 3.65 9.14 -7.41
CA THR A 61 3.81 9.41 -5.98
C THR A 61 5.10 8.83 -5.39
N ALA A 62 6.04 8.37 -6.23
CA ALA A 62 7.41 8.22 -5.77
C ALA A 62 7.98 9.57 -5.30
N PHE A 63 7.48 10.66 -5.86
CA PHE A 63 7.87 11.99 -5.38
C PHE A 63 6.67 12.76 -4.84
N HIS A 64 5.59 12.86 -5.61
CA HIS A 64 4.48 13.73 -5.24
C HIS A 64 3.55 13.03 -4.25
N SER A 65 2.88 13.82 -3.42
CA SER A 65 1.90 13.25 -2.50
C SER A 65 0.67 12.79 -3.27
N THR A 66 0.01 11.75 -2.74
CA THR A 66 -1.22 11.27 -3.39
C THR A 66 -2.26 12.37 -3.42
N GLU A 67 -2.40 13.13 -2.34
CA GLU A 67 -3.42 14.17 -2.28
C GLU A 67 -3.19 15.23 -3.36
N TYR A 68 -1.93 15.59 -3.61
CA TYR A 68 -1.65 16.56 -4.66
C TYR A 68 -1.98 15.98 -6.04
N VAL A 69 -1.60 14.73 -6.29
CA VAL A 69 -1.92 14.09 -7.57
C VAL A 69 -3.44 14.03 -7.75
N ASP A 70 -4.16 13.64 -6.69
CA ASP A 70 -5.63 13.67 -6.71
C ASP A 70 -6.15 15.06 -7.08
N ALA A 71 -5.62 16.09 -6.42
CA ALA A 71 -6.09 17.44 -6.68
C ALA A 71 -5.81 17.87 -8.10
N LEU A 72 -4.63 17.53 -8.62
CA LEU A 72 -4.29 17.87 -9.99
C LEU A 72 -5.22 17.20 -10.99
N LYS A 73 -5.52 15.91 -10.78
CA LYS A 73 -6.47 15.22 -11.65
C LYS A 73 -7.85 15.84 -11.55
N LYS A 74 -8.27 16.21 -10.33
CA LYS A 74 -9.57 16.84 -10.16
C LYS A 74 -9.62 18.20 -10.84
N LEU A 75 -8.50 18.94 -10.80
CA LEU A 75 -8.45 20.21 -11.51
C LEU A 75 -8.73 20.03 -13.00
N GLN A 76 -8.14 18.98 -13.60
CA GLN A 76 -8.41 18.71 -15.00
C GLN A 76 -9.89 18.42 -15.22
N MET A 77 -10.45 17.51 -14.41
CA MET A 77 -11.86 17.17 -14.56
C MET A 77 -12.73 18.42 -14.46
N LEU A 78 -12.49 19.25 -13.44
CA LEU A 78 -13.29 20.45 -13.25
C LEU A 78 -13.16 21.39 -14.44
N HIS A 79 -11.97 21.46 -15.04
CA HIS A 79 -11.81 22.34 -16.17
C HIS A 79 -12.37 21.76 -17.46
N CYS A 80 -12.79 20.50 -17.45
CA CYS A 80 -13.42 19.89 -18.60
C CYS A 80 -14.94 19.96 -18.57
N GLU A 81 -15.51 20.58 -17.54
CA GLU A 81 -16.93 20.90 -17.51
C GLU A 81 -17.09 22.41 -17.38
N GLU A 82 -18.21 22.92 -17.87
CA GLU A 82 -18.38 24.37 -18.05
C GLU A 82 -18.64 25.12 -16.75
N LYS A 83 -18.96 24.44 -15.66
CA LYS A 83 -19.33 25.13 -14.44
C LYS A 83 -18.10 25.67 -13.71
N GLU A 84 -18.28 26.82 -13.05
CA GLU A 84 -17.27 27.40 -12.19
C GLU A 84 -16.89 26.44 -11.08
N LEU A 85 -15.70 26.65 -10.51
CA LEU A 85 -15.33 25.90 -9.31
C LEU A 85 -16.16 26.37 -8.13
N THR A 86 -16.48 25.44 -7.24
CA THR A 86 -17.08 25.85 -5.98
C THR A 86 -16.04 26.53 -5.10
N ALA A 87 -16.54 27.21 -4.05
CA ALA A 87 -15.64 27.81 -3.07
C ALA A 87 -14.77 26.76 -2.41
N ASP A 88 -15.36 25.61 -2.04
CA ASP A 88 -14.55 24.54 -1.46
C ASP A 88 -13.48 24.07 -2.43
N ASP A 89 -13.82 23.92 -3.70
CA ASP A 89 -12.79 23.45 -4.63
C ASP A 89 -11.73 24.51 -4.90
N GLU A 90 -12.10 25.81 -4.88
CA GLU A 90 -11.06 26.84 -4.96
C GLU A 90 -10.08 26.74 -3.80
N LEU A 91 -10.59 26.53 -2.58
CA LEU A 91 -9.73 26.39 -1.41
C LEU A 91 -8.82 25.17 -1.57
N LEU A 92 -9.37 24.05 -2.03
CA LEU A 92 -8.55 22.87 -2.28
C LEU A 92 -7.40 23.18 -3.23
N MET A 93 -7.71 23.76 -4.39
CA MET A 93 -6.67 24.05 -5.36
C MET A 93 -5.65 25.03 -4.79
N ASP A 94 -6.12 26.05 -4.06
CA ASP A 94 -5.22 27.01 -3.43
C ASP A 94 -4.23 26.31 -2.49
N SER A 95 -4.68 25.27 -1.80
CA SER A 95 -3.80 24.59 -0.84
C SER A 95 -2.64 23.88 -1.52
N PHE A 96 -2.71 23.68 -2.83
CA PHE A 96 -1.62 23.08 -3.60
C PHE A 96 -0.99 24.07 -4.57
N SER A 97 -1.32 25.36 -4.45
CA SER A 97 -0.84 26.41 -5.34
C SER A 97 -1.26 26.13 -6.79
N LEU A 98 -2.39 25.46 -6.97
CA LEU A 98 -2.93 25.25 -8.31
C LEU A 98 -3.78 26.47 -8.67
N ASN A 99 -3.08 27.57 -8.90
CA ASN A 99 -3.70 28.87 -9.09
C ASN A 99 -2.67 29.85 -9.65
N TYR A 100 -3.13 31.07 -9.93
CA TYR A 100 -2.26 32.15 -10.41
C TYR A 100 -1.31 31.69 -11.51
N ASP A 101 -0.03 31.48 -11.18
CA ASP A 101 0.94 31.04 -12.18
C ASP A 101 0.71 29.62 -12.68
N CYS A 102 -0.05 28.82 -11.95
CA CYS A 102 -0.26 27.42 -12.28
C CYS A 102 -1.75 27.13 -12.42
N PRO A 103 -2.41 27.76 -13.38
CA PRO A 103 -3.87 27.64 -13.49
C PRO A 103 -4.26 26.26 -13.97
N GLY A 104 -5.55 25.95 -13.80
CA GLY A 104 -6.10 24.80 -14.47
C GLY A 104 -6.37 25.06 -15.94
N PHE A 105 -6.43 23.98 -16.69
CA PHE A 105 -6.91 24.02 -18.08
C PHE A 105 -7.33 22.61 -18.45
N PRO A 106 -8.08 22.44 -19.55
CA PRO A 106 -8.73 21.14 -19.77
C PRO A 106 -7.79 19.95 -19.83
N SER A 107 -6.52 20.13 -20.20
CA SER A 107 -5.58 19.01 -20.29
C SER A 107 -4.48 19.06 -19.23
N VAL A 108 -4.68 19.81 -18.13
CA VAL A 108 -3.56 20.13 -17.24
C VAL A 108 -2.91 18.85 -16.67
N PHE A 109 -3.71 17.85 -16.30
CA PHE A 109 -3.11 16.62 -15.78
C PHE A 109 -2.42 15.81 -16.90
N ASP A 110 -3.12 15.57 -18.01
CA ASP A 110 -2.50 14.82 -19.10
C ASP A 110 -1.24 15.52 -19.60
N TYR A 111 -1.28 16.86 -19.69
CA TYR A 111 -0.10 17.62 -20.11
C TYR A 111 1.07 17.41 -19.15
N SER A 112 0.79 17.55 -17.85
CA SER A 112 1.82 17.40 -16.82
C SER A 112 2.37 15.98 -16.80
N LEU A 113 1.48 14.99 -16.89
CA LEU A 113 1.87 13.59 -16.85
C LEU A 113 2.74 13.24 -18.06
N ALA A 114 2.41 13.79 -19.22
CA ALA A 114 3.16 13.46 -20.43
C ALA A 114 4.65 13.73 -20.25
N ALA A 115 5.00 14.87 -19.66
CA ALA A 115 6.42 15.16 -19.44
C ALA A 115 7.06 14.10 -18.55
N VAL A 116 6.32 13.63 -17.54
CA VAL A 116 6.82 12.55 -16.70
C VAL A 116 7.00 11.29 -17.51
N GLN A 117 5.99 10.93 -18.32
CA GLN A 117 6.10 9.76 -19.17
C GLN A 117 7.34 9.85 -20.05
N GLY A 118 7.58 11.02 -20.63
CA GLY A 118 8.72 11.16 -21.52
C GLY A 118 10.05 11.04 -20.79
N SER A 119 10.17 11.69 -19.63
CA SER A 119 11.46 11.67 -18.96
C SER A 119 11.73 10.35 -18.23
N LEU A 120 10.69 9.64 -17.79
CA LEU A 120 10.90 8.30 -17.25
C LEU A 120 11.37 7.35 -18.33
N ALA A 121 10.76 7.44 -19.51
CA ALA A 121 11.18 6.58 -20.61
C ALA A 121 12.61 6.91 -21.02
N ALA A 122 12.95 8.20 -21.01
CA ALA A 122 14.32 8.62 -21.29
C ALA A 122 15.30 8.00 -20.31
N ALA A 123 14.94 7.97 -19.03
CA ALA A 123 15.83 7.37 -18.03
C ALA A 123 15.97 5.87 -18.25
N SER A 124 14.87 5.17 -18.53
CA SER A 124 14.97 3.74 -18.78
C SER A 124 15.85 3.45 -19.99
N ALA A 125 15.74 4.26 -21.05
CA ALA A 125 16.58 4.06 -22.22
C ALA A 125 18.05 4.18 -21.86
N LEU A 126 18.39 5.06 -20.92
CA LEU A 126 19.78 5.14 -20.47
C LEU A 126 20.15 3.93 -19.61
N ILE A 127 19.26 3.52 -18.71
CA ILE A 127 19.59 2.45 -17.76
C ILE A 127 19.84 1.15 -18.49
N CYS A 128 19.00 0.83 -19.48
N CYS A 128 19.00 0.83 -19.48
CA CYS A 128 19.19 -0.38 -20.28
CA CYS A 128 19.17 -0.37 -20.28
C CYS A 128 20.25 -0.23 -21.35
C CYS A 128 20.24 -0.22 -21.36
N ARG A 129 20.90 0.94 -21.42
CA ARG A 129 21.95 1.22 -22.40
C ARG A 129 21.47 1.12 -23.85
N HIS A 130 20.17 1.30 -24.10
CA HIS A 130 19.77 1.46 -25.50
C HIS A 130 20.36 2.75 -26.08
N CYS A 131 20.55 3.76 -25.25
CA CYS A 131 21.05 5.06 -25.68
C CYS A 131 22.14 5.52 -24.73
N GLU A 132 23.14 6.23 -25.29
CA GLU A 132 24.14 6.88 -24.47
C GLU A 132 23.69 8.27 -24.00
N VAL A 133 22.82 8.91 -24.77
CA VAL A 133 22.23 10.20 -24.44
C VAL A 133 20.77 10.17 -24.91
N VAL A 134 19.87 10.67 -24.07
CA VAL A 134 18.47 10.85 -24.46
C VAL A 134 18.08 12.30 -24.22
N ILE A 135 17.38 12.86 -25.20
CA ILE A 135 16.90 14.22 -25.20
C ILE A 135 15.39 14.20 -25.02
N ASN A 136 14.87 15.00 -24.09
CA ASN A 136 13.42 15.23 -23.97
C ASN A 136 13.10 16.72 -23.94
N TRP A 137 12.76 17.29 -25.10
CA TRP A 137 12.41 18.70 -25.15
C TRP A 137 10.99 18.99 -24.64
N GLY A 138 10.25 17.94 -24.27
CA GLY A 138 8.97 18.08 -23.59
C GLY A 138 9.08 18.07 -22.08
N GLY A 139 10.28 17.81 -21.55
CA GLY A 139 10.49 17.71 -20.12
C GLY A 139 11.33 18.86 -19.58
N GLY A 140 11.66 18.77 -18.28
CA GLY A 140 12.51 19.77 -17.65
C GLY A 140 11.81 20.70 -16.67
N TRP A 141 10.76 20.21 -16.01
CA TRP A 141 9.88 21.08 -15.21
C TRP A 141 10.36 21.11 -13.76
N HIS A 142 11.38 21.94 -13.53
CA HIS A 142 12.18 21.82 -12.32
C HIS A 142 11.57 22.47 -11.07
N HIS A 143 10.47 23.22 -11.19
CA HIS A 143 9.95 23.94 -10.02
C HIS A 143 8.93 23.15 -9.21
N ALA A 144 8.32 22.13 -9.79
CA ALA A 144 7.25 21.43 -9.09
C ALA A 144 7.79 20.76 -7.82
N LYS A 145 7.03 20.87 -6.74
CA LYS A 145 7.38 20.32 -5.45
C LYS A 145 6.47 19.15 -5.11
N ARG A 146 6.83 18.45 -4.02
CA ARG A 146 6.08 17.26 -3.62
C ARG A 146 4.56 17.49 -3.63
N SER A 147 4.12 18.59 -3.02
CA SER A 147 2.68 18.87 -2.92
C SER A 147 2.36 20.29 -3.37
N GLU A 148 3.06 20.81 -4.37
CA GLU A 148 2.86 22.19 -4.77
C GLU A 148 3.27 22.39 -6.22
N ALA A 149 2.36 22.96 -7.02
CA ALA A 149 2.71 23.45 -8.34
C ALA A 149 3.45 24.78 -8.20
N SER A 150 4.38 25.04 -9.12
CA SER A 150 5.11 26.30 -9.07
C SER A 150 5.67 26.62 -10.44
N GLY A 151 5.60 27.89 -10.83
CA GLY A 151 6.26 28.33 -12.06
C GLY A 151 5.84 27.58 -13.31
N PHE A 152 4.54 27.31 -13.45
CA PHE A 152 3.95 26.45 -14.49
C PHE A 152 4.55 25.05 -14.54
N CYS A 153 5.20 24.60 -13.48
CA CYS A 153 5.58 23.20 -13.35
C CYS A 153 4.57 22.53 -12.41
N TYR A 154 3.90 21.49 -12.90
CA TYR A 154 2.88 20.81 -12.12
C TYR A 154 3.36 19.47 -11.57
N LEU A 155 4.15 18.74 -12.35
CA LEU A 155 4.75 17.49 -11.93
C LEU A 155 6.22 17.54 -12.27
N ASN A 156 7.06 17.13 -11.34
CA ASN A 156 8.50 17.27 -11.53
C ASN A 156 9.01 16.01 -12.22
N ASP A 157 8.99 16.06 -13.55
CA ASP A 157 9.51 14.94 -14.34
C ASP A 157 11.00 14.73 -14.08
N ILE A 158 11.73 15.80 -13.73
CA ILE A 158 13.16 15.66 -13.51
C ILE A 158 13.44 14.82 -12.27
N VAL A 159 12.78 15.16 -11.15
CA VAL A 159 12.93 14.39 -9.92
C VAL A 159 12.61 12.92 -10.16
N LEU A 160 11.50 12.66 -10.83
CA LEU A 160 11.09 11.28 -11.07
C LEU A 160 12.12 10.55 -11.94
N ALA A 161 12.64 11.23 -12.98
CA ALA A 161 13.67 10.62 -13.81
C ALA A 161 14.93 10.33 -13.00
N ILE A 162 15.36 11.28 -12.17
CA ILE A 162 16.58 11.10 -11.39
C ILE A 162 16.38 9.98 -10.39
N HIS A 163 15.19 9.92 -9.78
CA HIS A 163 14.90 8.84 -8.85
C HIS A 163 15.02 7.48 -9.53
N ARG A 164 14.50 7.36 -10.76
CA ARG A 164 14.63 6.11 -11.48
C ARG A 164 16.09 5.76 -11.72
N LEU A 165 16.90 6.76 -12.08
CA LEU A 165 18.33 6.52 -12.31
C LEU A 165 19.02 6.03 -11.04
N VAL A 166 18.87 6.76 -9.93
CA VAL A 166 19.58 6.37 -8.71
C VAL A 166 19.09 5.05 -8.15
N SER A 167 17.88 4.64 -8.50
CA SER A 167 17.32 3.39 -8.02
C SER A 167 17.60 2.23 -8.96
N SER A 168 18.64 2.34 -9.80
CA SER A 168 18.96 1.29 -10.75
C SER A 168 20.26 0.59 -10.37
N THR A 179 25.50 4.19 -7.23
CA THR A 179 24.99 5.05 -8.28
C THR A 179 24.91 6.50 -7.81
N ARG A 180 25.58 7.39 -8.55
CA ARG A 180 25.49 8.82 -8.26
C ARG A 180 25.05 9.56 -9.52
N VAL A 181 24.23 10.59 -9.33
CA VAL A 181 23.73 11.42 -10.42
C VAL A 181 24.21 12.85 -10.18
N LEU A 182 24.74 13.48 -11.22
CA LEU A 182 24.99 14.91 -11.25
C LEU A 182 23.89 15.59 -12.04
N TYR A 183 23.18 16.51 -11.40
CA TYR A 183 22.12 17.27 -12.05
C TYR A 183 22.64 18.68 -12.31
N VAL A 184 22.56 19.11 -13.56
CA VAL A 184 23.06 20.42 -13.97
C VAL A 184 21.89 21.19 -14.53
N ASP A 185 21.64 22.38 -13.98
CA ASP A 185 20.43 23.16 -14.30
C ASP A 185 20.85 24.47 -14.96
N LEU A 186 20.74 24.54 -16.28
CA LEU A 186 21.18 25.71 -17.03
C LEU A 186 20.09 26.76 -17.21
N ASP A 187 18.89 26.54 -16.66
CA ASP A 187 17.78 27.47 -16.81
C ASP A 187 18.13 28.85 -16.25
N LEU A 188 17.47 29.88 -16.77
CA LEU A 188 17.59 31.21 -16.15
C LEU A 188 17.21 31.19 -14.67
N HIS A 189 16.26 30.33 -14.29
CA HIS A 189 15.74 30.30 -12.94
C HIS A 189 16.40 29.22 -12.09
N HIS A 190 16.40 29.45 -10.78
CA HIS A 190 16.95 28.46 -9.87
C HIS A 190 16.13 27.15 -9.92
N GLY A 191 16.83 26.02 -10.02
CA GLY A 191 16.18 24.73 -10.02
C GLY A 191 15.79 24.26 -8.62
N ASP A 192 14.81 24.93 -8.02
CA ASP A 192 14.54 24.78 -6.60
C ASP A 192 13.85 23.44 -6.28
N GLY A 193 12.91 23.03 -7.13
CA GLY A 193 12.19 21.79 -6.86
C GLY A 193 13.11 20.57 -6.84
N VAL A 194 14.01 20.47 -7.83
CA VAL A 194 14.96 19.36 -7.87
C VAL A 194 15.91 19.44 -6.69
N GLU A 195 16.45 20.63 -6.42
CA GLU A 195 17.35 20.80 -5.28
C GLU A 195 16.71 20.34 -3.98
N GLU A 196 15.45 20.74 -3.76
CA GLU A 196 14.74 20.38 -2.54
C GLU A 196 14.52 18.87 -2.44
N ALA A 197 14.12 18.24 -3.53
CA ALA A 197 13.82 16.80 -3.51
C ALA A 197 15.01 16.00 -3.03
N PHE A 198 16.22 16.42 -3.36
CA PHE A 198 17.42 15.68 -3.04
C PHE A 198 18.28 16.39 -2.00
N TRP A 199 17.65 17.29 -1.23
CA TRP A 199 18.35 18.09 -0.22
C TRP A 199 19.09 17.22 0.79
N TYR A 200 18.52 16.06 1.15
CA TYR A 200 19.15 15.16 2.11
C TYR A 200 19.89 14.01 1.45
N SER A 201 20.12 14.06 0.14
CA SER A 201 20.64 12.92 -0.62
C SER A 201 22.02 13.19 -1.19
N PRO A 202 23.09 12.60 -0.65
CA PRO A 202 24.44 12.84 -1.23
C PRO A 202 24.66 12.20 -2.57
N ARG A 203 23.82 11.23 -2.99
CA ARG A 203 24.06 10.56 -4.26
C ARG A 203 23.50 11.33 -5.45
N VAL A 204 22.65 12.31 -5.22
CA VAL A 204 22.21 13.21 -6.28
C VAL A 204 22.79 14.57 -5.96
N VAL A 205 23.85 14.94 -6.64
CA VAL A 205 24.41 16.28 -6.49
C VAL A 205 23.72 17.19 -7.49
N THR A 206 23.15 18.29 -7.00
CA THR A 206 22.47 19.24 -7.87
C THR A 206 23.32 20.49 -8.04
N PHE A 207 23.32 21.05 -9.24
CA PHE A 207 24.07 22.28 -9.50
C PHE A 207 23.21 23.14 -10.42
N SER A 208 22.78 24.27 -9.92
CA SER A 208 22.01 25.24 -10.68
C SER A 208 22.82 26.51 -10.84
N VAL A 209 22.92 26.99 -12.08
CA VAL A 209 23.37 28.35 -12.38
C VAL A 209 22.15 29.10 -12.90
N HIS A 210 21.98 30.34 -12.45
CA HIS A 210 20.72 31.05 -12.63
C HIS A 210 20.91 32.52 -12.30
N HIS A 211 19.96 33.34 -12.73
CA HIS A 211 19.89 34.69 -12.21
C HIS A 211 19.22 34.66 -10.86
N ALA A 212 19.71 35.47 -9.94
CA ALA A 212 18.99 35.72 -8.70
C ALA A 212 19.13 37.19 -8.34
N SER A 213 18.05 37.76 -7.82
CA SER A 213 18.02 39.15 -7.38
C SER A 213 16.76 39.36 -6.55
N PRO A 214 16.69 40.46 -5.79
CA PRO A 214 15.53 40.65 -4.89
C PRO A 214 14.23 40.66 -5.66
N GLY A 215 13.33 39.76 -5.26
CA GLY A 215 12.02 39.62 -5.87
C GLY A 215 11.97 38.78 -7.13
N PHE A 216 13.10 38.32 -7.64
CA PHE A 216 13.10 37.52 -8.87
C PHE A 216 12.74 36.07 -8.56
N PHE A 217 11.82 35.51 -9.34
CA PHE A 217 11.36 34.11 -9.17
C PHE A 217 12.51 33.11 -9.25
N PRO A 218 12.52 32.06 -8.39
CA PRO A 218 11.60 31.84 -7.26
C PRO A 218 12.14 32.38 -5.94
N GLY A 219 13.35 32.96 -5.97
CA GLY A 219 13.95 33.59 -4.82
C GLY A 219 15.11 32.84 -4.20
N THR A 220 15.23 31.54 -4.47
CA THR A 220 16.22 30.69 -3.81
C THR A 220 17.48 30.58 -4.68
N GLY A 221 18.42 29.76 -4.23
CA GLY A 221 19.68 29.58 -4.93
C GLY A 221 20.66 30.71 -4.75
N THR A 222 20.60 31.42 -3.62
CA THR A 222 21.48 32.55 -3.37
C THR A 222 21.66 32.68 -1.86
N TRP A 223 22.37 33.74 -1.44
CA TRP A 223 22.55 33.99 -0.02
C TRP A 223 21.21 34.00 0.70
N ASN A 224 21.18 33.39 1.87
CA ASN A 224 19.92 33.06 2.53
C ASN A 224 19.78 33.75 3.89
N PRO A 232 23.98 36.63 6.16
CA PRO A 232 23.46 35.52 5.35
C PRO A 232 24.55 34.54 4.90
N ILE A 233 24.15 33.32 4.58
CA ILE A 233 25.07 32.29 4.10
C ILE A 233 24.37 31.48 3.02
N PHE A 234 25.15 30.68 2.30
CA PHE A 234 24.61 29.73 1.34
C PHE A 234 24.27 28.42 2.02
N LEU A 235 22.99 28.05 1.99
CA LEU A 235 22.61 26.69 2.32
C LEU A 235 22.99 25.74 1.19
N ASN A 236 23.31 24.51 1.54
CA ASN A 236 23.84 23.59 0.53
C ASN A 236 23.47 22.13 0.78
N GLY A 237 22.36 21.86 1.46
CA GLY A 237 21.95 20.51 1.81
C GLY A 237 21.92 20.29 3.31
N ALA A 238 21.41 19.12 3.69
CA ALA A 238 21.24 18.80 5.11
C ALA A 238 21.34 17.31 5.32
N GLY A 239 21.52 16.93 6.59
CA GLY A 239 21.72 15.53 6.92
C GLY A 239 22.93 14.99 6.20
N ARG A 240 22.81 13.76 5.73
CA ARG A 240 23.89 13.20 4.93
C ARG A 240 24.02 13.89 3.57
N GLY A 241 23.07 14.74 3.21
CA GLY A 241 23.14 15.52 2.00
C GLY A 241 23.86 16.84 2.11
N ARG A 242 24.44 17.14 3.27
CA ARG A 242 25.13 18.42 3.42
C ARG A 242 26.21 18.57 2.35
N PHE A 243 26.36 19.80 1.85
CA PHE A 243 27.30 20.19 0.81
C PHE A 243 26.96 19.62 -0.57
N SER A 244 25.81 18.99 -0.75
CA SER A 244 25.50 18.33 -2.03
C SER A 244 24.58 19.16 -2.95
N ALA A 245 24.19 20.36 -2.55
CA ALA A 245 23.41 21.25 -3.40
C ALA A 245 24.25 22.47 -3.73
N PHE A 246 24.64 22.60 -5.00
CA PHE A 246 25.48 23.69 -5.45
C PHE A 246 24.67 24.73 -6.21
N ASN A 247 25.06 25.99 -6.06
CA ASN A 247 24.38 27.11 -6.69
C ASN A 247 25.36 28.18 -7.11
N LEU A 248 25.09 28.78 -8.28
CA LEU A 248 25.86 29.90 -8.81
C LEU A 248 24.89 30.96 -9.29
N PRO A 249 24.55 31.94 -8.43
CA PRO A 249 23.70 33.04 -8.88
C PRO A 249 24.55 34.08 -9.59
N LEU A 250 24.00 34.64 -10.67
CA LEU A 250 24.71 35.60 -11.51
C LEU A 250 23.87 36.84 -11.73
N GLU A 251 24.56 37.98 -11.85
CA GLU A 251 23.90 39.25 -12.14
C GLU A 251 23.41 39.28 -13.57
N GLU A 252 22.43 40.13 -13.82
CA GLU A 252 21.87 40.23 -15.16
C GLU A 252 22.92 40.76 -16.14
N GLY A 253 22.71 40.47 -17.42
CA GLY A 253 23.55 40.97 -18.48
C GLY A 253 24.69 40.07 -18.92
N ILE A 254 24.88 38.89 -18.31
CA ILE A 254 26.05 38.09 -18.63
C ILE A 254 25.96 37.55 -20.05
N ASN A 255 27.11 37.50 -20.73
CA ASN A 255 27.19 37.07 -22.12
C ASN A 255 27.72 35.64 -22.19
N ASP A 256 27.86 35.10 -23.41
CA ASP A 256 28.29 33.72 -23.60
C ASP A 256 29.62 33.43 -22.90
N LEU A 257 30.63 34.26 -23.17
CA LEU A 257 31.98 33.98 -22.67
C LEU A 257 32.04 34.01 -21.14
N ASP A 258 31.42 35.03 -20.52
CA ASP A 258 31.51 35.15 -19.07
C ASP A 258 30.71 34.04 -18.38
N TRP A 259 29.56 33.68 -18.94
CA TRP A 259 28.79 32.56 -18.40
C TRP A 259 29.54 31.24 -18.57
N SER A 260 30.16 31.04 -19.74
CA SER A 260 30.98 29.85 -19.97
C SER A 260 32.14 29.77 -18.98
N ASN A 261 32.89 30.87 -18.83
CA ASN A 261 34.01 30.86 -17.90
C ASN A 261 33.56 30.69 -16.45
N ALA A 262 32.34 31.13 -16.16
CA ALA A 262 31.83 31.01 -14.79
C ALA A 262 31.49 29.57 -14.43
N ILE A 263 30.93 28.80 -15.36
CA ILE A 263 30.47 27.47 -15.00
C ILE A 263 31.40 26.34 -15.43
N GLY A 264 32.26 26.57 -16.42
CA GLY A 264 33.14 25.54 -16.95
C GLY A 264 33.99 24.85 -15.89
N PRO A 265 34.75 25.61 -15.11
CA PRO A 265 35.55 24.97 -14.05
C PRO A 265 34.71 24.26 -13.00
N ILE A 266 33.52 24.80 -12.69
CA ILE A 266 32.64 24.13 -11.75
C ILE A 266 32.22 22.77 -12.30
N LEU A 267 31.72 22.75 -13.54
CA LEU A 267 31.32 21.50 -14.18
C LEU A 267 32.45 20.48 -14.17
N ASP A 268 33.64 20.88 -14.62
CA ASP A 268 34.73 19.93 -14.69
C ASP A 268 35.12 19.41 -13.31
N SER A 269 35.11 20.28 -12.30
CA SER A 269 35.48 19.83 -10.95
C SER A 269 34.42 18.90 -10.38
N LEU A 270 33.14 19.19 -10.64
CA LEU A 270 32.08 18.32 -10.15
C LEU A 270 32.16 16.93 -10.76
N ASN A 271 32.47 16.84 -12.06
CA ASN A 271 32.63 15.54 -12.68
C ASN A 271 33.83 14.79 -12.13
N ILE A 272 34.94 15.49 -11.94
CA ILE A 272 36.14 14.84 -11.42
C ILE A 272 35.90 14.29 -10.02
N VAL A 273 35.30 15.08 -9.14
CA VAL A 273 35.16 14.67 -7.75
C VAL A 273 34.01 13.67 -7.59
N ILE A 274 32.86 13.96 -8.20
CA ILE A 274 31.69 13.10 -7.98
C ILE A 274 31.78 11.80 -8.77
N GLN A 275 32.37 11.83 -9.96
CA GLN A 275 32.39 10.69 -10.87
C GLN A 275 30.98 10.13 -11.08
N PRO A 276 30.05 10.93 -11.60
CA PRO A 276 28.66 10.49 -11.64
C PRO A 276 28.48 9.32 -12.60
N SER A 277 27.48 8.48 -12.29
CA SER A 277 27.09 7.43 -13.22
C SER A 277 26.17 7.94 -14.31
N TYR A 278 25.42 9.01 -14.00
CA TYR A 278 24.55 9.69 -14.97
C TYR A 278 24.64 11.18 -14.76
N VAL A 279 24.45 11.93 -15.85
CA VAL A 279 24.29 13.38 -15.80
C VAL A 279 22.91 13.69 -16.34
N VAL A 280 22.17 14.52 -15.61
CA VAL A 280 20.89 15.02 -16.07
C VAL A 280 21.04 16.54 -16.22
N VAL A 281 20.78 17.04 -17.43
CA VAL A 281 20.94 18.47 -17.72
C VAL A 281 19.58 19.07 -18.03
N GLN A 282 19.23 20.13 -17.33
CA GLN A 282 18.08 20.94 -17.69
C GLN A 282 18.60 22.13 -18.51
N CYS A 283 18.06 22.30 -19.72
CA CYS A 283 18.59 23.23 -20.71
CA CYS A 283 18.58 23.23 -20.71
C CYS A 283 17.55 24.30 -21.05
N GLY A 284 16.87 24.81 -20.04
CA GLY A 284 15.92 25.90 -20.22
C GLY A 284 16.53 27.02 -21.04
N ALA A 285 15.81 27.46 -22.07
CA ALA A 285 16.34 28.40 -23.04
C ALA A 285 16.11 29.86 -22.67
N ASP A 286 15.67 30.14 -21.44
CA ASP A 286 15.30 31.52 -21.13
C ASP A 286 16.48 32.39 -20.78
N CYS A 287 17.71 31.89 -20.90
CA CYS A 287 18.90 32.72 -20.81
C CYS A 287 19.26 33.39 -22.14
N LEU A 288 18.63 33.01 -23.25
CA LEU A 288 18.93 33.64 -24.52
C LEU A 288 18.71 35.14 -24.45
N ALA A 289 19.58 35.90 -25.11
CA ALA A 289 19.44 37.36 -25.14
C ALA A 289 18.07 37.78 -25.65
N THR A 290 17.44 36.96 -26.48
CA THR A 290 16.18 37.28 -27.12
C THR A 290 14.97 36.73 -26.37
N ASP A 291 15.18 36.08 -25.24
CA ASP A 291 14.04 35.64 -24.43
C ASP A 291 13.34 36.88 -23.86
N PRO A 292 11.99 36.87 -23.78
CA PRO A 292 11.27 38.02 -23.21
C PRO A 292 11.70 38.42 -21.80
N HIS A 293 12.34 37.51 -21.05
CA HIS A 293 12.84 37.91 -19.74
C HIS A 293 13.86 39.02 -19.88
N ARG A 294 14.67 38.95 -20.93
CA ARG A 294 15.76 39.88 -21.20
C ARG A 294 16.64 40.06 -19.97
N ILE A 295 17.15 38.94 -19.45
CA ILE A 295 18.01 38.95 -18.28
C ILE A 295 19.46 38.64 -18.64
N PHE A 296 19.71 37.47 -19.22
CA PHE A 296 21.04 37.13 -19.69
C PHE A 296 21.14 37.39 -21.19
N ARG A 297 22.36 37.28 -21.71
CA ARG A 297 22.66 37.59 -23.11
C ARG A 297 23.30 36.41 -23.82
N LEU A 298 22.86 35.20 -23.49
CA LEU A 298 23.38 34.02 -24.14
C LEU A 298 22.79 33.90 -25.55
N THR A 299 23.48 33.14 -26.38
CA THR A 299 23.06 32.99 -27.77
C THR A 299 22.99 31.52 -28.12
N ASN A 300 22.66 31.23 -29.38
CA ASN A 300 22.82 29.89 -29.92
C ASN A 300 23.94 29.83 -30.95
N PHE A 301 24.92 30.75 -30.86
CA PHE A 301 25.93 30.86 -31.90
C PHE A 301 26.89 29.68 -31.86
N TYR A 302 27.33 29.25 -33.03
CA TYR A 302 28.23 28.10 -33.12
C TYR A 302 29.24 28.38 -34.24
N PRO A 303 30.42 28.89 -33.90
CA PRO A 303 31.42 29.20 -34.93
C PRO A 303 31.82 27.98 -35.75
N ASN A 304 31.95 28.18 -37.06
CA ASN A 304 32.28 27.10 -37.98
C ASN A 304 33.73 26.66 -37.82
N LEU A 317 30.74 31.82 -29.07
CA LEU A 317 30.22 30.47 -28.89
C LEU A 317 29.16 30.41 -27.79
N SER A 318 27.98 29.90 -28.16
CA SER A 318 26.86 29.75 -27.24
C SER A 318 27.31 29.16 -25.91
N GLY A 319 26.94 29.86 -24.83
CA GLY A 319 27.16 29.29 -23.50
C GLY A 319 26.55 27.92 -23.37
N TYR A 320 25.32 27.76 -23.87
CA TYR A 320 24.65 26.46 -23.82
C TYR A 320 25.46 25.39 -24.54
N LEU A 321 25.90 25.68 -25.77
CA LEU A 321 26.64 24.69 -26.54
C LEU A 321 27.99 24.38 -25.92
N TYR A 322 28.68 25.41 -25.42
CA TYR A 322 29.87 25.18 -24.60
C TYR A 322 29.61 24.20 -23.44
N ALA A 323 28.54 24.42 -22.68
CA ALA A 323 28.28 23.58 -21.51
C ALA A 323 27.93 22.15 -21.93
N ILE A 324 27.08 22.01 -22.95
CA ILE A 324 26.67 20.67 -23.37
C ILE A 324 27.88 19.91 -23.95
N LYS A 325 28.68 20.57 -24.77
CA LYS A 325 29.85 19.89 -25.31
C LYS A 325 30.78 19.44 -24.18
N LYS A 326 30.96 20.29 -23.16
CA LYS A 326 31.78 19.90 -22.03
C LYS A 326 31.20 18.69 -21.30
N ILE A 327 29.89 18.72 -21.03
CA ILE A 327 29.28 17.61 -20.30
C ILE A 327 29.40 16.30 -21.09
N LEU A 328 29.18 16.37 -22.41
CA LEU A 328 29.22 15.15 -23.21
C LEU A 328 30.64 14.62 -23.36
N SER A 329 31.66 15.48 -23.23
CA SER A 329 33.03 15.01 -23.34
C SER A 329 33.40 14.07 -22.20
N TRP A 330 32.63 14.08 -21.11
CA TRP A 330 32.87 13.17 -19.99
C TRP A 330 32.54 11.73 -20.33
N LYS A 331 31.71 11.50 -21.35
CA LYS A 331 31.31 10.16 -21.77
C LYS A 331 30.56 9.44 -20.65
N VAL A 332 29.71 10.18 -19.96
CA VAL A 332 28.84 9.62 -18.94
C VAL A 332 27.43 9.62 -19.53
N PRO A 333 26.63 8.55 -19.39
CA PRO A 333 25.25 8.58 -19.89
C PRO A 333 24.52 9.81 -19.39
N THR A 334 23.84 10.51 -20.31
CA THR A 334 23.33 11.85 -20.09
C THR A 334 21.90 11.98 -20.57
N LEU A 335 21.09 12.62 -19.74
CA LEU A 335 19.72 12.98 -20.06
C LEU A 335 19.67 14.49 -20.24
N ILE A 336 19.26 14.95 -21.42
CA ILE A 336 19.16 16.38 -21.72
C ILE A 336 17.68 16.75 -21.80
N LEU A 337 17.24 17.68 -20.96
CA LEU A 337 15.85 18.08 -20.88
C LEU A 337 15.71 19.55 -21.29
N GLY A 338 14.48 19.93 -21.61
CA GLY A 338 14.17 21.32 -21.86
C GLY A 338 13.89 22.10 -20.58
N GLY A 339 12.87 22.94 -20.62
CA GLY A 339 12.48 23.76 -19.50
C GLY A 339 11.91 25.07 -19.98
N GLY A 340 12.34 26.16 -19.35
CA GLY A 340 11.94 27.49 -19.79
C GLY A 340 12.41 27.78 -21.20
N GLY A 341 11.85 28.84 -21.75
CA GLY A 341 12.16 29.32 -23.09
C GLY A 341 10.91 29.91 -23.71
N TYR A 342 10.79 31.24 -23.73
CA TYR A 342 9.51 31.87 -24.02
C TYR A 342 9.53 32.63 -25.34
N ASN A 343 10.66 32.64 -26.03
CA ASN A 343 10.75 32.99 -27.44
C ASN A 343 10.79 31.64 -28.15
N PHE A 344 9.62 31.19 -28.63
CA PHE A 344 9.53 29.82 -29.14
C PHE A 344 10.43 29.57 -30.37
N PRO A 345 10.48 30.46 -31.37
CA PRO A 345 11.41 30.20 -32.48
C PRO A 345 12.86 30.19 -32.05
N ASP A 346 13.26 31.11 -31.16
CA ASP A 346 14.65 31.12 -30.74
C ASP A 346 14.95 29.93 -29.83
N THR A 347 13.95 29.43 -29.09
CA THR A 347 14.17 28.22 -28.31
C THR A 347 14.35 27.02 -29.23
N ALA A 348 13.55 26.94 -30.29
CA ALA A 348 13.73 25.92 -31.31
C ALA A 348 15.11 26.03 -31.96
N ARG A 349 15.54 27.26 -32.28
CA ARG A 349 16.86 27.48 -32.85
C ARG A 349 17.96 26.95 -31.93
N LEU A 350 17.85 27.21 -30.62
CA LEU A 350 18.87 26.73 -29.70
C LEU A 350 18.85 25.21 -29.57
N TRP A 351 17.67 24.64 -29.32
CA TRP A 351 17.61 23.21 -29.04
C TRP A 351 17.91 22.37 -30.28
N THR A 352 17.60 22.89 -31.47
CA THR A 352 18.04 22.25 -32.71
C THR A 352 19.57 22.15 -32.76
N ARG A 353 20.27 23.24 -32.42
CA ARG A 353 21.72 23.18 -32.39
C ARG A 353 22.23 22.25 -31.27
N VAL A 354 21.59 22.28 -30.09
CA VAL A 354 21.98 21.34 -29.03
C VAL A 354 21.83 19.90 -29.52
N THR A 355 20.74 19.60 -30.23
CA THR A 355 20.51 18.24 -30.72
C THR A 355 21.57 17.84 -31.73
N ALA A 356 21.88 18.73 -32.67
CA ALA A 356 22.96 18.48 -33.64
C ALA A 356 24.30 18.26 -32.96
N LEU A 357 24.60 19.07 -31.94
CA LEU A 357 25.87 18.93 -31.23
C LEU A 357 25.93 17.59 -30.50
N THR A 358 24.82 17.15 -29.92
CA THR A 358 24.80 15.86 -29.24
C THR A 358 25.08 14.73 -30.21
N ILE A 359 24.47 14.77 -31.40
CA ILE A 359 24.74 13.77 -32.42
C ILE A 359 26.22 13.75 -32.76
N GLU A 360 26.82 14.93 -32.94
CA GLU A 360 28.21 15.05 -33.37
C GLU A 360 29.17 14.48 -32.31
N GLU A 361 28.94 14.84 -31.04
CA GLU A 361 29.85 14.41 -29.98
C GLU A 361 29.69 12.93 -29.66
N VAL A 362 28.46 12.41 -29.72
CA VAL A 362 28.23 11.04 -29.31
C VAL A 362 28.58 10.07 -30.43
N LYS A 363 28.11 10.36 -31.64
CA LYS A 363 28.31 9.47 -32.78
C LYS A 363 29.60 9.76 -33.54
N GLY A 364 30.25 10.89 -33.29
CA GLY A 364 31.44 11.21 -34.05
C GLY A 364 31.16 11.54 -35.50
N LYS A 365 29.93 11.93 -35.82
CA LYS A 365 29.48 12.14 -37.18
C LYS A 365 29.22 13.63 -37.39
N LYS A 366 29.87 14.22 -38.38
CA LYS A 366 29.71 15.64 -38.66
C LYS A 366 28.25 15.96 -38.98
N MET A 367 27.73 17.02 -38.34
CA MET A 367 26.40 17.56 -38.65
C MET A 367 26.58 18.92 -39.29
N THR A 368 26.02 19.09 -40.50
CA THR A 368 26.13 20.33 -41.26
C THR A 368 24.74 20.97 -41.33
N ILE A 369 24.54 22.01 -40.55
CA ILE A 369 23.26 22.69 -40.45
C ILE A 369 23.33 23.95 -41.30
N SER A 370 22.42 24.06 -42.27
CA SER A 370 22.38 25.26 -43.10
C SER A 370 22.14 26.51 -42.24
N PRO A 371 22.84 27.61 -42.52
CA PRO A 371 22.59 28.86 -41.76
C PRO A 371 21.21 29.42 -42.00
N GLU A 372 20.49 28.89 -42.98
CA GLU A 372 19.17 29.37 -43.34
C GLU A 372 18.14 28.36 -42.87
N ILE A 373 17.06 28.84 -42.25
CA ILE A 373 16.00 27.96 -41.78
C ILE A 373 15.40 27.23 -42.98
N PRO A 374 15.32 25.90 -42.97
CA PRO A 374 14.70 25.18 -44.09
C PRO A 374 13.20 25.42 -44.14
N GLU A 375 12.65 25.28 -45.35
CA GLU A 375 11.22 25.37 -45.51
C GLU A 375 10.53 24.20 -44.81
N HIS A 376 9.47 24.53 -44.07
CA HIS A 376 8.69 23.54 -43.34
C HIS A 376 7.46 24.26 -42.81
N SER A 377 6.63 23.52 -42.07
CA SER A 377 5.32 24.03 -41.68
C SER A 377 5.40 25.37 -40.94
N TYR A 378 6.42 25.53 -40.07
CA TYR A 378 6.57 26.72 -39.23
C TYR A 378 7.61 27.69 -39.75
N PHE A 379 8.09 27.52 -40.99
CA PHE A 379 9.04 28.43 -41.62
C PHE A 379 8.72 29.91 -41.34
N SER A 380 7.45 30.28 -41.45
CA SER A 380 7.08 31.69 -41.36
C SER A 380 7.27 32.24 -39.95
N ARG A 381 7.32 31.38 -38.93
CA ARG A 381 7.57 31.83 -37.56
C ARG A 381 9.01 32.29 -37.34
N TYR A 382 9.91 32.03 -38.29
CA TYR A 382 11.32 32.37 -38.15
C TYR A 382 11.67 33.63 -38.93
N GLY A 383 10.66 34.38 -39.36
CA GLY A 383 10.87 35.58 -40.16
C GLY A 383 11.11 36.80 -39.30
N PRO A 384 11.44 37.93 -39.96
CA PRO A 384 11.56 38.02 -41.41
C PRO A 384 12.94 37.66 -41.97
N ASP A 385 13.89 37.28 -41.11
CA ASP A 385 15.24 36.98 -41.58
C ASP A 385 15.51 35.50 -41.83
N PHE A 386 14.85 34.59 -41.10
CA PHE A 386 14.91 33.16 -41.40
C PHE A 386 16.33 32.60 -41.30
N GLU A 387 17.12 33.11 -40.35
CA GLU A 387 18.43 32.56 -40.06
C GLU A 387 18.36 31.64 -38.85
N LEU A 388 19.30 30.69 -38.80
CA LEU A 388 19.39 29.79 -37.64
C LEU A 388 19.96 30.52 -36.43
N ASP A 389 20.96 31.39 -36.63
CA ASP A 389 21.42 32.26 -35.55
C ASP A 389 20.27 33.11 -35.04
N ILE A 390 20.20 33.29 -33.71
CA ILE A 390 19.24 34.24 -33.16
C ILE A 390 19.63 35.65 -33.60
N ASP A 391 18.64 36.55 -33.59
CA ASP A 391 18.85 37.94 -34.02
C ASP A 391 19.37 38.73 -32.83
N TYR A 392 20.69 38.75 -32.67
CA TYR A 392 21.28 39.46 -31.54
C TYR A 392 22.72 39.81 -31.88
N PHE A 393 23.13 41.02 -31.51
CA PHE A 393 24.52 41.43 -31.67
C PHE A 393 25.19 41.51 -30.30
N PRO A 394 26.17 40.65 -30.01
CA PRO A 394 26.84 40.63 -28.71
C PRO A 394 27.83 41.77 -28.55
N ASP A 403 35.09 39.34 -10.11
CA ASP A 403 35.31 39.53 -8.68
C ASP A 403 34.31 38.73 -7.85
N SER A 404 33.01 39.00 -8.06
CA SER A 404 32.01 38.17 -7.41
C SER A 404 32.05 36.74 -7.93
N ILE A 405 32.41 36.54 -9.20
CA ILE A 405 32.49 35.19 -9.74
C ILE A 405 33.68 34.44 -9.14
N GLN A 406 34.81 35.12 -8.95
CA GLN A 406 35.94 34.49 -8.28
C GLN A 406 35.61 34.14 -6.84
N LYS A 407 34.91 35.03 -6.13
CA LYS A 407 34.41 34.69 -4.80
C LYS A 407 33.57 33.42 -4.84
N HIS A 408 32.63 33.34 -5.79
CA HIS A 408 31.77 32.17 -5.88
C HIS A 408 32.55 30.91 -6.15
N HIS A 409 33.57 30.99 -7.01
CA HIS A 409 34.39 29.82 -7.30
C HIS A 409 35.14 29.33 -6.06
N ARG A 410 35.72 30.25 -5.30
CA ARG A 410 36.35 29.86 -4.03
C ARG A 410 35.35 29.20 -3.09
N ARG A 411 34.14 29.74 -3.02
CA ARG A 411 33.13 29.18 -2.13
C ARG A 411 32.71 27.79 -2.59
N ILE A 412 32.56 27.60 -3.90
CA ILE A 412 32.09 26.32 -4.43
C ILE A 412 33.17 25.25 -4.31
N LEU A 413 34.44 25.65 -4.53
CA LEU A 413 35.55 24.72 -4.35
C LEU A 413 35.62 24.24 -2.90
N GLU A 414 35.47 25.15 -1.93
CA GLU A 414 35.43 24.72 -0.53
C GLU A 414 34.28 23.75 -0.28
N GLN A 415 33.08 24.09 -0.77
CA GLN A 415 31.93 23.21 -0.59
C GLN A 415 32.18 21.85 -1.22
N LEU A 416 32.80 21.83 -2.40
CA LEU A 416 33.13 20.55 -3.03
C LEU A 416 34.16 19.78 -2.22
N ARG A 417 35.14 20.49 -1.65
CA ARG A 417 36.06 19.84 -0.73
C ARG A 417 35.31 19.26 0.46
N ASN A 418 34.42 20.06 1.06
CA ASN A 418 33.60 19.59 2.17
C ASN A 418 32.76 18.38 1.77
N TYR A 419 32.18 18.42 0.57
CA TYR A 419 31.36 17.29 0.11
C TYR A 419 32.20 16.03 -0.04
N ALA A 420 33.40 16.16 -0.61
CA ALA A 420 34.27 15.00 -0.78
C ALA A 420 34.70 14.45 0.57
N ASP A 421 35.06 15.32 1.50
CA ASP A 421 35.46 14.86 2.83
C ASP A 421 34.31 14.12 3.51
N LEU A 422 33.12 14.69 3.45
CA LEU A 422 31.98 14.09 4.15
C LEU A 422 31.66 12.72 3.57
N ASN A 423 31.81 12.54 2.27
CA ASN A 423 31.45 11.31 1.60
C ASN A 423 32.64 10.39 1.33
N LYS A 424 33.82 10.72 1.86
CA LYS A 424 35.02 9.89 1.69
C LYS A 424 35.31 9.63 0.21
N LEU A 425 35.28 10.71 -0.58
CA LEU A 425 35.66 10.65 -1.98
C LEU A 425 37.11 11.10 -2.15
N ILE A 426 37.76 10.59 -3.19
CA ILE A 426 39.19 10.79 -3.38
C ILE A 426 39.53 11.80 -4.47
N SER B 3 -22.08 -23.78 -39.99
CA SER B 3 -20.79 -24.39 -39.71
C SER B 3 -19.95 -23.45 -38.85
N VAL B 4 -19.40 -23.91 -37.73
CA VAL B 4 -18.52 -23.06 -36.93
C VAL B 4 -17.09 -23.51 -37.22
N GLY B 5 -16.29 -22.61 -37.80
CA GLY B 5 -14.90 -22.90 -38.07
C GLY B 5 -13.97 -22.44 -36.95
N ILE B 6 -12.81 -23.06 -36.88
CA ILE B 6 -11.78 -22.61 -35.95
C ILE B 6 -10.43 -22.84 -36.60
N VAL B 7 -9.56 -21.83 -36.49
CA VAL B 7 -8.25 -21.87 -37.14
C VAL B 7 -7.29 -22.65 -36.27
N TYR B 8 -6.74 -23.74 -36.80
N TYR B 8 -6.72 -23.73 -36.83
CA TYR B 8 -5.61 -24.39 -36.14
CA TYR B 8 -5.73 -24.55 -36.15
C TYR B 8 -4.86 -25.24 -37.15
C TYR B 8 -4.85 -25.22 -37.19
N GLY B 9 -3.67 -25.64 -36.74
CA GLY B 9 -2.79 -26.47 -37.55
C GLY B 9 -1.56 -26.74 -36.72
N ASP B 10 -0.84 -27.80 -37.07
CA ASP B 10 0.33 -28.16 -36.27
C ASP B 10 1.39 -27.06 -36.31
N GLN B 11 1.77 -26.61 -37.50
CA GLN B 11 2.78 -25.56 -37.57
C GLN B 11 2.23 -24.24 -37.06
N TYR B 12 0.95 -23.97 -37.30
CA TYR B 12 0.31 -22.79 -36.75
C TYR B 12 0.43 -22.76 -35.23
N ARG B 13 0.14 -23.89 -34.58
CA ARG B 13 0.26 -23.95 -33.12
C ARG B 13 1.69 -23.67 -32.66
N GLN B 14 2.67 -24.27 -33.33
CA GLN B 14 4.07 -24.03 -32.97
C GLN B 14 4.40 -22.54 -33.08
N LEU B 15 4.01 -21.91 -34.20
CA LEU B 15 4.34 -20.49 -34.38
C LEU B 15 3.63 -19.62 -33.36
N CYS B 16 2.33 -19.86 -33.13
CA CYS B 16 1.61 -19.06 -32.14
C CYS B 16 2.17 -19.24 -30.74
N CYS B 17 2.90 -20.33 -30.47
CA CYS B 17 3.50 -20.55 -29.17
C CYS B 17 4.97 -20.19 -29.12
N SER B 18 5.50 -19.48 -30.11
CA SER B 18 6.92 -19.23 -30.20
C SER B 18 7.33 -17.85 -29.68
N SER B 19 6.36 -17.03 -29.07
CA SER B 19 6.80 -15.68 -28.69
C SER B 19 7.11 -15.61 -27.20
N PRO B 20 8.01 -14.69 -26.82
CA PRO B 20 8.32 -14.52 -25.40
C PRO B 20 7.13 -14.06 -24.57
N LYS B 21 6.31 -13.15 -25.10
CA LYS B 21 5.22 -12.62 -24.29
C LYS B 21 4.09 -13.62 -24.14
N PHE B 22 3.71 -14.31 -25.22
CA PHE B 22 2.51 -15.13 -25.13
C PHE B 22 2.80 -16.61 -24.92
N GLY B 23 4.08 -17.01 -24.93
CA GLY B 23 4.45 -18.36 -24.53
C GLY B 23 3.54 -19.40 -25.16
N ASP B 24 3.01 -20.30 -24.33
CA ASP B 24 2.17 -21.40 -24.81
C ASP B 24 0.67 -21.14 -24.63
N ARG B 25 0.26 -19.88 -24.49
CA ARG B 25 -1.16 -19.59 -24.25
C ARG B 25 -2.05 -20.25 -25.30
N TYR B 26 -1.70 -20.12 -26.58
CA TYR B 26 -2.54 -20.68 -27.64
C TYR B 26 -2.71 -22.18 -27.47
N ALA B 27 -1.64 -22.87 -27.05
CA ALA B 27 -1.72 -24.31 -26.82
C ALA B 27 -2.68 -24.62 -25.68
N LEU B 28 -2.60 -23.86 -24.58
CA LEU B 28 -3.56 -24.06 -23.50
C LEU B 28 -4.98 -23.83 -23.98
N VAL B 29 -5.20 -22.78 -24.77
CA VAL B 29 -6.54 -22.47 -25.29
C VAL B 29 -7.04 -23.64 -26.13
N MET B 30 -6.30 -24.00 -27.19
CA MET B 30 -6.77 -25.06 -28.08
C MET B 30 -6.87 -26.41 -27.39
N ASP B 31 -5.96 -26.72 -26.44
CA ASP B 31 -6.03 -28.01 -25.77
C ASP B 31 -7.17 -28.08 -24.78
N LEU B 32 -7.57 -26.96 -24.18
CA LEU B 32 -8.74 -27.00 -23.31
C LEU B 32 -10.01 -27.17 -24.12
N ILE B 33 -10.09 -26.50 -25.28
CA ILE B 33 -11.21 -26.73 -26.19
C ILE B 33 -11.25 -28.21 -26.59
N ASN B 34 -10.08 -28.77 -26.91
CA ASN B 34 -10.03 -30.17 -27.28
C ASN B 34 -10.42 -31.07 -26.12
N ALA B 35 -9.97 -30.73 -24.91
CA ALA B 35 -10.23 -31.60 -23.76
C ALA B 35 -11.71 -31.63 -23.41
N TYR B 36 -12.42 -30.54 -23.68
CA TYR B 36 -13.86 -30.54 -23.49
C TYR B 36 -14.63 -31.11 -24.67
N LYS B 37 -13.93 -31.74 -25.61
CA LYS B 37 -14.53 -32.48 -26.72
C LYS B 37 -15.31 -31.56 -27.67
N LEU B 38 -14.88 -30.30 -27.79
CA LEU B 38 -15.49 -29.36 -28.72
C LEU B 38 -14.93 -29.46 -30.13
N ILE B 39 -13.72 -30.00 -30.30
CA ILE B 39 -13.09 -30.02 -31.62
C ILE B 39 -13.92 -30.76 -32.65
N PRO B 40 -14.52 -31.94 -32.35
CA PRO B 40 -15.39 -32.58 -33.35
C PRO B 40 -16.59 -31.76 -33.81
N GLU B 41 -17.00 -30.73 -33.07
CA GLU B 41 -18.10 -29.88 -33.49
C GLU B 41 -17.67 -28.81 -34.48
N LEU B 42 -16.37 -28.62 -34.68
CA LEU B 42 -15.81 -27.45 -35.33
C LEU B 42 -15.15 -27.85 -36.64
N SER B 43 -15.29 -26.97 -37.63
CA SER B 43 -14.63 -27.10 -38.91
CA SER B 43 -14.62 -27.12 -38.90
C SER B 43 -13.23 -26.51 -38.82
N ARG B 44 -12.19 -27.32 -39.03
CA ARG B 44 -10.84 -26.76 -39.03
C ARG B 44 -10.65 -25.89 -40.25
N VAL B 45 -10.27 -24.64 -40.02
CA VAL B 45 -9.93 -23.69 -41.08
C VAL B 45 -8.40 -23.61 -41.14
N PRO B 46 -7.77 -24.09 -42.21
CA PRO B 46 -6.31 -24.04 -42.27
C PRO B 46 -5.83 -22.62 -42.52
N PRO B 47 -4.74 -22.21 -41.86
CA PRO B 47 -4.15 -20.90 -42.15
C PRO B 47 -3.81 -20.75 -43.63
N LEU B 48 -4.01 -19.54 -44.15
CA LEU B 48 -3.70 -19.26 -45.55
C LEU B 48 -2.20 -19.40 -45.82
N GLN B 49 -1.84 -20.06 -46.92
CA GLN B 49 -0.46 -20.02 -47.36
C GLN B 49 -0.43 -19.45 -48.78
N TRP B 50 0.72 -18.90 -49.17
CA TRP B 50 0.82 -18.21 -50.45
C TRP B 50 1.68 -19.00 -51.43
N ASP B 51 1.57 -18.61 -52.70
CA ASP B 51 2.25 -19.27 -53.82
C ASP B 51 3.64 -18.72 -54.07
N SER B 52 4.03 -17.65 -53.37
CA SER B 52 5.33 -17.01 -53.62
C SER B 52 5.59 -15.94 -52.56
N PRO B 53 6.86 -15.63 -52.31
CA PRO B 53 7.15 -14.46 -51.47
C PRO B 53 6.45 -13.20 -51.96
N SER B 54 6.32 -13.01 -53.28
CA SER B 54 5.67 -11.80 -53.77
C SER B 54 4.19 -11.76 -53.41
N ARG B 55 3.51 -12.91 -53.48
CA ARG B 55 2.10 -12.91 -53.13
C ARG B 55 1.91 -12.69 -51.63
N MET B 56 2.80 -13.25 -50.81
CA MET B 56 2.77 -12.96 -49.39
C MET B 56 2.96 -11.47 -49.14
N TYR B 57 4.00 -10.88 -49.73
CA TYR B 57 4.23 -9.45 -49.57
C TYR B 57 3.04 -8.63 -50.03
N GLU B 58 2.44 -9.02 -51.17
CA GLU B 58 1.29 -8.29 -51.67
C GLU B 58 0.14 -8.35 -50.66
N ALA B 59 -0.03 -9.50 -50.00
CA ALA B 59 -1.11 -9.64 -49.04
C ALA B 59 -0.86 -8.75 -47.82
N VAL B 60 0.35 -8.81 -47.26
CA VAL B 60 0.63 -8.07 -46.03
C VAL B 60 0.69 -6.57 -46.29
N THR B 61 1.24 -6.15 -47.45
CA THR B 61 1.33 -4.73 -47.75
C THR B 61 0.03 -4.14 -48.27
N ALA B 62 -1.06 -4.92 -48.35
CA ALA B 62 -2.36 -4.29 -48.52
C ALA B 62 -2.64 -3.29 -47.41
N PHE B 63 -2.04 -3.49 -46.23
CA PHE B 63 -2.11 -2.53 -45.15
C PHE B 63 -0.75 -2.00 -44.74
N HIS B 64 0.21 -2.86 -44.44
CA HIS B 64 1.49 -2.39 -43.94
C HIS B 64 2.36 -1.86 -45.08
N SER B 65 3.28 -0.97 -44.73
CA SER B 65 4.20 -0.44 -45.72
C SER B 65 5.24 -1.49 -46.07
N THR B 66 5.73 -1.43 -47.32
CA THR B 66 6.80 -2.32 -47.75
C THR B 66 8.02 -2.18 -46.85
N GLU B 67 8.40 -0.94 -46.50
CA GLU B 67 9.59 -0.75 -45.69
C GLU B 67 9.43 -1.37 -44.31
N TYR B 68 8.22 -1.31 -43.74
CA TYR B 68 8.02 -1.89 -42.41
C TYR B 68 8.10 -3.41 -42.47
N VAL B 69 7.42 -4.03 -43.46
CA VAL B 69 7.53 -5.47 -43.60
C VAL B 69 8.98 -5.87 -43.83
N ASP B 70 9.69 -5.11 -44.66
CA ASP B 70 11.12 -5.38 -44.88
C ASP B 70 11.87 -5.42 -43.56
N ALA B 71 11.67 -4.40 -42.72
CA ALA B 71 12.40 -4.30 -41.46
C ALA B 71 12.03 -5.43 -40.52
N LEU B 72 10.75 -5.81 -40.49
CA LEU B 72 10.32 -6.89 -39.60
C LEU B 72 10.97 -8.22 -40.00
N LYS B 73 11.06 -8.50 -41.30
CA LYS B 73 11.76 -9.70 -41.73
C LYS B 73 13.24 -9.64 -41.39
N LYS B 74 13.87 -8.50 -41.63
CA LYS B 74 15.28 -8.31 -41.24
C LYS B 74 15.47 -8.54 -39.74
N LEU B 75 14.52 -8.04 -38.93
CA LEU B 75 14.62 -8.23 -37.49
C LEU B 75 14.69 -9.72 -37.13
N GLN B 76 13.83 -10.52 -37.76
CA GLN B 76 13.87 -11.97 -37.55
C GLN B 76 15.20 -12.55 -37.96
N MET B 77 15.67 -12.20 -39.16
CA MET B 77 16.96 -12.67 -39.63
C MET B 77 18.05 -12.37 -38.62
N LEU B 78 18.11 -11.12 -38.16
CA LEU B 78 19.15 -10.72 -37.20
C LEU B 78 19.06 -11.54 -35.92
N HIS B 79 17.85 -11.71 -35.39
CA HIS B 79 17.76 -12.49 -34.16
C HIS B 79 18.02 -13.97 -34.36
N CYS B 80 18.02 -14.44 -35.61
CA CYS B 80 18.45 -15.81 -35.89
C CYS B 80 19.96 -15.93 -36.05
N GLU B 81 20.71 -14.85 -35.82
CA GLU B 81 22.17 -14.89 -35.93
C GLU B 81 22.84 -14.04 -34.86
N GLU B 84 25.11 -9.39 -33.08
CA GLU B 84 24.67 -8.10 -32.55
C GLU B 84 24.30 -7.15 -33.69
N LEU B 85 23.35 -6.26 -33.42
CA LEU B 85 22.91 -5.28 -34.41
C LEU B 85 23.95 -4.16 -34.55
N THR B 86 24.09 -3.68 -35.78
CA THR B 86 24.85 -2.45 -36.02
C THR B 86 24.04 -1.24 -35.57
N ALA B 87 24.75 -0.13 -35.37
CA ALA B 87 24.10 1.11 -34.96
C ALA B 87 23.05 1.53 -35.99
N ASP B 88 23.32 1.30 -37.27
CA ASP B 88 22.33 1.62 -38.29
C ASP B 88 21.13 0.70 -38.21
N ASP B 89 21.34 -0.56 -37.87
CA ASP B 89 20.19 -1.45 -37.77
C ASP B 89 19.35 -1.15 -36.53
N GLU B 90 19.98 -0.74 -35.43
CA GLU B 90 19.21 -0.33 -34.26
C GLU B 90 18.31 0.87 -34.60
N LEU B 91 18.86 1.85 -35.33
CA LEU B 91 18.10 3.02 -35.74
C LEU B 91 16.97 2.63 -36.68
N LEU B 92 17.22 1.71 -37.61
CA LEU B 92 16.16 1.24 -38.50
C LEU B 92 15.02 0.62 -37.69
N MET B 93 15.34 -0.34 -36.80
CA MET B 93 14.29 -0.94 -35.97
C MET B 93 13.57 0.11 -35.12
N ASP B 94 14.32 1.04 -34.52
CA ASP B 94 13.69 2.05 -33.67
C ASP B 94 12.71 2.93 -34.47
N SER B 95 13.01 3.19 -35.75
CA SER B 95 12.13 3.99 -36.59
C SER B 95 10.79 3.30 -36.85
N PHE B 96 10.71 2.00 -36.62
CA PHE B 96 9.44 1.27 -36.75
C PHE B 96 8.93 0.77 -35.40
N SER B 97 9.49 1.28 -34.30
CA SER B 97 9.13 0.88 -32.94
C SER B 97 9.31 -0.62 -32.71
N LEU B 98 10.26 -1.24 -33.40
CA LEU B 98 10.61 -2.64 -33.17
C LEU B 98 11.64 -2.70 -32.04
N ASN B 99 11.14 -2.40 -30.84
CA ASN B 99 11.94 -2.32 -29.63
C ASN B 99 11.00 -2.31 -28.42
N TYR B 100 11.60 -2.21 -27.23
CA TYR B 100 10.88 -2.12 -25.97
C TYR B 100 9.74 -3.14 -25.88
N ASP B 101 8.48 -2.67 -25.99
CA ASP B 101 7.32 -3.55 -25.91
C ASP B 101 7.24 -4.53 -27.07
N CYS B 102 7.89 -4.23 -28.19
CA CYS B 102 7.81 -5.02 -29.40
C CYS B 102 9.20 -5.45 -29.84
N PRO B 103 9.88 -6.27 -29.03
CA PRO B 103 11.26 -6.64 -29.33
C PRO B 103 11.33 -7.67 -30.44
N GLY B 104 12.53 -7.85 -30.97
CA GLY B 104 12.78 -8.98 -31.83
C GLY B 104 12.97 -10.26 -31.04
N PHE B 105 12.73 -11.37 -31.73
CA PHE B 105 13.06 -12.71 -31.25
C PHE B 105 13.17 -13.60 -32.48
N PRO B 106 13.75 -14.81 -32.34
CA PRO B 106 14.08 -15.58 -33.55
C PRO B 106 12.92 -15.82 -34.50
N SER B 107 11.67 -15.81 -34.03
CA SER B 107 10.52 -16.12 -34.89
C SER B 107 9.60 -14.93 -35.08
N VAL B 108 10.05 -13.71 -34.82
CA VAL B 108 9.13 -12.58 -34.72
C VAL B 108 8.33 -12.39 -36.01
N PHE B 109 8.95 -12.61 -37.17
CA PHE B 109 8.22 -12.44 -38.43
C PHE B 109 7.26 -13.59 -38.70
N ASP B 110 7.75 -14.84 -38.60
CA ASP B 110 6.87 -15.99 -38.80
C ASP B 110 5.71 -15.96 -37.81
N TYR B 111 6.00 -15.62 -36.55
CA TYR B 111 4.96 -15.57 -35.52
C TYR B 111 3.89 -14.54 -35.88
N SER B 112 4.33 -13.34 -36.27
CA SER B 112 3.42 -12.27 -36.65
C SER B 112 2.64 -12.62 -37.90
N LEU B 113 3.31 -13.21 -38.88
CA LEU B 113 2.66 -13.57 -40.13
C LEU B 113 1.60 -14.63 -39.92
N ALA B 114 1.86 -15.59 -39.02
CA ALA B 114 0.92 -16.68 -38.80
C ALA B 114 -0.46 -16.16 -38.43
N ALA B 115 -0.52 -15.15 -37.55
CA ALA B 115 -1.83 -14.59 -37.19
C ALA B 115 -2.52 -14.02 -38.42
N VAL B 116 -1.77 -13.33 -39.28
CA VAL B 116 -2.33 -12.88 -40.56
C VAL B 116 -2.85 -14.06 -41.37
N GLN B 117 -2.05 -15.14 -41.48
CA GLN B 117 -2.48 -16.30 -42.25
C GLN B 117 -3.78 -16.89 -41.69
N GLY B 118 -3.90 -16.93 -40.37
CA GLY B 118 -5.10 -17.51 -39.77
C GLY B 118 -6.34 -16.66 -39.97
N SER B 119 -6.21 -15.34 -39.76
CA SER B 119 -7.37 -14.46 -39.89
C SER B 119 -7.78 -14.23 -41.33
N LEU B 120 -6.82 -14.18 -42.27
CA LEU B 120 -7.19 -14.13 -43.68
C LEU B 120 -7.94 -15.38 -44.10
N ALA B 121 -7.46 -16.56 -43.66
CA ALA B 121 -8.16 -17.80 -43.95
C ALA B 121 -9.56 -17.80 -43.35
N ALA B 122 -9.67 -17.31 -42.11
CA ALA B 122 -10.98 -17.22 -41.46
C ALA B 122 -11.93 -16.35 -42.28
N ALA B 123 -11.45 -15.18 -42.72
CA ALA B 123 -12.27 -14.30 -43.57
C ALA B 123 -12.72 -15.03 -44.83
N SER B 124 -11.81 -15.74 -45.50
CA SER B 124 -12.17 -16.43 -46.73
C SER B 124 -13.22 -17.51 -46.48
N ALA B 125 -13.09 -18.23 -45.36
CA ALA B 125 -14.08 -19.24 -45.02
C ALA B 125 -15.46 -18.61 -44.83
N LEU B 126 -15.52 -17.37 -44.34
CA LEU B 126 -16.81 -16.68 -44.21
C LEU B 126 -17.35 -16.22 -45.57
N ILE B 127 -16.48 -15.70 -46.42
CA ILE B 127 -16.90 -15.12 -47.69
C ILE B 127 -17.52 -16.19 -48.58
N CYS B 128 -16.84 -17.33 -48.73
CA CYS B 128 -17.35 -18.45 -49.53
C CYS B 128 -18.44 -19.23 -48.84
N ARG B 129 -18.90 -18.74 -47.68
CA ARG B 129 -20.01 -19.32 -46.92
C ARG B 129 -19.73 -20.75 -46.48
N HIS B 130 -18.46 -21.12 -46.34
CA HIS B 130 -18.16 -22.43 -45.77
C HIS B 130 -18.53 -22.48 -44.29
N CYS B 131 -18.33 -21.37 -43.58
CA CYS B 131 -18.64 -21.25 -42.16
C CYS B 131 -19.53 -20.02 -41.94
N GLU B 132 -20.43 -20.13 -40.96
CA GLU B 132 -21.21 -18.98 -40.53
C GLU B 132 -20.45 -18.15 -39.51
N VAL B 133 -19.62 -18.79 -38.68
CA VAL B 133 -18.72 -18.14 -37.76
C VAL B 133 -17.36 -18.81 -37.87
N VAL B 134 -16.29 -18.03 -37.74
CA VAL B 134 -14.95 -18.60 -37.65
C VAL B 134 -14.24 -17.98 -36.46
N ILE B 135 -13.62 -18.82 -35.65
CA ILE B 135 -12.87 -18.42 -34.47
C ILE B 135 -11.38 -18.53 -34.79
N ASN B 136 -10.60 -17.50 -34.44
CA ASN B 136 -9.14 -17.56 -34.53
C ASN B 136 -8.55 -17.09 -33.20
N TRP B 137 -8.26 -18.03 -32.32
CA TRP B 137 -7.67 -17.67 -31.04
C TRP B 137 -6.19 -17.34 -31.14
N GLY B 138 -5.61 -17.37 -32.34
CA GLY B 138 -4.25 -16.92 -32.54
C GLY B 138 -4.15 -15.54 -33.16
N GLY B 139 -5.29 -14.91 -33.46
CA GLY B 139 -5.30 -13.57 -34.01
C GLY B 139 -5.89 -12.55 -33.05
N GLY B 140 -6.08 -11.33 -33.58
CA GLY B 140 -6.66 -10.23 -32.82
C GLY B 140 -5.66 -9.16 -32.40
N TRP B 141 -4.63 -8.93 -33.21
CA TRP B 141 -3.52 -8.05 -32.81
C TRP B 141 -3.82 -6.61 -33.23
N HIS B 142 -4.68 -5.96 -32.44
CA HIS B 142 -5.35 -4.74 -32.88
C HIS B 142 -4.46 -3.49 -32.85
N HIS B 143 -3.29 -3.52 -32.22
CA HIS B 143 -2.49 -2.31 -32.06
C HIS B 143 -1.55 -2.02 -33.23
N ALA B 144 -1.23 -3.00 -34.05
CA ALA B 144 -0.22 -2.78 -35.09
C ALA B 144 -0.68 -1.73 -36.11
N LYS B 145 0.25 -0.85 -36.50
CA LYS B 145 -0.04 0.24 -37.41
C LYS B 145 0.65 -0.02 -38.76
N ARG B 146 0.25 0.76 -39.78
CA ARG B 146 0.80 0.59 -41.13
C ARG B 146 2.32 0.41 -41.12
N SER B 147 3.03 1.26 -40.38
CA SER B 147 4.48 1.18 -40.34
C SER B 147 5.02 1.21 -38.92
N GLU B 148 4.36 0.49 -38.00
CA GLU B 148 4.79 0.58 -36.61
C GLU B 148 4.20 -0.58 -35.82
N ALA B 149 5.07 -1.30 -35.09
CA ALA B 149 4.64 -2.26 -34.08
C ALA B 149 4.20 -1.53 -32.82
N SER B 150 3.28 -2.12 -32.08
CA SER B 150 2.78 -1.50 -30.86
C SER B 150 2.13 -2.55 -29.99
N GLY B 151 2.42 -2.49 -28.68
CA GLY B 151 1.79 -3.39 -27.73
C GLY B 151 1.90 -4.86 -28.06
N PHE B 152 3.09 -5.31 -28.47
CA PHE B 152 3.38 -6.67 -28.92
C PHE B 152 2.50 -7.10 -30.10
N CYS B 153 1.95 -6.14 -30.84
CA CYS B 153 1.31 -6.40 -32.13
C CYS B 153 2.25 -5.95 -33.24
N TYR B 154 2.69 -6.89 -34.07
CA TYR B 154 3.62 -6.59 -35.15
C TYR B 154 2.93 -6.47 -36.50
N LEU B 155 1.97 -7.32 -36.79
CA LEU B 155 1.17 -7.24 -38.00
C LEU B 155 -0.28 -7.23 -37.58
N ASN B 156 -1.09 -6.42 -38.26
CA ASN B 156 -2.49 -6.29 -37.86
C ASN B 156 -3.32 -7.27 -38.69
N ASP B 157 -3.44 -8.50 -38.17
CA ASP B 157 -4.27 -9.49 -38.83
C ASP B 157 -5.73 -9.04 -38.94
N ILE B 158 -6.18 -8.22 -37.99
CA ILE B 158 -7.57 -7.79 -37.99
C ILE B 158 -7.85 -6.88 -39.19
N VAL B 159 -7.02 -5.84 -39.36
CA VAL B 159 -7.18 -4.94 -40.49
C VAL B 159 -7.17 -5.74 -41.79
N LEU B 160 -6.24 -6.70 -41.91
CA LEU B 160 -6.11 -7.42 -43.16
C LEU B 160 -7.30 -8.33 -43.40
N ALA B 161 -7.83 -8.93 -42.33
CA ALA B 161 -9.04 -9.74 -42.45
C ALA B 161 -10.23 -8.88 -42.85
N ILE B 162 -10.40 -7.72 -42.19
CA ILE B 162 -11.52 -6.84 -42.52
C ILE B 162 -11.44 -6.40 -43.96
N HIS B 163 -10.24 -6.04 -44.42
CA HIS B 163 -10.06 -5.61 -45.80
C HIS B 163 -10.49 -6.69 -46.78
N ARG B 164 -10.12 -7.95 -46.54
CA ARG B 164 -10.62 -9.04 -47.37
C ARG B 164 -12.14 -9.10 -47.34
N LEU B 165 -12.74 -9.00 -46.15
CA LEU B 165 -14.19 -9.07 -46.03
C LEU B 165 -14.87 -7.91 -46.75
N VAL B 166 -14.42 -6.69 -46.50
CA VAL B 166 -15.17 -5.56 -47.00
C VAL B 166 -15.03 -5.45 -48.52
N SER B 167 -13.96 -5.99 -49.09
CA SER B 167 -13.75 -5.94 -50.52
C SER B 167 -14.27 -7.17 -51.25
N SER B 168 -15.02 -8.03 -50.56
CA SER B 168 -15.72 -9.12 -51.21
C SER B 168 -17.11 -8.67 -51.65
N THR B 169 -17.57 -9.22 -52.76
CA THR B 169 -18.88 -8.85 -53.28
C THR B 169 -19.83 -10.04 -53.29
N GLN B 178 -21.48 -1.46 -50.79
CA GLN B 178 -22.67 -2.09 -50.22
C GLN B 178 -22.29 -3.02 -49.06
N THR B 179 -21.18 -3.74 -49.18
CA THR B 179 -20.67 -4.54 -48.08
C THR B 179 -20.16 -3.62 -46.99
N ARG B 180 -20.68 -3.77 -45.76
CA ARG B 180 -20.20 -3.05 -44.60
C ARG B 180 -19.79 -4.04 -43.54
N VAL B 181 -18.73 -3.70 -42.79
CA VAL B 181 -18.24 -4.54 -41.68
C VAL B 181 -18.41 -3.77 -40.38
N LEU B 182 -18.91 -4.46 -39.36
CA LEU B 182 -18.93 -3.96 -37.99
C LEU B 182 -17.81 -4.63 -37.21
N TYR B 183 -16.86 -3.81 -36.73
CA TYR B 183 -15.77 -4.27 -35.88
C TYR B 183 -16.10 -3.94 -34.43
N VAL B 184 -16.06 -4.96 -33.58
CA VAL B 184 -16.38 -4.82 -32.15
C VAL B 184 -15.16 -5.29 -31.38
N ASP B 185 -14.58 -4.39 -30.60
CA ASP B 185 -13.33 -4.62 -29.89
C ASP B 185 -13.62 -4.65 -28.39
N LEU B 186 -13.62 -5.85 -27.81
CA LEU B 186 -13.95 -6.08 -26.42
C LEU B 186 -12.73 -6.14 -25.49
N ASP B 187 -11.52 -6.03 -26.04
CA ASP B 187 -10.29 -6.04 -25.26
C ASP B 187 -10.29 -4.93 -24.21
N LEU B 188 -9.55 -5.14 -23.11
CA LEU B 188 -9.34 -4.10 -22.11
C LEU B 188 -8.83 -2.79 -22.73
N HIS B 189 -8.04 -2.88 -23.79
CA HIS B 189 -7.37 -1.72 -24.38
C HIS B 189 -8.10 -1.25 -25.62
N HIS B 190 -7.97 0.05 -25.91
CA HIS B 190 -8.53 0.65 -27.11
C HIS B 190 -7.95 0.00 -28.37
N GLY B 191 -8.83 -0.38 -29.30
CA GLY B 191 -8.37 -0.95 -30.55
C GLY B 191 -7.89 0.11 -31.54
N ASP B 192 -6.76 0.74 -31.24
CA ASP B 192 -6.35 1.93 -31.97
C ASP B 192 -5.88 1.62 -33.40
N GLY B 193 -5.13 0.53 -33.59
CA GLY B 193 -4.64 0.22 -34.93
C GLY B 193 -5.76 -0.07 -35.93
N VAL B 194 -6.81 -0.77 -35.49
CA VAL B 194 -7.94 -1.03 -36.37
C VAL B 194 -8.72 0.26 -36.63
N GLU B 195 -9.02 1.00 -35.57
CA GLU B 195 -9.73 2.27 -35.73
C GLU B 195 -8.97 3.20 -36.69
N GLU B 196 -7.66 3.30 -36.53
CA GLU B 196 -6.87 4.20 -37.37
C GLU B 196 -6.87 3.76 -38.83
N ALA B 197 -6.78 2.44 -39.08
CA ALA B 197 -6.73 1.93 -40.44
C ALA B 197 -7.99 2.32 -41.22
N PHE B 198 -9.15 2.35 -40.57
CA PHE B 198 -10.40 2.64 -41.25
C PHE B 198 -10.97 4.00 -40.85
N TRP B 199 -10.12 4.91 -40.37
CA TRP B 199 -10.56 6.22 -39.88
C TRP B 199 -11.33 6.98 -40.95
N TYR B 200 -10.96 6.83 -42.22
CA TYR B 200 -11.62 7.53 -43.31
C TYR B 200 -12.59 6.65 -44.09
N SER B 201 -12.99 5.51 -43.54
CA SER B 201 -13.78 4.52 -44.29
C SER B 201 -15.16 4.35 -43.66
N PRO B 202 -16.23 4.79 -44.32
CA PRO B 202 -17.57 4.56 -43.78
C PRO B 202 -18.00 3.10 -43.86
N ARG B 203 -17.33 2.27 -44.65
CA ARG B 203 -17.81 0.90 -44.82
C ARG B 203 -17.32 -0.05 -43.74
N VAL B 204 -16.36 0.36 -42.91
CA VAL B 204 -15.92 -0.41 -41.75
C VAL B 204 -16.20 0.45 -40.54
N VAL B 205 -17.24 0.12 -39.79
CA VAL B 205 -17.54 0.85 -38.57
C VAL B 205 -16.83 0.14 -37.42
N THR B 206 -16.05 0.89 -36.66
CA THR B 206 -15.33 0.33 -35.52
C THR B 206 -15.98 0.79 -34.23
N PHE B 207 -16.06 -0.13 -33.27
CA PHE B 207 -16.58 0.17 -31.94
C PHE B 207 -15.69 -0.52 -30.94
N SER B 208 -15.00 0.26 -30.11
CA SER B 208 -14.14 -0.28 -29.06
C SER B 208 -14.68 0.13 -27.71
N VAL B 209 -14.79 -0.82 -26.79
CA VAL B 209 -15.07 -0.56 -25.39
C VAL B 209 -13.82 -0.99 -24.64
N HIS B 210 -13.39 -0.20 -23.66
CA HIS B 210 -12.05 -0.36 -23.12
C HIS B 210 -11.91 0.49 -21.88
N HIS B 211 -10.87 0.22 -21.11
CA HIS B 211 -10.46 1.18 -20.09
C HIS B 211 -9.68 2.31 -20.73
N ALA B 212 -9.94 3.54 -20.28
CA ALA B 212 -9.03 4.65 -20.56
C ALA B 212 -8.82 5.48 -19.31
N SER B 213 -7.57 5.90 -19.09
CA SER B 213 -7.25 6.81 -17.98
C SER B 213 -5.88 7.40 -18.27
N PRO B 214 -5.52 8.51 -17.62
CA PRO B 214 -4.27 9.18 -17.97
C PRO B 214 -3.07 8.27 -17.82
N GLY B 215 -2.29 8.15 -18.89
CA GLY B 215 -1.12 7.33 -18.88
C GLY B 215 -1.35 5.86 -19.23
N PHE B 216 -2.60 5.43 -19.40
CA PHE B 216 -2.90 4.01 -19.62
C PHE B 216 -2.81 3.71 -21.12
N PHE B 217 -2.08 2.65 -21.46
CA PHE B 217 -1.87 2.24 -22.84
C PHE B 217 -3.18 1.96 -23.59
N PRO B 218 -3.31 2.41 -24.84
CA PRO B 218 -2.36 3.23 -25.61
C PRO B 218 -2.64 4.73 -25.57
N GLY B 219 -3.66 5.16 -24.83
CA GLY B 219 -3.93 6.57 -24.64
C GLY B 219 -5.13 7.09 -25.40
N THR B 220 -5.58 6.39 -26.44
CA THR B 220 -6.61 6.88 -27.33
C THR B 220 -7.96 6.26 -26.97
N GLY B 221 -8.98 6.56 -27.78
CA GLY B 221 -10.32 6.07 -27.54
C GLY B 221 -11.05 6.81 -26.44
N THR B 222 -10.76 8.09 -26.26
CA THR B 222 -11.36 8.84 -25.17
C THR B 222 -11.39 10.31 -25.56
N TRP B 223 -11.78 11.16 -24.61
CA TRP B 223 -11.93 12.58 -24.88
C TRP B 223 -10.62 13.20 -25.35
N ASN B 224 -10.75 14.17 -26.25
CA ASN B 224 -9.63 14.92 -26.79
C ASN B 224 -9.66 16.37 -26.32
N MET B 225 -8.49 17.00 -26.30
CA MET B 225 -8.38 18.43 -26.04
C MET B 225 -7.16 19.01 -26.76
N PRO B 232 -14.02 19.28 -23.98
CA PRO B 232 -13.41 18.21 -24.76
C PRO B 232 -14.40 17.58 -25.73
N ILE B 233 -13.90 17.00 -26.81
CA ILE B 233 -14.75 16.33 -27.77
C ILE B 233 -14.18 14.95 -28.10
N PHE B 234 -15.05 14.10 -28.63
CA PHE B 234 -14.67 12.79 -29.14
C PHE B 234 -14.42 12.86 -30.63
N LEU B 235 -13.20 12.58 -31.05
CA LEU B 235 -12.96 12.35 -32.48
C LEU B 235 -13.59 11.03 -32.86
N ASN B 236 -14.19 10.96 -34.06
CA ASN B 236 -14.98 9.79 -34.40
C ASN B 236 -14.85 9.43 -35.88
N GLY B 237 -13.72 9.75 -36.49
CA GLY B 237 -13.47 9.56 -37.90
C GLY B 237 -13.37 10.90 -38.62
N ALA B 238 -12.84 10.86 -39.85
CA ALA B 238 -12.72 12.07 -40.67
C ALA B 238 -13.01 11.74 -42.13
N GLY B 239 -13.18 12.81 -42.92
CA GLY B 239 -13.50 12.65 -44.33
C GLY B 239 -14.81 11.91 -44.52
N ARG B 240 -14.84 11.00 -45.49
CA ARG B 240 -15.99 10.13 -45.67
C ARG B 240 -16.22 9.21 -44.48
N GLY B 241 -15.23 9.04 -43.62
CA GLY B 241 -15.36 8.22 -42.45
C GLY B 241 -15.88 8.94 -41.21
N ARG B 242 -16.29 10.20 -41.33
CA ARG B 242 -16.78 10.90 -40.15
C ARG B 242 -17.94 10.13 -39.51
N PHE B 243 -17.93 10.08 -38.18
CA PHE B 243 -18.91 9.40 -37.34
C PHE B 243 -18.82 7.88 -37.38
N SER B 244 -17.81 7.30 -38.04
CA SER B 244 -17.76 5.84 -38.21
C SER B 244 -16.81 5.13 -37.24
N ALA B 245 -16.18 5.84 -36.31
CA ALA B 245 -15.32 5.25 -35.29
C ALA B 245 -15.93 5.52 -33.92
N PHE B 246 -16.42 4.47 -33.27
CA PHE B 246 -17.11 4.57 -32.00
C PHE B 246 -16.23 4.11 -30.85
N ASN B 247 -16.37 4.78 -29.70
CA ASN B 247 -15.58 4.47 -28.51
C ASN B 247 -16.40 4.65 -27.26
N LEU B 248 -16.22 3.73 -26.32
CA LEU B 248 -16.82 3.81 -24.99
C LEU B 248 -15.73 3.54 -23.97
N PRO B 249 -15.07 4.60 -23.50
CA PRO B 249 -14.09 4.43 -22.43
C PRO B 249 -14.79 4.28 -21.09
N LEU B 250 -14.27 3.37 -20.27
CA LEU B 250 -14.89 3.02 -19.01
C LEU B 250 -13.89 3.10 -17.87
N GLU B 251 -14.39 3.51 -16.70
CA GLU B 251 -13.55 3.54 -15.51
C GLU B 251 -13.25 2.13 -15.02
N GLU B 252 -12.15 2.02 -14.26
CA GLU B 252 -11.76 0.72 -13.75
C GLU B 252 -12.80 0.16 -12.78
N GLY B 253 -12.81 -1.17 -12.66
CA GLY B 253 -13.61 -1.86 -11.68
C GLY B 253 -14.95 -2.39 -12.15
N ILE B 254 -15.29 -2.24 -13.43
CA ILE B 254 -16.64 -2.60 -13.89
C ILE B 254 -16.84 -4.12 -13.84
N ASN B 255 -18.04 -4.55 -13.45
CA ASN B 255 -18.35 -5.97 -13.35
C ASN B 255 -19.13 -6.44 -14.59
N ASP B 256 -19.51 -7.73 -14.58
CA ASP B 256 -20.16 -8.35 -15.74
C ASP B 256 -21.43 -7.61 -16.12
N LEU B 257 -22.26 -7.31 -15.12
CA LEU B 257 -23.59 -6.78 -15.42
C LEU B 257 -23.51 -5.35 -15.94
N ASP B 258 -22.68 -4.51 -15.34
CA ASP B 258 -22.62 -3.12 -15.79
C ASP B 258 -21.97 -3.03 -17.17
N TRP B 259 -20.94 -3.84 -17.42
CA TRP B 259 -20.33 -3.89 -18.74
C TRP B 259 -21.32 -4.39 -19.78
N SER B 260 -22.12 -5.41 -19.43
CA SER B 260 -23.15 -5.92 -20.32
C SER B 260 -24.19 -4.87 -20.63
N ASN B 261 -24.70 -4.21 -19.59
CA ASN B 261 -25.66 -3.14 -19.83
C ASN B 261 -25.02 -1.96 -20.52
N ALA B 262 -23.71 -1.78 -20.38
CA ALA B 262 -23.04 -0.65 -21.03
C ALA B 262 -23.02 -0.82 -22.55
N ILE B 263 -22.66 -2.01 -23.04
CA ILE B 263 -22.49 -2.18 -24.49
C ILE B 263 -23.66 -2.87 -25.20
N GLY B 264 -24.53 -3.58 -24.49
CA GLY B 264 -25.60 -4.31 -25.12
C GLY B 264 -26.49 -3.49 -26.05
N PRO B 265 -27.08 -2.41 -25.54
CA PRO B 265 -27.93 -1.56 -26.41
C PRO B 265 -27.15 -0.87 -27.51
N ILE B 266 -25.88 -0.53 -27.26
CA ILE B 266 -25.05 0.05 -28.30
C ILE B 266 -24.82 -0.94 -29.42
N LEU B 267 -24.50 -2.19 -29.07
CA LEU B 267 -24.28 -3.21 -30.08
C LEU B 267 -25.53 -3.43 -30.92
N ASP B 268 -26.68 -3.61 -30.26
CA ASP B 268 -27.93 -3.80 -31.00
C ASP B 268 -28.23 -2.60 -31.89
N SER B 269 -27.95 -1.38 -31.41
CA SER B 269 -28.23 -0.19 -32.21
C SER B 269 -27.33 -0.13 -33.45
N LEU B 270 -26.03 -0.39 -33.26
CA LEU B 270 -25.12 -0.49 -34.40
C LEU B 270 -25.60 -1.53 -35.40
N ASN B 271 -26.09 -2.67 -34.93
CA ASN B 271 -26.55 -3.66 -35.90
C ASN B 271 -27.79 -3.17 -36.65
N ILE B 272 -28.74 -2.55 -35.93
CA ILE B 272 -29.95 -2.06 -36.59
C ILE B 272 -29.61 -1.03 -37.68
N VAL B 273 -28.72 -0.09 -37.36
CA VAL B 273 -28.50 1.02 -38.28
C VAL B 273 -27.46 0.65 -39.34
N ILE B 274 -26.36 0.00 -38.94
CA ILE B 274 -25.31 -0.31 -39.92
C ILE B 274 -25.76 -1.43 -40.85
N GLN B 275 -26.58 -2.36 -40.35
CA GLN B 275 -26.95 -3.57 -41.07
C GLN B 275 -25.71 -4.23 -41.69
N PRO B 276 -24.72 -4.59 -40.88
CA PRO B 276 -23.46 -5.08 -41.45
C PRO B 276 -23.61 -6.42 -42.16
N SER B 277 -22.77 -6.62 -43.18
CA SER B 277 -22.72 -7.92 -43.87
C SER B 277 -21.82 -8.91 -43.13
N TYR B 278 -20.85 -8.42 -42.37
CA TYR B 278 -19.99 -9.23 -41.53
C TYR B 278 -19.72 -8.49 -40.24
N VAL B 279 -19.53 -9.24 -39.18
CA VAL B 279 -19.13 -8.73 -37.87
C VAL B 279 -17.78 -9.34 -37.53
N VAL B 280 -16.86 -8.52 -37.06
CA VAL B 280 -15.54 -8.99 -36.62
C VAL B 280 -15.38 -8.57 -35.17
N VAL B 281 -15.14 -9.54 -34.29
CA VAL B 281 -15.12 -9.31 -32.85
C VAL B 281 -13.73 -9.65 -32.34
N GLN B 282 -13.06 -8.68 -31.75
CA GLN B 282 -11.84 -8.94 -30.99
C GLN B 282 -12.27 -9.23 -29.56
N CYS B 283 -11.86 -10.40 -29.02
CA CYS B 283 -12.35 -10.89 -27.73
C CYS B 283 -11.20 -10.99 -26.72
N GLY B 284 -10.31 -9.98 -26.70
CA GLY B 284 -9.25 -9.94 -25.71
C GLY B 284 -9.75 -10.23 -24.31
N ALA B 285 -9.06 -11.15 -23.61
CA ALA B 285 -9.50 -11.65 -22.32
C ALA B 285 -8.93 -10.88 -21.14
N ASP B 286 -8.34 -9.71 -21.37
CA ASP B 286 -7.69 -8.99 -20.29
C ASP B 286 -8.65 -8.13 -19.49
N CYS B 287 -9.95 -8.21 -19.75
CA CYS B 287 -10.96 -7.63 -18.86
C CYS B 287 -11.35 -8.55 -17.72
N LEU B 288 -10.89 -9.80 -17.74
CA LEU B 288 -11.16 -10.71 -16.63
C LEU B 288 -10.65 -10.13 -15.32
N ALA B 289 -11.45 -10.32 -14.26
CA ALA B 289 -11.07 -9.88 -12.92
C ALA B 289 -9.70 -10.43 -12.51
N THR B 290 -9.32 -11.58 -13.05
CA THR B 290 -8.08 -12.25 -12.68
C THR B 290 -6.93 -11.97 -13.64
N ASP B 291 -7.15 -11.18 -14.67
CA ASP B 291 -6.03 -10.78 -15.50
C ASP B 291 -5.05 -9.97 -14.65
N PRO B 292 -3.75 -10.09 -14.87
CA PRO B 292 -2.82 -9.33 -14.02
C PRO B 292 -2.93 -7.81 -14.18
N HIS B 293 -3.58 -7.29 -15.23
CA HIS B 293 -3.88 -5.85 -15.27
C HIS B 293 -4.73 -5.42 -14.07
N ARG B 294 -5.68 -6.27 -13.66
CA ARG B 294 -6.52 -5.99 -12.50
C ARG B 294 -7.28 -4.66 -12.67
N ILE B 295 -7.98 -4.53 -13.80
CA ILE B 295 -8.65 -3.26 -14.07
C ILE B 295 -10.18 -3.43 -14.14
N PHE B 296 -10.66 -4.30 -15.02
CA PHE B 296 -12.07 -4.64 -15.02
C PHE B 296 -12.31 -5.89 -14.17
N ARG B 297 -13.58 -6.16 -13.86
CA ARG B 297 -13.87 -7.35 -13.05
C ARG B 297 -14.82 -8.31 -13.77
N LEU B 298 -14.53 -8.62 -15.02
CA LEU B 298 -15.36 -9.56 -15.77
C LEU B 298 -15.00 -11.01 -15.41
N THR B 299 -15.94 -11.91 -15.65
CA THR B 299 -15.73 -13.32 -15.39
C THR B 299 -15.98 -14.14 -16.65
N ASN B 300 -15.89 -15.46 -16.49
CA ASN B 300 -16.36 -16.39 -17.50
C ASN B 300 -17.55 -17.19 -17.01
N PHE B 301 -18.31 -16.65 -16.04
CA PHE B 301 -19.35 -17.45 -15.42
C PHE B 301 -20.50 -17.64 -16.40
N TYR B 302 -21.15 -18.79 -16.30
CA TYR B 302 -22.27 -19.09 -17.17
C TYR B 302 -23.34 -19.82 -16.37
N PRO B 303 -24.47 -19.16 -16.05
CA PRO B 303 -25.50 -19.67 -15.13
C PRO B 303 -26.42 -20.72 -15.73
N SER B 316 -23.87 -12.99 -12.45
CA SER B 316 -24.09 -14.41 -12.69
C SER B 316 -23.80 -14.83 -14.13
N LEU B 317 -23.56 -13.87 -15.01
CA LEU B 317 -23.30 -14.15 -16.42
C LEU B 317 -22.17 -13.28 -16.93
N SER B 318 -21.11 -13.93 -17.40
CA SER B 318 -19.96 -13.25 -17.98
C SER B 318 -20.35 -12.17 -18.98
N GLY B 319 -19.79 -10.98 -18.81
CA GLY B 319 -20.02 -9.93 -19.79
C GLY B 319 -19.64 -10.35 -21.20
N TYR B 320 -18.49 -11.01 -21.34
CA TYR B 320 -18.07 -11.57 -22.62
C TYR B 320 -19.12 -12.49 -23.22
N LEU B 321 -19.63 -13.45 -22.45
CA LEU B 321 -20.59 -14.41 -23.02
C LEU B 321 -21.89 -13.70 -23.40
N TYR B 322 -22.29 -12.70 -22.60
CA TYR B 322 -23.48 -11.92 -22.92
C TYR B 322 -23.32 -11.19 -24.25
N ALA B 323 -22.15 -10.58 -24.46
CA ALA B 323 -21.93 -9.82 -25.68
C ALA B 323 -21.81 -10.74 -26.88
N ILE B 324 -21.15 -11.90 -26.73
CA ILE B 324 -21.00 -12.80 -27.88
C ILE B 324 -22.35 -13.38 -28.28
N LYS B 325 -23.16 -13.78 -27.30
CA LYS B 325 -24.48 -14.30 -27.61
C LYS B 325 -25.32 -13.26 -28.35
N LYS B 326 -25.25 -11.99 -27.92
CA LYS B 326 -26.02 -10.94 -28.55
C LYS B 326 -25.59 -10.76 -30.00
N ILE B 327 -24.29 -10.72 -30.23
CA ILE B 327 -23.78 -10.55 -31.59
C ILE B 327 -24.20 -11.74 -32.47
N LEU B 328 -24.05 -12.96 -31.94
CA LEU B 328 -24.43 -14.14 -32.73
C LEU B 328 -25.93 -14.20 -32.98
N SER B 329 -26.73 -13.58 -32.12
CA SER B 329 -28.18 -13.60 -32.34
C SER B 329 -28.57 -12.81 -33.58
N TRP B 330 -27.70 -11.93 -34.07
CA TRP B 330 -28.00 -11.17 -35.28
C TRP B 330 -27.95 -12.03 -36.54
N LYS B 331 -27.38 -13.23 -36.48
CA LYS B 331 -27.27 -14.13 -37.62
C LYS B 331 -26.56 -13.47 -38.80
N VAL B 332 -25.48 -12.75 -38.50
CA VAL B 332 -24.60 -12.13 -39.49
C VAL B 332 -23.28 -12.90 -39.46
N PRO B 333 -22.67 -13.22 -40.60
CA PRO B 333 -21.41 -13.96 -40.56
C PRO B 333 -20.38 -13.23 -39.71
N THR B 334 -19.71 -13.97 -38.83
CA THR B 334 -18.94 -13.34 -37.76
C THR B 334 -17.58 -14.00 -37.62
N LEU B 335 -16.56 -13.16 -37.47
CA LEU B 335 -15.21 -13.59 -37.17
C LEU B 335 -14.94 -13.25 -35.70
N ILE B 336 -14.53 -14.25 -34.92
CA ILE B 336 -14.23 -14.06 -33.50
C ILE B 336 -12.73 -14.26 -33.31
N LEU B 337 -12.05 -13.21 -32.83
CA LEU B 337 -10.61 -13.21 -32.67
C LEU B 337 -10.24 -13.11 -31.19
N GLY B 338 -9.00 -13.52 -30.89
CA GLY B 338 -8.44 -13.35 -29.57
C GLY B 338 -7.88 -11.96 -29.39
N GLY B 339 -6.70 -11.87 -28.81
CA GLY B 339 -6.12 -10.59 -28.48
C GLY B 339 -5.42 -10.69 -27.14
N GLY B 340 -5.57 -9.67 -26.30
CA GLY B 340 -4.93 -9.67 -24.99
C GLY B 340 -5.46 -10.79 -24.11
N GLY B 341 -4.85 -10.91 -22.94
CA GLY B 341 -5.21 -11.95 -21.98
C GLY B 341 -3.96 -12.58 -21.41
N TYR B 342 -3.58 -12.18 -20.19
CA TYR B 342 -2.26 -12.49 -19.66
C TYR B 342 -2.31 -13.44 -18.47
N ASN B 343 -3.49 -13.88 -18.07
CA ASN B 343 -3.68 -15.04 -17.20
C ASN B 343 -4.01 -16.18 -18.17
N PHE B 344 -3.01 -16.95 -18.56
CA PHE B 344 -3.22 -17.92 -19.64
C PHE B 344 -4.29 -18.95 -19.29
N PRO B 345 -4.27 -19.61 -18.12
CA PRO B 345 -5.35 -20.58 -17.85
C PRO B 345 -6.73 -19.93 -17.82
N ASP B 346 -6.85 -18.73 -17.26
CA ASP B 346 -8.17 -18.08 -17.21
C ASP B 346 -8.60 -17.58 -18.59
N THR B 347 -7.64 -17.20 -19.43
CA THR B 347 -7.96 -16.91 -20.82
C THR B 347 -8.46 -18.17 -21.55
N ALA B 348 -7.78 -19.30 -21.36
CA ALA B 348 -8.29 -20.55 -21.94
C ALA B 348 -9.69 -20.87 -21.41
N ARG B 349 -9.90 -20.70 -20.10
CA ARG B 349 -11.22 -20.92 -19.50
C ARG B 349 -12.30 -20.05 -20.16
N LEU B 350 -12.01 -18.77 -20.38
CA LEU B 350 -13.00 -17.91 -21.01
C LEU B 350 -13.23 -18.30 -22.46
N TRP B 351 -12.14 -18.45 -23.22
CA TRP B 351 -12.31 -18.69 -24.65
C TRP B 351 -12.88 -20.08 -24.94
N THR B 352 -12.70 -21.05 -24.03
CA THR B 352 -13.37 -22.34 -24.21
C THR B 352 -14.87 -22.17 -24.07
N ARG B 353 -15.31 -21.37 -23.10
CA ARG B 353 -16.73 -21.11 -22.95
C ARG B 353 -17.28 -20.30 -24.13
N VAL B 354 -16.50 -19.34 -24.65
CA VAL B 354 -16.92 -18.62 -25.85
C VAL B 354 -17.12 -19.58 -27.02
N THR B 355 -16.17 -20.51 -27.19
CA THR B 355 -16.28 -21.49 -28.27
C THR B 355 -17.51 -22.37 -28.09
N ALA B 356 -17.73 -22.89 -26.88
CA ALA B 356 -18.92 -23.70 -26.65
C ALA B 356 -20.19 -22.91 -26.91
N LEU B 357 -20.22 -21.64 -26.46
CA LEU B 357 -21.39 -20.78 -26.69
C LEU B 357 -21.63 -20.57 -28.18
N THR B 358 -20.57 -20.36 -28.95
CA THR B 358 -20.73 -20.18 -30.39
C THR B 358 -21.34 -21.41 -31.03
N ILE B 359 -20.88 -22.60 -30.66
CA ILE B 359 -21.46 -23.85 -31.18
C ILE B 359 -22.94 -23.91 -30.86
N GLU B 360 -23.32 -23.65 -29.60
CA GLU B 360 -24.73 -23.69 -29.22
C GLU B 360 -25.56 -22.70 -30.02
N GLU B 361 -25.11 -21.44 -30.09
CA GLU B 361 -25.92 -20.40 -30.72
C GLU B 361 -26.06 -20.65 -32.21
N VAL B 362 -24.98 -21.07 -32.88
CA VAL B 362 -25.03 -21.21 -34.33
C VAL B 362 -25.67 -22.52 -34.75
N LYS B 363 -25.34 -23.60 -34.07
CA LYS B 363 -25.82 -24.91 -34.47
C LYS B 363 -27.11 -25.32 -33.75
N GLY B 364 -27.51 -24.58 -32.72
CA GLY B 364 -28.68 -24.96 -31.95
C GLY B 364 -28.46 -26.21 -31.12
N LYS B 365 -27.21 -26.53 -30.83
CA LYS B 365 -26.82 -27.81 -30.26
C LYS B 365 -26.23 -27.59 -28.86
N LYS B 366 -26.88 -28.17 -27.85
CA LYS B 366 -26.47 -27.95 -26.47
C LYS B 366 -25.04 -28.43 -26.22
N MET B 367 -24.23 -27.57 -25.62
CA MET B 367 -22.87 -27.90 -25.24
C MET B 367 -22.77 -27.82 -23.72
N THR B 368 -22.66 -28.96 -23.07
CA THR B 368 -22.59 -29.03 -21.62
C THR B 368 -21.13 -29.21 -21.22
N ILE B 369 -20.62 -28.26 -20.45
CA ILE B 369 -19.23 -28.24 -20.06
C ILE B 369 -19.14 -28.61 -18.58
N SER B 370 -18.43 -29.68 -18.28
CA SER B 370 -18.24 -30.07 -16.89
C SER B 370 -17.52 -28.97 -16.11
N PRO B 371 -17.94 -28.69 -14.87
CA PRO B 371 -17.20 -27.71 -14.06
C PRO B 371 -15.79 -28.16 -13.72
N GLU B 372 -15.53 -29.46 -13.69
CA GLU B 372 -14.18 -29.96 -13.44
C GLU B 372 -13.39 -29.92 -14.74
N ILE B 373 -12.19 -29.36 -14.69
CA ILE B 373 -11.33 -29.37 -15.88
C ILE B 373 -11.03 -30.81 -16.29
N PRO B 374 -11.18 -31.18 -17.56
CA PRO B 374 -10.91 -32.56 -17.97
C PRO B 374 -9.42 -32.86 -18.01
N GLU B 375 -9.14 -34.16 -17.93
CA GLU B 375 -7.78 -34.66 -18.11
C GLU B 375 -7.21 -34.26 -19.47
N HIS B 376 -6.02 -33.67 -19.45
CA HIS B 376 -5.23 -33.39 -20.65
C HIS B 376 -3.86 -32.93 -20.16
N SER B 377 -2.92 -32.77 -21.10
CA SER B 377 -1.53 -32.58 -20.71
C SER B 377 -1.27 -31.22 -20.03
N TYR B 378 -2.18 -30.25 -20.14
CA TYR B 378 -2.04 -28.98 -19.42
C TYR B 378 -2.95 -28.91 -18.18
N PHE B 379 -3.49 -30.05 -17.74
CA PHE B 379 -4.40 -30.06 -16.58
C PHE B 379 -3.79 -29.34 -15.38
N SER B 380 -2.50 -29.55 -15.12
CA SER B 380 -1.86 -29.00 -13.92
C SER B 380 -1.80 -27.47 -13.94
N ARG B 381 -2.03 -26.84 -15.09
CA ARG B 381 -2.00 -25.38 -15.16
C ARG B 381 -3.27 -24.76 -14.59
N TYR B 382 -4.29 -25.57 -14.27
CA TYR B 382 -5.59 -25.08 -13.84
C TYR B 382 -5.77 -25.19 -12.33
N GLY B 383 -4.68 -25.39 -11.60
CA GLY B 383 -4.73 -25.50 -10.15
C GLY B 383 -4.89 -24.14 -9.50
N PRO B 384 -5.22 -24.12 -8.19
CA PRO B 384 -5.38 -25.28 -7.31
C PRO B 384 -6.77 -25.91 -7.33
N ASP B 385 -7.72 -25.26 -8.02
CA ASP B 385 -9.11 -25.71 -8.02
C ASP B 385 -9.41 -26.70 -9.12
N PHE B 386 -8.77 -26.58 -10.28
CA PHE B 386 -9.06 -27.39 -11.46
C PHE B 386 -10.53 -27.30 -11.86
N GLU B 387 -11.12 -26.11 -11.72
CA GLU B 387 -12.48 -25.86 -12.16
C GLU B 387 -12.50 -24.89 -13.33
N LEU B 388 -13.62 -24.86 -14.04
CA LEU B 388 -13.71 -24.05 -15.24
C LEU B 388 -14.02 -22.58 -14.94
N ASP B 389 -14.83 -22.30 -13.92
CA ASP B 389 -15.06 -20.93 -13.49
C ASP B 389 -13.76 -20.34 -12.99
N ILE B 390 -13.48 -19.09 -13.36
CA ILE B 390 -12.28 -18.44 -12.84
C ILE B 390 -12.42 -18.31 -11.32
N ASP B 391 -11.30 -18.28 -10.63
CA ASP B 391 -11.26 -18.25 -9.17
C ASP B 391 -11.39 -16.80 -8.72
N TYR B 392 -12.61 -16.29 -8.74
CA TYR B 392 -12.88 -14.91 -8.39
C TYR B 392 -14.26 -14.84 -7.76
N PHE B 393 -14.41 -13.97 -6.77
CA PHE B 393 -15.68 -13.80 -6.07
C PHE B 393 -16.20 -12.39 -6.26
N PRO B 394 -17.12 -12.18 -7.20
CA PRO B 394 -17.64 -10.83 -7.45
C PRO B 394 -18.33 -10.24 -6.23
N HIS B 395 -18.18 -8.94 -6.06
CA HIS B 395 -18.68 -8.26 -4.86
C HIS B 395 -18.92 -6.81 -5.20
N GLU B 396 -19.72 -6.16 -4.36
CA GLU B 396 -19.95 -4.72 -4.47
C GLU B 396 -20.18 -4.09 -3.10
N ASP B 403 -21.85 6.51 -11.18
CA ASP B 403 -20.97 5.78 -12.09
C ASP B 403 -21.67 5.37 -13.38
N SER B 404 -22.87 5.91 -13.64
CA SER B 404 -23.58 5.56 -14.87
C SER B 404 -22.98 6.29 -16.06
N ILE B 405 -23.35 5.85 -17.26
CA ILE B 405 -22.79 6.36 -18.50
C ILE B 405 -23.89 6.71 -19.50
N GLN B 406 -25.04 7.15 -18.98
CA GLN B 406 -26.15 7.48 -19.88
C GLN B 406 -25.79 8.61 -20.85
N LYS B 407 -24.92 9.53 -20.46
CA LYS B 407 -24.53 10.55 -21.43
C LYS B 407 -23.68 9.96 -22.54
N HIS B 408 -22.91 8.90 -22.25
CA HIS B 408 -22.17 8.22 -23.31
C HIS B 408 -23.13 7.56 -24.29
N HIS B 409 -24.15 6.88 -23.77
CA HIS B 409 -25.20 6.33 -24.63
C HIS B 409 -25.79 7.40 -25.53
N ARG B 410 -26.13 8.55 -24.96
CA ARG B 410 -26.74 9.63 -25.73
C ARG B 410 -25.77 10.15 -26.79
N ARG B 411 -24.51 10.32 -26.42
CA ARG B 411 -23.49 10.76 -27.36
C ARG B 411 -23.26 9.74 -28.47
N ILE B 412 -23.26 8.46 -28.12
CA ILE B 412 -23.00 7.44 -29.12
C ILE B 412 -24.17 7.34 -30.09
N LEU B 413 -25.40 7.36 -29.58
CA LEU B 413 -26.57 7.29 -30.46
C LEU B 413 -26.68 8.54 -31.35
N GLU B 414 -26.29 9.72 -30.84
CA GLU B 414 -26.23 10.89 -31.71
C GLU B 414 -25.19 10.70 -32.82
N GLN B 415 -24.03 10.14 -32.48
CA GLN B 415 -23.04 9.83 -33.51
C GLN B 415 -23.59 8.83 -34.52
N LEU B 416 -24.32 7.82 -34.04
CA LEU B 416 -24.89 6.85 -34.96
C LEU B 416 -25.94 7.51 -35.85
N ARG B 417 -26.70 8.46 -35.30
CA ARG B 417 -27.63 9.25 -36.09
C ARG B 417 -26.89 10.03 -37.18
N ASN B 418 -25.82 10.73 -36.80
CA ASN B 418 -25.01 11.44 -37.78
C ASN B 418 -24.40 10.51 -38.80
N TYR B 419 -24.00 9.30 -38.38
CA TYR B 419 -23.41 8.36 -39.33
C TYR B 419 -24.43 7.97 -40.40
N ALA B 420 -25.66 7.69 -39.97
CA ALA B 420 -26.71 7.27 -40.91
C ALA B 420 -27.05 8.39 -41.89
N ASP B 421 -27.09 9.63 -41.40
CA ASP B 421 -27.40 10.77 -42.26
C ASP B 421 -26.33 10.97 -43.32
N LEU B 422 -25.07 11.05 -42.88
CA LEU B 422 -23.95 11.26 -43.81
C LEU B 422 -23.91 10.20 -44.91
N ASN B 423 -24.29 8.97 -44.59
CA ASN B 423 -24.17 7.86 -45.52
C ASN B 423 -25.49 7.47 -46.16
N LYS B 424 -26.54 8.27 -45.96
CA LYS B 424 -27.84 8.05 -46.61
C LYS B 424 -28.41 6.69 -46.26
N LEU B 425 -28.34 6.34 -44.98
CA LEU B 425 -28.87 5.08 -44.48
C LEU B 425 -30.19 5.33 -43.74
N ILE B 426 -31.07 4.35 -43.82
CA ILE B 426 -32.29 4.38 -43.02
C ILE B 426 -31.92 4.41 -41.55
N TYR B 427 -32.44 5.39 -40.83
CA TYR B 427 -32.32 5.45 -39.37
C TYR B 427 -33.69 5.09 -38.79
N ASP B 428 -33.80 3.86 -38.29
CA ASP B 428 -35.07 3.36 -37.78
C ASP B 428 -35.21 3.78 -36.31
N TYR B 429 -35.65 5.03 -36.12
CA TYR B 429 -35.80 5.58 -34.78
C TYR B 429 -36.70 4.71 -33.90
N ASP B 430 -37.82 4.24 -34.45
CA ASP B 430 -38.76 3.46 -33.65
C ASP B 430 -38.09 2.20 -33.10
N GLN B 431 -37.29 1.53 -33.91
CA GLN B 431 -36.63 0.32 -33.44
C GLN B 431 -35.59 0.66 -32.38
N VAL B 432 -34.77 1.68 -32.62
CA VAL B 432 -33.75 2.04 -31.63
C VAL B 432 -34.42 2.52 -30.36
N TYR B 433 -35.46 3.34 -30.47
CA TYR B 433 -36.18 3.79 -29.29
C TYR B 433 -36.74 2.61 -28.50
N GLN B 434 -37.41 1.69 -29.19
CA GLN B 434 -38.00 0.55 -28.49
C GLN B 434 -36.92 -0.27 -27.78
N LEU B 435 -35.78 -0.45 -28.45
CA LEU B 435 -34.65 -1.15 -27.85
C LEU B 435 -34.23 -0.49 -26.54
N TYR B 436 -34.01 0.82 -26.54
CA TYR B 436 -33.59 1.51 -25.33
C TYR B 436 -34.71 1.62 -24.31
N ASN B 437 -35.97 1.57 -24.75
CA ASN B 437 -37.03 1.66 -23.76
C ASN B 437 -37.32 0.34 -23.06
N LEU B 438 -36.71 -0.77 -23.49
CA LEU B 438 -36.75 -1.97 -22.66
C LEU B 438 -36.12 -1.72 -21.29
N THR B 439 -35.25 -0.70 -21.17
CA THR B 439 -34.63 -0.32 -19.91
C THR B 439 -35.06 1.08 -19.47
N GLY B 440 -36.18 1.56 -19.97
CA GLY B 440 -36.64 2.89 -19.60
C GLY B 440 -35.73 4.01 -20.03
N MET B 441 -34.87 3.76 -21.03
CA MET B 441 -33.93 4.77 -21.51
C MET B 441 -34.25 5.22 -22.93
N GLY B 442 -35.50 5.10 -23.37
CA GLY B 442 -35.85 5.53 -24.71
C GLY B 442 -35.58 7.00 -24.96
N SER B 443 -35.61 7.81 -23.91
CA SER B 443 -35.38 9.25 -24.04
C SER B 443 -33.97 9.59 -24.52
N LEU B 444 -33.02 8.67 -24.39
CA LEU B 444 -31.66 8.92 -24.84
C LEU B 444 -31.52 8.85 -26.35
N VAL B 445 -32.52 8.33 -27.04
CA VAL B 445 -32.45 8.09 -28.49
C VAL B 445 -32.87 9.35 -29.24
N PRO B 446 -32.05 9.83 -30.18
CA PRO B 446 -32.43 10.99 -30.98
C PRO B 446 -33.23 10.59 -32.21
N ARG B 447 -34.02 11.53 -32.71
CA ARG B 447 -34.86 11.27 -33.88
C ARG B 447 -34.13 11.56 -35.18
N SER C 3 36.35 3.90 36.55
CA SER C 3 36.33 2.53 36.06
C SER C 3 34.99 2.24 35.38
N VAL C 4 35.02 1.86 34.11
CA VAL C 4 33.81 1.47 33.38
C VAL C 4 33.79 -0.04 33.32
N GLY C 5 32.77 -0.64 33.90
CA GLY C 5 32.61 -2.08 33.92
C GLY C 5 31.69 -2.53 32.80
N ILE C 6 31.90 -3.76 32.34
CA ILE C 6 30.98 -4.38 31.39
C ILE C 6 30.79 -5.85 31.79
N VAL C 7 29.54 -6.31 31.76
CA VAL C 7 29.21 -7.67 32.13
C VAL C 7 29.46 -8.63 30.96
N TYR C 8 30.32 -9.62 31.20
CA TYR C 8 30.61 -10.63 30.19
C TYR C 8 31.21 -11.85 30.86
N GLY C 9 31.08 -12.97 30.17
CA GLY C 9 31.70 -14.23 30.54
C GLY C 9 31.36 -15.23 29.46
N ASP C 10 32.11 -16.33 29.45
CA ASP C 10 31.94 -17.32 28.39
C ASP C 10 30.57 -17.99 28.46
N GLN C 11 30.22 -18.49 29.64
CA GLN C 11 28.91 -19.12 29.77
C GLN C 11 27.79 -18.08 29.71
N TYR C 12 28.05 -16.85 30.17
CA TYR C 12 27.07 -15.78 30.05
C TYR C 12 26.76 -15.50 28.58
N ARG C 13 27.79 -15.40 27.75
CA ARG C 13 27.60 -15.23 26.32
C ARG C 13 26.73 -16.36 25.76
N GLN C 14 27.05 -17.60 26.11
CA GLN C 14 26.31 -18.73 25.55
C GLN C 14 24.84 -18.67 25.95
N LEU C 15 24.57 -18.35 27.21
CA LEU C 15 23.19 -18.28 27.69
C LEU C 15 22.45 -17.10 27.07
N CYS C 16 23.08 -15.92 27.02
CA CYS C 16 22.45 -14.77 26.39
C CYS C 16 22.16 -15.01 24.91
N CYS C 17 22.86 -15.95 24.27
CA CYS C 17 22.66 -16.28 22.87
C CYS C 17 21.81 -17.53 22.65
N SER C 18 21.10 -18.00 23.68
CA SER C 18 20.39 -19.27 23.61
C SER C 18 18.89 -19.13 23.36
N SER C 19 18.38 -17.87 23.19
CA SER C 19 16.93 -17.74 23.04
C SER C 19 16.53 -17.67 21.57
N PRO C 20 15.32 -18.14 21.23
CA PRO C 20 14.88 -18.04 19.83
C PRO C 20 14.69 -16.62 19.33
N LYS C 21 14.21 -15.71 20.19
CA LYS C 21 13.93 -14.35 19.70
C LYS C 21 15.19 -13.52 19.50
N PHE C 22 16.15 -13.60 20.42
CA PHE C 22 17.31 -12.71 20.32
C PHE C 22 18.55 -13.40 19.75
N GLY C 23 18.47 -14.69 19.44
CA GLY C 23 19.53 -15.37 18.70
C GLY C 23 20.91 -15.03 19.21
N ASP C 24 21.83 -14.69 18.31
CA ASP C 24 23.20 -14.38 18.68
C ASP C 24 23.45 -12.87 18.86
N ARG C 25 22.40 -12.05 19.07
CA ARG C 25 22.58 -10.59 19.12
C ARG C 25 23.66 -10.18 20.12
N TYR C 26 23.65 -10.80 21.29
CA TYR C 26 24.63 -10.44 22.32
C TYR C 26 26.05 -10.73 21.86
N ALA C 27 26.23 -11.78 21.06
CA ALA C 27 27.54 -12.07 20.51
C ALA C 27 28.00 -10.98 19.55
N LEU C 28 27.11 -10.56 18.63
CA LEU C 28 27.48 -9.49 17.70
C LEU C 28 27.86 -8.22 18.46
N VAL C 29 27.08 -7.87 19.48
CA VAL C 29 27.35 -6.66 20.26
C VAL C 29 28.71 -6.76 20.93
N MET C 30 28.96 -7.85 21.65
CA MET C 30 30.20 -7.90 22.42
C MET C 30 31.40 -8.06 21.49
N ASP C 31 31.22 -8.77 20.37
CA ASP C 31 32.35 -8.97 19.47
C ASP C 31 32.69 -7.69 18.70
N LEU C 32 31.70 -6.84 18.43
CA LEU C 32 32.00 -5.56 17.78
C LEU C 32 32.72 -4.62 18.73
N ILE C 33 32.26 -4.56 19.98
CA ILE C 33 33.00 -3.87 21.03
C ILE C 33 34.43 -4.40 21.10
N ASN C 34 34.58 -5.73 21.04
CA ASN C 34 35.92 -6.32 21.07
C ASN C 34 36.72 -5.96 19.82
N ALA C 35 36.07 -5.98 18.65
CA ALA C 35 36.81 -5.72 17.41
C ALA C 35 37.30 -4.29 17.34
N TYR C 36 36.56 -3.36 17.95
CA TYR C 36 37.00 -1.98 18.03
C TYR C 36 38.00 -1.75 19.15
N LYS C 37 38.50 -2.82 19.77
CA LYS C 37 39.53 -2.75 20.82
C LYS C 37 39.07 -1.95 22.03
N LEU C 38 37.78 -1.99 22.34
CA LEU C 38 37.30 -1.31 23.55
C LEU C 38 37.46 -2.16 24.81
N ILE C 39 37.57 -3.50 24.65
CA ILE C 39 37.53 -4.39 25.81
C ILE C 39 38.67 -4.13 26.77
N PRO C 40 39.92 -3.88 26.33
CA PRO C 40 40.98 -3.54 27.28
C PRO C 40 40.72 -2.25 28.06
N GLU C 41 39.79 -1.41 27.64
CA GLU C 41 39.51 -0.19 28.42
C GLU C 41 38.52 -0.46 29.55
N LEU C 42 37.90 -1.63 29.56
CA LEU C 42 36.76 -1.94 30.41
C LEU C 42 37.12 -2.99 31.45
N SER C 43 36.49 -2.86 32.62
CA SER C 43 36.62 -3.82 33.70
C SER C 43 35.55 -4.91 33.54
N ARG C 44 35.97 -6.16 33.34
CA ARG C 44 34.98 -7.23 33.23
C ARG C 44 34.28 -7.42 34.56
N VAL C 45 32.96 -7.32 34.55
CA VAL C 45 32.14 -7.56 35.73
C VAL C 45 31.52 -8.95 35.59
N PRO C 46 31.92 -9.93 36.38
CA PRO C 46 31.41 -11.29 36.16
C PRO C 46 29.99 -11.42 36.65
N PRO C 47 29.14 -12.15 35.94
CA PRO C 47 27.76 -12.35 36.42
C PRO C 47 27.75 -12.99 37.82
N LEU C 48 26.75 -12.60 38.61
CA LEU C 48 26.61 -13.12 39.95
C LEU C 48 26.24 -14.60 39.93
N GLN C 49 26.88 -15.37 40.81
CA GLN C 49 26.47 -16.74 41.05
C GLN C 49 26.22 -16.91 42.53
N TRP C 50 25.39 -17.89 42.86
CA TRP C 50 24.94 -18.07 44.23
C TRP C 50 25.52 -19.34 44.85
N ASP C 51 25.41 -19.42 46.18
CA ASP C 51 25.95 -20.51 46.98
C ASP C 51 25.01 -21.71 47.07
N SER C 52 23.77 -21.60 46.60
CA SER C 52 22.79 -22.66 46.76
C SER C 52 21.57 -22.32 45.92
N PRO C 53 20.78 -23.33 45.55
CA PRO C 53 19.46 -23.05 44.98
C PRO C 53 18.62 -22.09 45.83
N SER C 54 18.64 -22.24 47.15
CA SER C 54 17.80 -21.39 47.99
C SER C 54 18.23 -19.92 47.89
N ARG C 55 19.54 -19.66 47.84
CA ARG C 55 20.01 -18.28 47.71
C ARG C 55 19.60 -17.70 46.37
N MET C 56 19.72 -18.48 45.29
CA MET C 56 19.26 -18.00 43.99
C MET C 56 17.78 -17.66 44.05
N TYR C 57 16.99 -18.58 44.60
CA TYR C 57 15.54 -18.44 44.65
C TYR C 57 15.13 -17.25 45.50
N GLU C 58 15.82 -17.03 46.63
CA GLU C 58 15.55 -15.87 47.46
C GLU C 58 15.84 -14.58 46.70
N ALA C 59 16.93 -14.53 45.94
CA ALA C 59 17.25 -13.32 45.18
C ALA C 59 16.18 -13.03 44.12
N VAL C 60 15.77 -14.03 43.36
CA VAL C 60 14.78 -13.79 42.31
C VAL C 60 13.44 -13.42 42.91
N THR C 61 13.04 -14.08 44.01
CA THR C 61 11.76 -13.79 44.65
C THR C 61 11.78 -12.56 45.55
N ALA C 62 12.86 -11.76 45.52
CA ALA C 62 12.75 -10.40 46.02
C ALA C 62 11.76 -9.58 45.22
N PHE C 63 11.50 -9.99 43.97
CA PHE C 63 10.45 -9.40 43.14
C PHE C 63 9.42 -10.42 42.69
N HIS C 64 9.85 -11.50 42.03
CA HIS C 64 8.88 -12.38 41.40
C HIS C 64 8.25 -13.29 42.44
N SER C 65 6.99 -13.64 42.21
CA SER C 65 6.31 -14.57 43.11
C SER C 65 6.95 -15.95 43.04
N THR C 66 6.84 -16.68 44.15
CA THR C 66 7.33 -18.06 44.18
C THR C 66 6.61 -18.92 43.15
N GLU C 67 5.29 -18.74 43.01
CA GLU C 67 4.57 -19.56 42.04
C GLU C 67 5.03 -19.27 40.61
N TYR C 68 5.37 -18.01 40.31
CA TYR C 68 5.81 -17.72 38.95
C TYR C 68 7.20 -18.32 38.70
N VAL C 69 8.13 -18.13 39.65
CA VAL C 69 9.46 -18.70 39.49
C VAL C 69 9.39 -20.23 39.36
N ASP C 70 8.55 -20.88 40.18
CA ASP C 70 8.40 -22.33 40.06
C ASP C 70 7.94 -22.74 38.68
N ALA C 71 6.97 -21.99 38.13
CA ALA C 71 6.43 -22.36 36.83
C ALA C 71 7.46 -22.12 35.72
N LEU C 72 8.25 -21.04 35.82
CA LEU C 72 9.28 -20.81 34.82
C LEU C 72 10.34 -21.92 34.86
N LYS C 73 10.71 -22.38 36.05
CA LYS C 73 11.63 -23.51 36.16
C LYS C 73 11.02 -24.77 35.52
N LYS C 74 9.76 -25.05 35.83
CA LYS C 74 9.10 -26.21 35.25
C LYS C 74 9.03 -26.11 33.73
N LEU C 75 8.84 -24.89 33.20
CA LEU C 75 8.74 -24.75 31.75
C LEU C 75 10.05 -25.15 31.08
N GLN C 76 11.18 -24.75 31.66
CA GLN C 76 12.47 -25.20 31.14
C GLN C 76 12.57 -26.72 31.22
N MET C 77 12.22 -27.30 32.38
CA MET C 77 12.30 -28.75 32.52
C MET C 77 11.49 -29.45 31.44
N LEU C 78 10.26 -28.98 31.22
CA LEU C 78 9.40 -29.61 30.23
C LEU C 78 9.99 -29.51 28.84
N HIS C 79 10.54 -28.34 28.48
CA HIS C 79 11.09 -28.19 27.14
C HIS C 79 12.40 -28.94 26.94
N CYS C 80 13.05 -29.39 28.00
CA CYS C 80 14.21 -30.26 27.86
C CYS C 80 13.84 -31.74 27.72
N GLU C 81 12.56 -32.06 27.67
CA GLU C 81 12.14 -33.43 27.39
C GLU C 81 11.36 -33.53 26.08
N LEU C 85 3.47 -32.66 27.05
CA LEU C 85 3.03 -31.70 28.05
C LEU C 85 1.51 -31.75 28.26
N THR C 86 1.09 -31.79 29.52
CA THR C 86 -0.29 -32.12 29.87
C THR C 86 -1.21 -30.90 29.81
N ALA C 87 -2.51 -31.18 29.86
CA ALA C 87 -3.51 -30.11 29.83
C ALA C 87 -3.40 -29.22 31.06
N ASP C 88 -3.15 -29.81 32.24
CA ASP C 88 -2.97 -28.98 33.42
C ASP C 88 -1.67 -28.18 33.35
N ASP C 89 -0.66 -28.73 32.65
CA ASP C 89 0.57 -27.96 32.46
C ASP C 89 0.36 -26.78 31.52
N GLU C 90 -0.38 -26.98 30.41
CA GLU C 90 -0.72 -25.88 29.52
C GLU C 90 -1.40 -24.76 30.29
N LEU C 91 -2.44 -25.10 31.06
CA LEU C 91 -3.14 -24.10 31.86
C LEU C 91 -2.21 -23.39 32.83
N LEU C 92 -1.31 -24.13 33.47
CA LEU C 92 -0.38 -23.50 34.41
C LEU C 92 0.45 -22.43 33.70
N MET C 93 1.09 -22.82 32.59
CA MET C 93 1.90 -21.86 31.85
C MET C 93 1.05 -20.69 31.34
N ASP C 94 -0.14 -20.97 30.83
CA ASP C 94 -1.01 -19.87 30.37
C ASP C 94 -1.32 -18.90 31.50
N SER C 95 -1.48 -19.41 32.74
CA SER C 95 -1.80 -18.52 33.85
C SER C 95 -0.71 -17.49 34.11
N PHE C 96 0.51 -17.75 33.67
CA PHE C 96 1.63 -16.82 33.86
C PHE C 96 2.05 -16.17 32.54
N SER C 97 1.25 -16.30 31.49
CA SER C 97 1.53 -15.78 30.16
C SER C 97 2.81 -16.38 29.57
N LEU C 98 3.13 -17.61 29.97
CA LEU C 98 4.29 -18.32 29.43
C LEU C 98 3.88 -19.06 28.16
N ASN C 99 3.46 -18.26 27.19
CA ASN C 99 2.93 -18.70 25.91
C ASN C 99 3.08 -17.52 24.95
N TYR C 100 2.66 -17.72 23.70
CA TYR C 100 2.60 -16.67 22.69
C TYR C 100 3.92 -15.89 22.56
N ASP C 101 3.96 -14.64 23.06
CA ASP C 101 5.16 -13.81 22.98
C ASP C 101 6.29 -14.29 23.88
N CYS C 102 5.98 -15.13 24.85
CA CYS C 102 6.94 -15.60 25.85
C CYS C 102 6.90 -17.12 25.92
N PRO C 103 7.26 -17.80 24.83
CA PRO C 103 7.15 -19.26 24.79
C PRO C 103 8.26 -19.91 25.60
N GLY C 104 8.06 -21.19 25.87
CA GLY C 104 9.13 -21.99 26.43
C GLY C 104 10.16 -22.35 25.38
N PHE C 105 11.38 -22.59 25.85
CA PHE C 105 12.44 -23.19 25.06
C PHE C 105 13.41 -23.85 26.03
N PRO C 106 14.31 -24.70 25.53
CA PRO C 106 15.08 -25.55 26.48
C PRO C 106 15.91 -24.79 27.51
N SER C 107 16.30 -23.54 27.24
CA SER C 107 17.10 -22.78 28.19
C SER C 107 16.35 -21.58 28.79
N VAL C 108 15.02 -21.57 28.73
CA VAL C 108 14.27 -20.34 29.04
C VAL C 108 14.59 -19.85 30.45
N PHE C 109 14.74 -20.76 31.41
CA PHE C 109 15.03 -20.30 32.78
C PHE C 109 16.49 -19.86 32.91
N ASP C 110 17.42 -20.68 32.39
CA ASP C 110 18.83 -20.28 32.45
C ASP C 110 19.05 -18.96 31.73
N TYR C 111 18.45 -18.80 30.56
CA TYR C 111 18.54 -17.57 29.79
C TYR C 111 18.05 -16.38 30.60
N SER C 112 16.85 -16.51 31.16
CA SER C 112 16.23 -15.42 31.92
C SER C 112 17.04 -15.10 33.19
N LEU C 113 17.47 -16.15 33.90
CA LEU C 113 18.27 -15.93 35.09
C LEU C 113 19.59 -15.24 34.76
N ALA C 114 20.19 -15.56 33.61
CA ALA C 114 21.49 -14.98 33.28
C ALA C 114 21.43 -13.45 33.32
N ALA C 115 20.37 -12.87 32.71
CA ALA C 115 20.23 -11.41 32.75
C ALA C 115 20.16 -10.90 34.19
N VAL C 116 19.45 -11.62 35.06
CA VAL C 116 19.43 -11.25 36.48
C VAL C 116 20.84 -11.26 37.05
N GLN C 117 21.59 -12.33 36.80
CA GLN C 117 22.94 -12.47 37.34
C GLN C 117 23.84 -11.33 36.89
N GLY C 118 23.73 -10.92 35.63
CA GLY C 118 24.59 -9.84 35.14
C GLY C 118 24.22 -8.50 35.73
N SER C 119 22.92 -8.21 35.82
CA SER C 119 22.49 -6.90 36.30
C SER C 119 22.70 -6.77 37.80
N LEU C 120 22.50 -7.86 38.56
CA LEU C 120 22.79 -7.85 40.00
C LEU C 120 24.28 -7.66 40.24
N ALA C 121 25.12 -8.35 39.46
CA ALA C 121 26.55 -8.15 39.60
C ALA C 121 26.93 -6.71 39.26
N ALA C 122 26.29 -6.15 38.23
CA ALA C 122 26.52 -4.76 37.86
C ALA C 122 26.16 -3.82 39.01
N ALA C 123 25.01 -4.06 39.64
CA ALA C 123 24.61 -3.23 40.78
C ALA C 123 25.64 -3.31 41.89
N SER C 124 26.10 -4.52 42.19
CA SER C 124 27.07 -4.68 43.28
C SER C 124 28.37 -3.93 42.97
N ALA C 125 28.79 -3.92 41.71
CA ALA C 125 30.04 -3.24 41.36
C ALA C 125 29.91 -1.73 41.52
N LEU C 126 28.70 -1.19 41.34
CA LEU C 126 28.48 0.23 41.61
C LEU C 126 28.48 0.50 43.11
N ILE C 127 27.81 -0.36 43.88
CA ILE C 127 27.66 -0.15 45.31
C ILE C 127 29.01 -0.12 46.01
N CYS C 128 29.90 -1.05 45.67
CA CYS C 128 31.22 -1.09 46.27
C CYS C 128 32.22 -0.16 45.58
N ARG C 129 31.73 0.68 44.67
CA ARG C 129 32.55 1.67 43.95
C ARG C 129 33.71 1.04 43.20
N HIS C 130 33.61 -0.24 42.86
CA HIS C 130 34.60 -0.78 41.92
C HIS C 130 34.50 -0.07 40.58
N CYS C 131 33.28 0.25 40.15
CA CYS C 131 33.04 0.90 38.87
C CYS C 131 32.19 2.15 39.08
N GLU C 132 32.44 3.17 38.26
CA GLU C 132 31.60 4.35 38.23
C GLU C 132 30.39 4.17 37.33
N VAL C 133 30.54 3.33 36.29
CA VAL C 133 29.48 2.93 35.38
C VAL C 133 29.64 1.44 35.11
N VAL C 134 28.53 0.70 35.01
CA VAL C 134 28.60 -0.68 34.52
C VAL C 134 27.59 -0.83 33.40
N ILE C 135 28.03 -1.49 32.33
CA ILE C 135 27.22 -1.77 31.15
C ILE C 135 26.85 -3.26 31.17
N ASN C 136 25.56 -3.57 30.95
CA ASN C 136 25.15 -4.96 30.76
C ASN C 136 24.28 -5.05 29.51
N TRP C 137 24.88 -5.38 28.38
CA TRP C 137 24.11 -5.52 27.14
C TRP C 137 23.34 -6.84 27.08
N GLY C 138 23.44 -7.69 28.10
CA GLY C 138 22.57 -8.84 28.21
C GLY C 138 21.35 -8.60 29.08
N GLY C 139 21.25 -7.46 29.73
CA GLY C 139 20.14 -7.15 30.59
C GLY C 139 19.20 -6.14 29.95
N GLY C 140 18.21 -5.72 30.75
CA GLY C 140 17.29 -4.67 30.36
C GLY C 140 15.87 -5.12 30.06
N TRP C 141 15.40 -6.19 30.72
CA TRP C 141 14.15 -6.81 30.32
C TRP C 141 12.98 -6.24 31.12
N HIS C 142 12.57 -5.02 30.72
CA HIS C 142 11.70 -4.15 31.51
C HIS C 142 10.23 -4.59 31.58
N HIS C 143 9.75 -5.52 30.74
CA HIS C 143 8.32 -5.87 30.75
C HIS C 143 7.95 -6.95 31.78
N ALA C 144 8.90 -7.74 32.26
CA ALA C 144 8.53 -8.86 33.14
C ALA C 144 7.83 -8.36 34.40
N LYS C 145 6.72 -8.99 34.78
CA LYS C 145 6.00 -8.58 35.99
C LYS C 145 6.23 -9.59 37.11
N ARG C 146 5.75 -9.26 38.32
CA ARG C 146 6.09 -10.13 39.45
C ARG C 146 5.59 -11.55 39.23
N SER C 147 4.43 -11.71 38.57
CA SER C 147 3.94 -13.06 38.30
C SER C 147 3.54 -13.27 36.85
N GLU C 148 4.26 -12.66 35.90
CA GLU C 148 3.85 -12.80 34.51
C GLU C 148 5.02 -12.48 33.58
N ALA C 149 5.25 -13.33 32.58
CA ALA C 149 6.15 -13.00 31.48
C ALA C 149 5.47 -12.05 30.51
N SER C 150 6.26 -11.18 29.88
CA SER C 150 5.66 -10.23 28.94
C SER C 150 6.71 -9.74 27.94
N GLY C 151 6.34 -9.73 26.66
CA GLY C 151 7.23 -9.10 25.67
C GLY C 151 8.61 -9.74 25.59
N PHE C 152 8.66 -11.07 25.62
CA PHE C 152 9.89 -11.88 25.72
C PHE C 152 10.76 -11.46 26.90
N CYS C 153 10.15 -10.88 27.92
CA CYS C 153 10.80 -10.64 29.21
C CYS C 153 10.24 -11.63 30.21
N TYR C 154 11.10 -12.52 30.72
CA TYR C 154 10.66 -13.55 31.68
C TYR C 154 10.99 -13.20 33.13
N LEU C 155 12.17 -12.64 33.39
CA LEU C 155 12.56 -12.14 34.71
C LEU C 155 13.00 -10.70 34.57
N ASN C 156 12.64 -9.87 35.54
CA ASN C 156 12.93 -8.44 35.44
C ASN C 156 14.26 -8.18 36.14
N ASP C 157 15.35 -8.32 35.37
CA ASP C 157 16.67 -8.04 35.93
C ASP C 157 16.79 -6.59 36.37
N ILE C 158 16.03 -5.68 35.75
CA ILE C 158 16.14 -4.27 36.09
C ILE C 158 15.59 -4.01 37.48
N VAL C 159 14.39 -4.54 37.76
CA VAL C 159 13.77 -4.34 39.07
C VAL C 159 14.67 -4.91 40.15
N LEU C 160 15.22 -6.10 39.91
CA LEU C 160 16.09 -6.71 40.91
C LEU C 160 17.35 -5.88 41.11
N ALA C 161 17.93 -5.36 40.03
CA ALA C 161 19.12 -4.52 40.15
C ALA C 161 18.81 -3.25 40.92
N ILE C 162 17.69 -2.58 40.58
CA ILE C 162 17.29 -1.38 41.29
C ILE C 162 17.07 -1.67 42.77
N HIS C 163 16.40 -2.77 43.08
CA HIS C 163 16.15 -3.13 44.48
C HIS C 163 17.45 -3.28 45.25
N ARG C 164 18.47 -3.91 44.64
CA ARG C 164 19.76 -4.00 45.31
C ARG C 164 20.35 -2.61 45.54
N LEU C 165 20.26 -1.74 44.53
CA LEU C 165 20.82 -0.39 44.64
C LEU C 165 20.12 0.42 45.72
N VAL C 166 18.78 0.43 45.70
CA VAL C 166 18.05 1.34 46.58
C VAL C 166 18.11 0.87 48.02
N SER C 167 18.45 -0.39 48.26
CA SER C 167 18.58 -0.93 49.60
CA SER C 167 18.57 -0.91 49.62
C SER C 167 20.00 -0.86 50.15
N SER C 168 20.93 -0.24 49.42
CA SER C 168 22.33 -0.18 49.83
C SER C 168 22.65 1.02 50.72
N GLN C 178 16.77 8.09 51.86
CA GLN C 178 17.88 8.94 51.45
C GLN C 178 18.53 8.43 50.15
N THR C 179 18.71 7.12 50.02
CA THR C 179 19.15 6.57 48.74
C THR C 179 17.98 6.61 47.76
N ARG C 180 18.16 7.29 46.64
CA ARG C 180 17.16 7.33 45.60
C ARG C 180 17.76 6.82 44.30
N VAL C 181 16.97 6.11 43.51
CA VAL C 181 17.40 5.68 42.18
C VAL C 181 16.51 6.37 41.16
N LEU C 182 17.12 6.93 40.13
CA LEU C 182 16.40 7.41 38.96
C LEU C 182 16.53 6.36 37.86
N TYR C 183 15.39 5.87 37.37
CA TYR C 183 15.37 4.91 36.28
C TYR C 183 14.94 5.61 34.99
N VAL C 184 15.74 5.47 33.93
CA VAL C 184 15.49 6.12 32.64
C VAL C 184 15.34 5.03 31.59
N ASP C 185 14.21 5.03 30.89
CA ASP C 185 13.87 3.94 29.98
C ASP C 185 13.77 4.53 28.57
N LEU C 186 14.80 4.31 27.76
CA LEU C 186 14.90 4.89 26.42
C LEU C 186 14.36 3.97 25.32
N ASP C 187 13.95 2.76 25.67
CA ASP C 187 13.41 1.80 24.73
C ASP C 187 12.22 2.38 23.96
N LEU C 188 11.98 1.85 22.75
CA LEU C 188 10.77 2.22 21.99
C LEU C 188 9.49 2.00 22.80
N HIS C 189 9.46 0.98 23.65
CA HIS C 189 8.26 0.58 24.36
C HIS C 189 8.23 1.14 25.80
N HIS C 190 7.03 1.36 26.32
CA HIS C 190 6.87 1.81 27.71
C HIS C 190 7.45 0.78 28.68
N GLY C 191 8.26 1.25 29.63
CA GLY C 191 8.85 0.37 30.62
C GLY C 191 7.85 0.02 31.71
N ASP C 192 6.80 -0.75 31.35
CA ASP C 192 5.68 -0.96 32.27
C ASP C 192 6.06 -1.80 33.49
N GLY C 193 6.90 -2.83 33.31
CA GLY C 193 7.20 -3.74 34.40
C GLY C 193 7.99 -3.08 35.52
N VAL C 194 8.98 -2.26 35.15
CA VAL C 194 9.75 -1.50 36.13
C VAL C 194 8.86 -0.49 36.82
N GLU C 195 8.08 0.25 36.03
CA GLU C 195 7.18 1.26 36.60
C GLU C 195 6.21 0.65 37.60
N GLU C 196 5.65 -0.52 37.25
CA GLU C 196 4.69 -1.14 38.15
C GLU C 196 5.34 -1.62 39.44
N ALA C 197 6.57 -2.15 39.34
CA ALA C 197 7.22 -2.71 40.52
C ALA C 197 7.39 -1.65 41.60
N PHE C 198 7.63 -0.41 41.20
CA PHE C 198 7.95 0.67 42.13
C PHE C 198 6.84 1.71 42.20
N TRP C 199 5.63 1.33 41.75
CA TRP C 199 4.48 2.23 41.72
C TRP C 199 4.22 2.89 43.06
N TYR C 200 4.45 2.16 44.15
CA TYR C 200 4.14 2.63 45.50
C TYR C 200 5.38 3.14 46.23
N SER C 201 6.50 3.29 45.53
CA SER C 201 7.78 3.59 46.16
CA SER C 201 7.77 3.60 46.18
C SER C 201 8.30 4.95 45.71
N PRO C 202 8.44 5.93 46.61
CA PRO C 202 9.02 7.23 46.21
C PRO C 202 10.50 7.16 45.93
N ARG C 203 11.22 6.16 46.45
CA ARG C 203 12.67 6.22 46.36
C ARG C 203 13.19 5.75 45.01
N VAL C 204 12.34 5.17 44.18
CA VAL C 204 12.71 4.81 42.81
C VAL C 204 11.83 5.64 41.89
N VAL C 205 12.41 6.63 41.23
CA VAL C 205 11.67 7.45 40.29
C VAL C 205 11.88 6.85 38.91
N THR C 206 10.79 6.56 38.21
CA THR C 206 10.89 5.93 36.89
C THR C 206 10.44 6.95 35.84
N PHE C 207 11.17 6.99 34.73
CA PHE C 207 10.88 7.89 33.61
C PHE C 207 11.03 7.08 32.34
N SER C 208 9.94 6.87 31.62
CA SER C 208 9.99 6.18 30.34
C SER C 208 9.58 7.13 29.23
N VAL C 209 10.38 7.15 28.16
CA VAL C 209 10.03 7.83 26.91
C VAL C 209 9.83 6.74 25.88
N HIS C 210 8.75 6.82 25.11
CA HIS C 210 8.36 5.67 24.30
C HIS C 210 7.34 6.12 23.26
N HIS C 211 7.13 5.26 22.27
CA HIS C 211 5.95 5.41 21.43
C HIS C 211 4.74 4.84 22.16
N ALA C 212 3.61 5.52 22.02
CA ALA C 212 2.32 4.95 22.42
C ALA C 212 1.28 5.34 21.40
N SER C 213 0.39 4.41 21.10
CA SER C 213 -0.72 4.61 20.18
C SER C 213 -1.69 3.45 20.34
N PRO C 214 -2.92 3.58 19.84
CA PRO C 214 -3.93 2.55 20.09
C PRO C 214 -3.52 1.20 19.56
N GLY C 215 -3.52 0.20 20.46
CA GLY C 215 -3.16 -1.14 20.09
C GLY C 215 -1.66 -1.43 20.10
N PHE C 216 -0.81 -0.43 20.35
CA PHE C 216 0.64 -0.63 20.37
C PHE C 216 1.10 -1.18 21.72
N PHE C 217 1.93 -2.21 21.68
CA PHE C 217 2.47 -2.88 22.88
C PHE C 217 3.27 -1.92 23.75
N PRO C 218 3.10 -1.99 25.09
CA PRO C 218 2.13 -2.81 25.82
C PRO C 218 0.84 -2.06 26.16
N GLY C 219 0.70 -0.79 25.75
CA GLY C 219 -0.54 -0.06 25.90
C GLY C 219 -0.53 1.00 26.99
N THR C 220 0.42 0.94 27.90
CA THR C 220 0.47 1.85 29.03
C THR C 220 1.44 3.00 28.75
N GLY C 221 1.66 3.84 29.75
CA GLY C 221 2.58 4.96 29.61
C GLY C 221 1.95 6.13 28.88
N THR C 222 0.64 6.26 28.96
CA THR C 222 -0.02 7.32 28.22
C THR C 222 -1.31 7.67 28.92
N TRP C 223 -2.09 8.54 28.30
CA TRP C 223 -3.33 9.02 28.91
C TRP C 223 -4.22 7.84 29.29
N ASN C 224 -4.86 7.96 30.46
CA ASN C 224 -5.71 6.91 31.00
C ASN C 224 -7.15 7.40 31.14
N PRO C 232 -8.94 13.00 30.12
CA PRO C 232 -7.83 12.05 30.26
C PRO C 232 -6.76 12.57 31.20
N ILE C 233 -6.18 11.68 31.99
CA ILE C 233 -5.14 12.03 32.95
C ILE C 233 -4.03 11.01 32.84
N PHE C 234 -2.83 11.40 33.28
CA PHE C 234 -1.74 10.48 33.47
C PHE C 234 -1.76 9.96 34.89
N LEU C 235 -1.84 8.64 35.06
CA LEU C 235 -1.50 8.04 36.33
C LEU C 235 0.01 8.12 36.55
N ASN C 236 0.43 8.29 37.81
CA ASN C 236 1.82 8.65 38.06
C ASN C 236 2.35 8.01 39.35
N GLY C 237 1.80 6.87 39.74
CA GLY C 237 2.15 6.22 40.99
C GLY C 237 1.07 6.43 42.03
N ALA C 238 1.24 5.77 43.19
CA ALA C 238 0.20 5.85 44.21
C ALA C 238 0.77 5.74 45.62
N GLY C 239 -0.07 6.10 46.60
CA GLY C 239 0.37 6.11 47.98
C GLY C 239 1.60 6.99 48.16
N ARG C 240 2.62 6.44 48.81
CA ARG C 240 3.87 7.17 48.97
C ARG C 240 4.58 7.36 47.63
N GLY C 241 4.24 6.57 46.62
CA GLY C 241 4.81 6.69 45.30
C GLY C 241 4.08 7.63 44.37
N ARG C 242 3.06 8.35 44.87
CA ARG C 242 2.38 9.30 44.00
C ARG C 242 3.37 10.29 43.43
N PHE C 243 3.19 10.62 42.15
CA PHE C 243 4.02 11.52 41.34
C PHE C 243 5.41 10.97 41.02
N SER C 244 5.72 9.71 41.35
CA SER C 244 7.06 9.16 41.15
C SER C 244 7.22 8.35 39.87
N ALA C 245 6.17 8.17 39.06
CA ALA C 245 6.26 7.45 37.79
C ALA C 245 5.99 8.44 36.64
N PHE C 246 7.02 8.71 35.84
CA PHE C 246 6.95 9.70 34.77
C PHE C 246 6.89 9.01 33.41
N ASN C 247 6.12 9.61 32.49
CA ASN C 247 6.01 9.07 31.14
C ASN C 247 5.95 10.18 30.12
N LEU C 248 6.63 9.97 28.99
CA LEU C 248 6.53 10.86 27.84
C LEU C 248 6.24 10.00 26.63
N PRO C 249 4.96 9.81 26.29
CA PRO C 249 4.63 9.12 25.05
C PRO C 249 4.80 10.04 23.86
N LEU C 250 5.35 9.50 22.78
CA LEU C 250 5.67 10.27 21.59
C LEU C 250 5.02 9.63 20.38
N GLU C 251 4.62 10.46 19.43
CA GLU C 251 4.09 9.98 18.17
C GLU C 251 5.22 9.41 17.32
N GLU C 252 4.85 8.59 16.34
CA GLU C 252 5.84 7.96 15.49
C GLU C 252 6.55 8.99 14.62
N GLY C 253 7.77 8.65 14.21
CA GLY C 253 8.50 9.44 13.23
C GLY C 253 9.56 10.37 13.78
N ILE C 254 9.71 10.46 15.10
CA ILE C 254 10.61 11.46 15.68
C ILE C 254 12.06 11.13 15.36
N ASN C 255 12.85 12.16 15.10
CA ASN C 255 14.25 12.04 14.75
C ASN C 255 15.15 12.32 15.95
N ASP C 256 16.47 12.27 15.72
CA ASP C 256 17.45 12.41 16.80
C ASP C 256 17.26 13.71 17.55
N LEU C 257 17.18 14.83 16.81
CA LEU C 257 17.19 16.15 17.42
C LEU C 257 15.94 16.37 18.25
N ASP C 258 14.76 16.04 17.70
CA ASP C 258 13.53 16.28 18.44
C ASP C 258 13.41 15.38 19.66
N TRP C 259 13.83 14.11 19.53
CA TRP C 259 13.84 13.22 20.70
C TRP C 259 14.83 13.74 21.75
N SER C 260 15.97 14.26 21.31
CA SER C 260 16.95 14.84 22.22
C SER C 260 16.37 16.06 22.94
N ASN C 261 15.76 16.98 22.19
CA ASN C 261 15.14 18.15 22.83
C ASN C 261 13.96 17.75 23.69
N ALA C 262 13.30 16.65 23.35
CA ALA C 262 12.14 16.20 24.10
C ALA C 262 12.56 15.75 25.50
N ILE C 263 13.62 14.96 25.61
CA ILE C 263 13.92 14.38 26.91
C ILE C 263 15.07 15.06 27.64
N GLY C 264 15.93 15.81 26.95
CA GLY C 264 17.06 16.46 27.57
C GLY C 264 16.75 17.31 28.79
N PRO C 265 15.88 18.32 28.65
CA PRO C 265 15.55 19.13 29.83
C PRO C 265 14.83 18.34 30.91
N ILE C 266 14.04 17.35 30.52
CA ILE C 266 13.37 16.55 31.54
C ILE C 266 14.38 15.75 32.34
N LEU C 267 15.36 15.14 31.66
CA LEU C 267 16.40 14.41 32.37
C LEU C 267 17.17 15.33 33.32
N ASP C 268 17.60 16.50 32.83
CA ASP C 268 18.36 17.42 33.67
C ASP C 268 17.54 17.85 34.88
N SER C 269 16.24 18.10 34.67
CA SER C 269 15.38 18.52 35.78
C SER C 269 15.16 17.39 36.77
N LEU C 270 15.01 16.15 36.28
CA LEU C 270 14.90 15.01 37.20
C LEU C 270 16.13 14.88 38.08
N ASN C 271 17.33 15.01 37.47
CA ASN C 271 18.55 14.94 38.26
C ASN C 271 18.61 16.05 39.31
N ILE C 272 18.27 17.28 38.92
CA ILE C 272 18.36 18.42 39.83
C ILE C 272 17.45 18.22 41.03
N VAL C 273 16.21 17.78 40.79
CA VAL C 273 15.25 17.72 41.88
C VAL C 273 15.40 16.43 42.68
N ILE C 274 15.53 15.28 42.00
CA ILE C 274 15.57 14.00 42.70
C ILE C 274 16.91 13.76 43.38
N GLN C 275 18.00 14.31 42.83
CA GLN C 275 19.35 14.08 43.33
C GLN C 275 19.62 12.58 43.56
N PRO C 276 19.49 11.75 42.53
CA PRO C 276 19.64 10.30 42.73
C PRO C 276 21.05 9.90 43.13
N SER C 277 21.13 8.82 43.91
CA SER C 277 22.41 8.21 44.24
C SER C 277 22.90 7.25 43.16
N TYR C 278 21.97 6.75 42.34
CA TYR C 278 22.25 5.85 41.23
C TYR C 278 21.28 6.18 40.12
N VAL C 279 21.74 6.02 38.88
CA VAL C 279 20.89 6.11 37.69
C VAL C 279 20.95 4.76 37.00
N VAL C 280 19.79 4.24 36.62
CA VAL C 280 19.72 3.02 35.83
C VAL C 280 19.07 3.39 34.50
N VAL C 281 19.75 3.09 33.39
CA VAL C 281 19.32 3.50 32.06
C VAL C 281 19.06 2.25 31.24
N GLN C 282 17.84 2.07 30.77
CA GLN C 282 17.53 1.03 29.81
C GLN C 282 17.72 1.63 28.41
N CYS C 283 18.57 1.02 27.61
CA CYS C 283 18.95 1.65 26.35
C CYS C 283 18.55 0.76 25.16
N GLY C 284 17.33 0.22 25.20
CA GLY C 284 16.76 -0.53 24.10
C GLY C 284 16.97 0.18 22.77
N ALA C 285 17.43 -0.55 21.76
CA ALA C 285 17.82 0.03 20.48
C ALA C 285 16.70 0.05 19.45
N ASP C 286 15.45 -0.17 19.86
CA ASP C 286 14.39 -0.31 18.86
C ASP C 286 13.83 1.03 18.41
N CYS C 287 14.38 2.14 18.91
CA CYS C 287 14.06 3.47 18.38
C CYS C 287 14.84 3.79 17.11
N LEU C 288 15.81 2.95 16.74
CA LEU C 288 16.60 3.20 15.55
C LEU C 288 15.71 3.21 14.31
N ALA C 289 16.02 4.12 13.38
CA ALA C 289 15.25 4.22 12.15
C ALA C 289 15.24 2.91 11.39
N THR C 290 16.28 2.09 11.56
CA THR C 290 16.42 0.83 10.85
C THR C 290 15.90 -0.36 11.65
N ASP C 291 15.39 -0.14 12.85
CA ASP C 291 14.75 -1.23 13.56
C ASP C 291 13.52 -1.69 12.77
N PRO C 292 13.23 -2.99 12.74
CA PRO C 292 12.07 -3.45 11.96
C PRO C 292 10.74 -2.87 12.43
N HIS C 293 10.64 -2.42 13.69
CA HIS C 293 9.43 -1.71 14.11
C HIS C 293 9.15 -0.48 13.25
N ARG C 294 10.20 0.18 12.74
CA ARG C 294 10.07 1.36 11.87
C ARG C 294 9.12 2.40 12.45
N ILE C 295 9.35 2.79 13.70
CA ILE C 295 8.48 3.74 14.39
C ILE C 295 9.20 5.06 14.65
N PHE C 296 10.34 5.04 15.34
CA PHE C 296 11.14 6.25 15.49
C PHE C 296 12.25 6.27 14.45
N ARG C 297 12.93 7.43 14.34
CA ARG C 297 13.98 7.56 13.35
C ARG C 297 15.30 7.97 14.00
N LEU C 298 15.65 7.32 15.10
CA LEU C 298 16.92 7.66 15.73
C LEU C 298 18.05 6.97 14.98
N THR C 299 19.28 7.46 15.19
CA THR C 299 20.45 6.91 14.55
C THR C 299 21.49 6.60 15.61
N ASN C 300 22.63 6.08 15.16
CA ASN C 300 23.85 6.03 15.97
C ASN C 300 24.89 7.06 15.49
N PHE C 301 24.48 8.13 14.81
CA PHE C 301 25.48 9.01 14.21
C PHE C 301 26.24 9.77 15.31
N TYR C 302 27.50 10.09 15.02
CA TYR C 302 28.34 10.78 15.99
C TYR C 302 29.31 11.69 15.24
N PRO C 303 28.92 12.95 14.99
CA PRO C 303 29.64 13.94 14.19
C PRO C 303 31.09 14.22 14.61
N LEU C 317 23.43 14.21 15.54
CA LEU C 317 23.91 13.45 16.69
C LEU C 317 22.83 12.50 17.20
N SER C 318 23.16 11.21 17.24
CA SER C 318 22.30 10.18 17.82
C SER C 318 21.62 10.66 19.08
N GLY C 319 20.29 10.56 19.12
CA GLY C 319 19.58 10.92 20.32
C GLY C 319 20.02 10.09 21.51
N TYR C 320 20.29 8.79 21.27
CA TYR C 320 20.82 7.92 22.31
C TYR C 320 22.12 8.46 22.88
N LEU C 321 23.06 8.80 22.01
CA LEU C 321 24.36 9.29 22.48
C LEU C 321 24.19 10.62 23.21
N TYR C 322 23.30 11.48 22.72
CA TYR C 322 23.01 12.74 23.42
C TYR C 322 22.53 12.45 24.84
N ALA C 323 21.56 11.54 24.98
CA ALA C 323 21.01 11.24 26.29
C ALA C 323 22.04 10.58 27.20
N ILE C 324 22.84 9.66 26.68
CA ILE C 324 23.82 8.99 27.52
C ILE C 324 24.88 9.97 28.01
N LYS C 325 25.36 10.81 27.09
CA LYS C 325 26.35 11.82 27.47
C LYS C 325 25.81 12.73 28.56
N LYS C 326 24.55 13.17 28.41
CA LYS C 326 23.96 14.04 29.42
C LYS C 326 23.91 13.34 30.77
N ILE C 327 23.38 12.12 30.80
CA ILE C 327 23.25 11.37 32.06
C ILE C 327 24.62 11.18 32.72
N LEU C 328 25.63 10.85 31.92
CA LEU C 328 26.97 10.65 32.45
C LEU C 328 27.58 11.94 32.97
N SER C 329 27.13 13.10 32.47
CA SER C 329 27.69 14.36 32.93
C SER C 329 27.27 14.70 34.36
N TRP C 330 26.23 14.05 34.88
CA TRP C 330 25.84 14.23 36.27
C TRP C 330 26.85 13.65 37.23
N LYS C 331 27.73 12.77 36.77
CA LYS C 331 28.72 12.10 37.61
C LYS C 331 28.05 11.33 38.75
N VAL C 332 26.98 10.62 38.43
CA VAL C 332 26.27 9.75 39.35
C VAL C 332 26.53 8.31 38.94
N PRO C 333 26.86 7.39 39.88
CA PRO C 333 27.05 5.99 39.50
C PRO C 333 25.87 5.49 38.67
N THR C 334 26.17 4.93 37.50
CA THR C 334 25.15 4.66 36.50
C THR C 334 25.24 3.22 36.04
N LEU C 335 24.09 2.60 35.87
CA LEU C 335 23.95 1.29 35.27
C LEU C 335 23.35 1.48 33.88
N ILE C 336 24.03 0.98 32.84
CA ILE C 336 23.53 1.09 31.48
C ILE C 336 23.15 -0.30 30.99
N LEU C 337 21.88 -0.51 30.65
CA LEU C 337 21.38 -1.81 30.25
C LEU C 337 20.93 -1.80 28.80
N GLY C 338 20.82 -3.01 28.23
CA GLY C 338 20.27 -3.23 26.91
C GLY C 338 18.75 -3.21 26.90
N GLY C 339 18.16 -4.11 26.12
CA GLY C 339 16.72 -4.22 25.99
C GLY C 339 16.34 -4.61 24.57
N GLY C 340 15.29 -3.99 24.04
CA GLY C 340 14.88 -4.23 22.67
C GLY C 340 15.96 -3.82 21.68
N GLY C 341 15.74 -4.20 20.44
CA GLY C 341 16.68 -3.95 19.36
C GLY C 341 16.70 -5.16 18.45
N TYR C 342 15.98 -5.08 17.32
CA TYR C 342 15.67 -6.26 16.52
C TYR C 342 16.39 -6.25 15.18
N ASN C 343 17.13 -5.21 14.88
CA ASN C 343 18.12 -5.22 13.81
C ASN C 343 19.43 -5.47 14.54
N PHE C 344 19.92 -6.73 14.53
CA PHE C 344 21.04 -7.06 15.42
C PHE C 344 22.30 -6.30 15.05
N PRO C 345 22.70 -6.22 13.77
CA PRO C 345 23.89 -5.44 13.45
C PRO C 345 23.77 -3.97 13.80
N ASP C 346 22.62 -3.33 13.56
CA ASP C 346 22.51 -1.91 13.91
C ASP C 346 22.44 -1.70 15.42
N THR C 347 21.89 -2.68 16.14
CA THR C 347 21.94 -2.62 17.60
C THR C 347 23.39 -2.71 18.09
N ALA C 348 24.16 -3.66 17.57
CA ALA C 348 25.59 -3.69 17.89
C ALA C 348 26.27 -2.37 17.54
N ARG C 349 25.95 -1.80 16.38
CA ARG C 349 26.56 -0.53 15.97
C ARG C 349 26.26 0.56 16.98
N LEU C 350 25.02 0.63 17.44
CA LEU C 350 24.64 1.66 18.39
C LEU C 350 25.34 1.43 19.72
N TRP C 351 25.23 0.21 20.27
CA TRP C 351 25.72 -0.02 21.62
C TRP C 351 27.24 -0.03 21.67
N THR C 352 27.91 -0.30 20.56
CA THR C 352 29.36 -0.11 20.50
C THR C 352 29.71 1.37 20.66
N ARG C 353 28.98 2.25 19.96
CA ARG C 353 29.18 3.69 20.14
C ARG C 353 28.83 4.14 21.56
N VAL C 354 27.74 3.63 22.13
CA VAL C 354 27.42 3.94 23.53
C VAL C 354 28.58 3.55 24.45
N THR C 355 29.14 2.35 24.23
CA THR C 355 30.24 1.88 25.06
C THR C 355 31.46 2.79 24.92
N ALA C 356 31.79 3.21 23.69
CA ALA C 356 32.94 4.09 23.49
C ALA C 356 32.72 5.45 24.15
N LEU C 357 31.52 6.03 23.95
CA LEU C 357 31.18 7.31 24.57
C LEU C 357 31.28 7.24 26.09
N THR C 358 30.84 6.12 26.69
CA THR C 358 30.92 5.95 28.13
C THR C 358 32.37 5.94 28.63
N ILE C 359 33.25 5.22 27.92
CA ILE C 359 34.68 5.28 28.22
C ILE C 359 35.19 6.72 28.13
N GLU C 360 34.85 7.42 27.03
CA GLU C 360 35.33 8.81 26.86
C GLU C 360 34.85 9.70 27.99
N GLU C 361 33.57 9.61 28.32
CA GLU C 361 32.99 10.53 29.27
C GLU C 361 33.46 10.25 30.69
N VAL C 362 33.67 8.98 31.03
CA VAL C 362 34.00 8.61 32.40
C VAL C 362 35.49 8.69 32.64
N LYS C 363 36.29 8.18 31.71
CA LYS C 363 37.75 8.20 31.83
C LYS C 363 38.38 9.48 31.28
N GLY C 364 37.66 10.26 30.47
CA GLY C 364 38.31 11.38 29.81
C GLY C 364 39.32 10.94 28.78
N LYS C 365 39.18 9.74 28.24
CA LYS C 365 40.12 9.14 27.32
C LYS C 365 39.49 9.06 25.93
N LYS C 366 40.17 9.60 24.92
CA LYS C 366 39.58 9.64 23.60
C LYS C 366 39.43 8.24 23.03
N MET C 367 38.26 7.94 22.48
CA MET C 367 37.97 6.66 21.84
C MET C 367 37.65 6.95 20.38
N THR C 368 38.58 6.66 19.49
CA THR C 368 38.38 6.92 18.07
C THR C 368 37.98 5.62 17.40
N ILE C 369 36.80 5.64 16.79
CA ILE C 369 36.23 4.46 16.16
C ILE C 369 36.31 4.65 14.65
N SER C 370 36.97 3.74 13.96
CA SER C 370 37.04 3.82 12.50
C SER C 370 35.64 3.66 11.90
N PRO C 371 35.31 4.40 10.83
CA PRO C 371 34.00 4.19 10.19
C PRO C 371 33.87 2.84 9.49
N GLU C 372 34.96 2.16 9.16
CA GLU C 372 34.86 0.82 8.60
C GLU C 372 34.83 -0.20 9.74
N ILE C 373 33.88 -1.13 9.66
CA ILE C 373 33.81 -2.23 10.62
C ILE C 373 35.11 -3.02 10.58
N PRO C 374 35.76 -3.29 11.71
CA PRO C 374 37.01 -4.04 11.70
C PRO C 374 36.78 -5.52 11.40
N GLU C 375 37.86 -6.15 10.97
CA GLU C 375 37.86 -7.60 10.79
C GLU C 375 37.49 -8.32 12.09
N HIS C 376 36.51 -9.21 12.01
CA HIS C 376 36.18 -10.12 13.10
C HIS C 376 35.17 -11.13 12.54
N SER C 377 34.85 -12.14 13.34
CA SER C 377 34.13 -13.27 12.76
C SER C 377 32.67 -12.98 12.45
N TYR C 378 32.11 -11.86 12.92
CA TYR C 378 30.79 -11.42 12.47
C TYR C 378 30.83 -10.29 11.45
N PHE C 379 32.00 -10.00 10.88
CA PHE C 379 32.14 -8.92 9.91
C PHE C 379 31.09 -9.00 8.79
N SER C 380 30.81 -10.21 8.30
CA SER C 380 29.87 -10.35 7.18
C SER C 380 28.45 -9.94 7.56
N ARG C 381 28.15 -9.82 8.85
CA ARG C 381 26.81 -9.41 9.27
C ARG C 381 26.58 -7.90 9.07
N TYR C 382 27.61 -7.14 8.73
CA TYR C 382 27.54 -5.69 8.58
C TYR C 382 27.48 -5.26 7.12
N GLY C 383 27.16 -6.17 6.21
CA GLY C 383 27.06 -5.83 4.80
C GLY C 383 25.85 -4.97 4.55
N PRO C 384 25.76 -4.37 3.34
CA PRO C 384 26.74 -4.43 2.24
C PRO C 384 27.79 -3.33 2.32
N ASP C 385 27.61 -2.38 3.26
CA ASP C 385 28.47 -1.24 3.42
C ASP C 385 29.66 -1.49 4.34
N PHE C 386 29.47 -2.35 5.34
CA PHE C 386 30.50 -2.64 6.34
C PHE C 386 30.99 -1.36 7.01
N GLU C 387 30.06 -0.46 7.31
CA GLU C 387 30.40 0.76 8.02
C GLU C 387 29.67 0.82 9.34
N LEU C 388 30.19 1.67 10.23
CA LEU C 388 29.68 1.77 11.59
C LEU C 388 28.37 2.56 11.66
N ASP C 389 28.24 3.65 10.89
CA ASP C 389 26.97 4.38 10.86
C ASP C 389 25.88 3.48 10.28
N ILE C 390 24.69 3.50 10.88
CA ILE C 390 23.60 2.74 10.29
C ILE C 390 23.28 3.30 8.91
N ASP C 391 22.75 2.43 8.05
CA ASP C 391 22.47 2.74 6.65
C ASP C 391 21.10 3.44 6.57
N TYR C 392 21.11 4.72 6.89
CA TYR C 392 19.87 5.49 6.96
C TYR C 392 20.18 6.92 6.58
N PHE C 393 19.27 7.52 5.83
CA PHE C 393 19.42 8.90 5.37
C PHE C 393 18.34 9.77 5.98
N PRO C 394 18.64 10.49 7.06
CA PRO C 394 17.61 11.33 7.69
C PRO C 394 17.07 12.36 6.71
N HIS C 395 15.78 12.63 6.81
CA HIS C 395 15.13 13.53 5.85
C HIS C 395 13.98 14.29 6.50
N ASP C 403 3.58 19.71 16.11
CA ASP C 403 4.10 18.43 16.57
C ASP C 403 4.88 18.59 17.88
N SER C 404 4.88 19.79 18.44
CA SER C 404 5.65 20.03 19.65
C SER C 404 4.96 19.42 20.86
N ILE C 405 5.67 19.42 21.99
CA ILE C 405 5.21 18.72 23.18
C ILE C 405 5.42 19.59 24.41
N GLN C 406 5.31 20.91 24.26
CA GLN C 406 5.58 21.80 25.39
C GLN C 406 4.58 21.58 26.52
N LYS C 407 3.35 21.18 26.21
CA LYS C 407 2.41 20.87 27.28
C LYS C 407 2.82 19.63 28.07
N HIS C 408 3.50 18.67 27.43
CA HIS C 408 4.04 17.54 28.19
C HIS C 408 5.13 18.00 29.13
N HIS C 409 6.01 18.88 28.66
CA HIS C 409 7.01 19.46 29.54
C HIS C 409 6.37 20.12 30.75
N ARG C 410 5.33 20.92 30.51
CA ARG C 410 4.70 21.63 31.62
C ARG C 410 4.06 20.64 32.58
N ARG C 411 3.38 19.63 32.03
CA ARG C 411 2.76 18.62 32.87
C ARG C 411 3.81 17.85 33.67
N ILE C 412 4.92 17.48 33.04
CA ILE C 412 5.93 16.69 33.73
C ILE C 412 6.62 17.52 34.80
N LEU C 413 6.92 18.79 34.52
CA LEU C 413 7.53 19.63 35.56
C LEU C 413 6.57 19.84 36.73
N GLU C 414 5.27 19.93 36.44
CA GLU C 414 4.32 20.07 37.54
C GLU C 414 4.30 18.81 38.39
N GLN C 415 4.34 17.63 37.74
CA GLN C 415 4.46 16.39 38.48
C GLN C 415 5.74 16.36 39.30
N LEU C 416 6.84 16.84 38.73
CA LEU C 416 8.10 16.84 39.48
C LEU C 416 8.01 17.74 40.71
N ARG C 417 7.35 18.89 40.59
CA ARG C 417 7.16 19.75 41.76
C ARG C 417 6.26 19.08 42.80
N ASN C 418 5.20 18.40 42.35
CA ASN C 418 4.35 17.65 43.26
C ASN C 418 5.13 16.55 43.98
N TYR C 419 6.01 15.86 43.25
CA TYR C 419 6.84 14.83 43.88
C TYR C 419 7.76 15.44 44.93
N ALA C 420 8.38 16.59 44.61
CA ALA C 420 9.29 17.23 45.55
C ALA C 420 8.55 17.67 46.82
N ASP C 421 7.34 18.22 46.67
CA ASP C 421 6.56 18.63 47.83
C ASP C 421 6.14 17.43 48.68
N LEU C 422 5.61 16.39 48.03
CA LEU C 422 5.15 15.22 48.78
C LEU C 422 6.28 14.61 49.60
N ASN C 423 7.49 14.62 49.06
CA ASN C 423 8.61 13.95 49.68
C ASN C 423 9.52 14.89 50.45
N LYS C 424 9.11 16.16 50.62
CA LYS C 424 9.85 17.16 51.40
C LYS C 424 11.26 17.38 50.85
N LEU C 425 11.37 17.55 49.55
CA LEU C 425 12.64 17.80 48.89
C LEU C 425 12.70 19.23 48.38
N ILE C 426 13.90 19.79 48.38
CA ILE C 426 14.12 21.11 47.80
C ILE C 426 13.72 21.08 46.33
N TYR C 427 12.81 21.96 45.94
CA TYR C 427 12.50 22.22 44.54
C TYR C 427 13.21 23.51 44.16
N ASP C 428 14.31 23.37 43.43
CA ASP C 428 15.15 24.52 43.09
C ASP C 428 14.60 25.17 41.81
N TYR C 429 13.58 26.00 42.00
CA TYR C 429 12.92 26.68 40.88
C TYR C 429 13.92 27.42 39.99
N ASP C 430 14.82 28.19 40.61
CA ASP C 430 15.77 28.97 39.83
C ASP C 430 16.59 28.09 38.89
N GLN C 431 17.07 26.95 39.39
CA GLN C 431 17.91 26.10 38.55
C GLN C 431 17.12 25.46 37.42
N VAL C 432 15.93 24.96 37.71
CA VAL C 432 15.10 24.37 36.65
C VAL C 432 14.71 25.44 35.65
N TYR C 433 14.35 26.63 36.14
CA TYR C 433 13.98 27.72 35.25
C TYR C 433 15.14 28.04 34.30
N GLN C 434 16.35 28.20 34.83
CA GLN C 434 17.48 28.54 33.98
C GLN C 434 17.78 27.43 33.00
N LEU C 435 17.63 26.18 33.42
CA LEU C 435 17.75 25.04 32.51
C LEU C 435 16.81 25.20 31.32
N TYR C 436 15.52 25.38 31.58
CA TYR C 436 14.57 25.53 30.48
C TYR C 436 14.74 26.85 29.74
N ASN C 437 15.22 27.90 30.41
CA ASN C 437 15.34 29.15 29.70
C ASN C 437 16.49 29.15 28.70
N LEU C 438 17.40 28.17 28.79
CA LEU C 438 18.42 28.02 27.76
C LEU C 438 17.79 27.85 26.37
N THR C 439 16.57 27.30 26.31
CA THR C 439 15.84 27.18 25.04
C THR C 439 14.65 28.12 24.98
N GLY C 440 14.66 29.19 25.77
CA GLY C 440 13.56 30.13 25.79
C GLY C 440 12.26 29.60 26.36
N MET C 441 12.29 28.49 27.07
CA MET C 441 11.10 27.82 27.58
C MET C 441 10.99 27.92 29.10
N GLY C 442 11.62 28.92 29.71
CA GLY C 442 11.55 29.06 31.16
C GLY C 442 10.14 29.21 31.67
N SER C 443 9.23 29.75 30.86
CA SER C 443 7.84 29.94 31.27
C SER C 443 7.11 28.63 31.55
N LEU C 444 7.62 27.48 31.07
CA LEU C 444 6.95 26.22 31.34
C LEU C 444 7.22 25.69 32.75
N VAL C 445 8.17 26.27 33.47
CA VAL C 445 8.57 25.77 34.79
C VAL C 445 7.63 26.30 35.87
N PRO C 446 6.98 25.43 36.63
CA PRO C 446 6.10 25.89 37.71
C PRO C 446 6.90 26.32 38.93
N ARG C 447 6.37 27.30 39.65
CA ARG C 447 7.09 27.80 40.82
C ARG C 447 6.87 26.92 42.04
N SER D 3 -8.80 -27.64 24.99
CA SER D 3 -8.62 -26.49 25.88
C SER D 3 -9.65 -25.41 25.57
N VAL D 4 -10.14 -24.72 26.61
CA VAL D 4 -11.08 -23.62 26.45
C VAL D 4 -10.36 -22.34 26.84
N GLY D 5 -10.25 -21.41 25.88
CA GLY D 5 -9.67 -20.12 26.17
C GLY D 5 -10.74 -19.08 26.48
N ILE D 6 -10.32 -18.01 27.15
CA ILE D 6 -11.20 -16.88 27.42
C ILE D 6 -10.35 -15.61 27.41
N VAL D 7 -10.83 -14.58 26.71
CA VAL D 7 -10.05 -13.35 26.56
C VAL D 7 -10.24 -12.49 27.80
N TYR D 8 -9.15 -12.16 28.48
CA TYR D 8 -9.17 -11.10 29.47
C TYR D 8 -7.75 -10.58 29.69
N GLY D 9 -7.67 -9.54 30.51
CA GLY D 9 -6.43 -8.87 30.85
C GLY D 9 -6.78 -7.59 31.56
N ASP D 10 -5.84 -7.01 32.31
CA ASP D 10 -6.16 -5.84 33.12
C ASP D 10 -6.57 -4.64 32.26
N GLN D 11 -5.74 -4.30 31.26
CA GLN D 11 -6.09 -3.19 30.38
C GLN D 11 -7.35 -3.49 29.60
N TYR D 12 -7.51 -4.75 29.16
CA TYR D 12 -8.69 -5.13 28.39
C TYR D 12 -9.96 -4.89 29.20
N ARG D 13 -9.95 -5.30 30.48
CA ARG D 13 -11.10 -5.05 31.34
C ARG D 13 -11.37 -3.56 31.49
N GLN D 14 -10.31 -2.77 31.72
CA GLN D 14 -10.48 -1.33 31.83
C GLN D 14 -11.18 -0.77 30.61
N LEU D 15 -10.67 -1.11 29.42
CA LEU D 15 -11.23 -0.56 28.19
C LEU D 15 -12.65 -1.06 27.94
N CYS D 16 -12.89 -2.37 28.12
CA CYS D 16 -14.24 -2.91 27.93
C CYS D 16 -15.24 -2.30 28.89
N CYS D 17 -14.78 -1.73 30.00
CA CYS D 17 -15.65 -1.07 30.97
C CYS D 17 -15.67 0.45 30.82
N SER D 18 -15.15 1.01 29.73
CA SER D 18 -15.00 2.46 29.64
C SER D 18 -16.12 3.13 28.83
N SER D 19 -17.16 2.36 28.38
CA SER D 19 -18.13 3.06 27.53
C SER D 19 -19.34 3.50 28.35
N PRO D 20 -20.05 4.54 27.93
CA PRO D 20 -21.26 4.92 28.67
C PRO D 20 -22.37 3.89 28.56
N LYS D 21 -22.51 3.20 27.43
CA LYS D 21 -23.67 2.32 27.28
C LYS D 21 -23.50 1.02 28.06
N PHE D 22 -22.30 0.44 28.04
CA PHE D 22 -22.11 -0.87 28.65
C PHE D 22 -21.47 -0.81 30.02
N GLY D 23 -21.09 0.38 30.49
CA GLY D 23 -20.58 0.54 31.84
C GLY D 23 -19.66 -0.57 32.28
N ASP D 24 -19.92 -1.16 33.45
CA ASP D 24 -19.03 -2.17 34.00
C ASP D 24 -19.51 -3.60 33.75
N ARG D 25 -20.38 -3.79 32.74
CA ARG D 25 -20.95 -5.11 32.49
C ARG D 25 -19.86 -6.17 32.35
N TYR D 26 -18.78 -5.85 31.62
CA TYR D 26 -17.74 -6.84 31.38
C TYR D 26 -17.06 -7.24 32.68
N ALA D 27 -16.87 -6.29 33.59
CA ALA D 27 -16.33 -6.60 34.92
C ALA D 27 -17.25 -7.54 35.70
N LEU D 28 -18.56 -7.28 35.69
CA LEU D 28 -19.48 -8.18 36.37
C LEU D 28 -19.40 -9.59 35.79
N VAL D 29 -19.38 -9.69 34.45
CA VAL D 29 -19.32 -10.99 33.78
C VAL D 29 -18.08 -11.75 34.23
N MET D 30 -16.92 -11.11 34.13
CA MET D 30 -15.67 -11.82 34.40
C MET D 30 -15.49 -12.09 35.88
N ASP D 31 -16.03 -11.22 36.75
CA ASP D 31 -15.93 -11.47 38.18
C ASP D 31 -16.88 -12.55 38.67
N LEU D 32 -18.03 -12.71 38.01
CA LEU D 32 -18.91 -13.82 38.39
C LEU D 32 -18.34 -15.15 37.92
N ILE D 33 -17.73 -15.16 36.74
CA ILE D 33 -16.99 -16.34 36.29
C ILE D 33 -15.90 -16.68 37.30
N ASN D 34 -15.19 -15.66 37.79
CA ASN D 34 -14.11 -15.87 38.74
C ASN D 34 -14.67 -16.31 40.10
N ALA D 35 -15.78 -15.69 40.53
CA ALA D 35 -16.41 -16.05 41.80
C ALA D 35 -16.81 -17.51 41.83
N TYR D 36 -17.24 -18.06 40.70
CA TYR D 36 -17.62 -19.46 40.61
C TYR D 36 -16.43 -20.38 40.34
N LYS D 37 -15.20 -19.84 40.42
CA LYS D 37 -13.97 -20.63 40.36
C LYS D 37 -13.79 -21.33 39.02
N LEU D 38 -14.24 -20.68 37.94
CA LEU D 38 -14.04 -21.18 36.58
C LEU D 38 -12.71 -20.77 35.97
N ILE D 39 -12.11 -19.67 36.45
CA ILE D 39 -10.88 -19.16 35.81
C ILE D 39 -9.76 -20.20 35.77
N PRO D 40 -9.50 -20.98 36.82
CA PRO D 40 -8.44 -22.00 36.72
C PRO D 40 -8.68 -23.05 35.64
N GLU D 41 -9.93 -23.28 35.21
CA GLU D 41 -10.22 -24.23 34.14
C GLU D 41 -10.00 -23.64 32.75
N LEU D 42 -9.74 -22.34 32.64
CA LEU D 42 -9.71 -21.65 31.36
C LEU D 42 -8.31 -21.13 31.06
N SER D 43 -7.94 -21.18 29.80
CA SER D 43 -6.70 -20.60 29.30
CA SER D 43 -6.70 -20.59 29.31
C SER D 43 -6.93 -19.12 28.96
N ARG D 44 -6.18 -18.23 29.59
CA ARG D 44 -6.31 -16.81 29.27
C ARG D 44 -5.73 -16.54 27.90
N VAL D 45 -6.53 -15.94 27.03
CA VAL D 45 -6.09 -15.53 25.70
C VAL D 45 -5.83 -14.03 25.76
N PRO D 46 -4.57 -13.58 25.64
CA PRO D 46 -4.29 -12.16 25.69
C PRO D 46 -4.79 -11.46 24.44
N PRO D 47 -5.41 -10.29 24.58
CA PRO D 47 -5.80 -9.52 23.40
C PRO D 47 -4.60 -9.22 22.52
N LEU D 48 -4.84 -9.20 21.22
CA LEU D 48 -3.75 -8.95 20.26
C LEU D 48 -3.26 -7.52 20.37
N GLN D 49 -1.94 -7.34 20.26
CA GLN D 49 -1.37 -6.00 20.14
C GLN D 49 -0.48 -5.98 18.90
N TRP D 50 -0.23 -4.78 18.38
CA TRP D 50 0.46 -4.64 17.10
C TRP D 50 1.83 -4.03 17.28
N ASP D 51 2.64 -4.17 16.22
CA ASP D 51 4.03 -3.72 16.21
C ASP D 51 4.16 -2.26 15.81
N SER D 52 3.09 -1.63 15.35
CA SER D 52 3.15 -0.28 14.81
C SER D 52 1.74 0.19 14.53
N PRO D 53 1.56 1.51 14.44
CA PRO D 53 0.28 2.03 13.94
C PRO D 53 -0.09 1.49 12.58
N SER D 54 0.88 1.37 11.65
CA SER D 54 0.57 0.83 10.33
C SER D 54 0.03 -0.59 10.41
N ARG D 55 0.64 -1.44 11.24
CA ARG D 55 0.12 -2.80 11.39
C ARG D 55 -1.28 -2.82 11.98
N MET D 56 -1.59 -1.89 12.89
CA MET D 56 -2.93 -1.85 13.45
C MET D 56 -3.95 -1.43 12.39
N TYR D 57 -3.63 -0.38 11.63
CA TYR D 57 -4.51 0.07 10.56
C TYR D 57 -4.70 -1.01 9.52
N GLU D 58 -3.60 -1.66 9.12
CA GLU D 58 -3.72 -2.78 8.19
C GLU D 58 -4.72 -3.82 8.68
N ALA D 59 -4.70 -4.11 9.98
CA ALA D 59 -5.59 -5.13 10.54
C ALA D 59 -7.05 -4.69 10.48
N VAL D 60 -7.33 -3.47 10.95
CA VAL D 60 -8.72 -3.03 11.06
C VAL D 60 -9.28 -2.73 9.68
N THR D 61 -8.46 -2.19 8.77
CA THR D 61 -8.93 -1.89 7.43
C THR D 61 -8.98 -3.13 6.52
N ALA D 62 -8.73 -4.32 7.06
CA ALA D 62 -9.13 -5.54 6.35
C ALA D 62 -10.63 -5.54 6.08
N PHE D 63 -11.40 -4.85 6.92
CA PHE D 63 -12.82 -4.67 6.70
C PHE D 63 -13.21 -3.21 6.58
N HIS D 64 -12.83 -2.38 7.56
CA HIS D 64 -13.29 -1.00 7.62
C HIS D 64 -12.47 -0.12 6.68
N SER D 65 -13.10 0.95 6.19
CA SER D 65 -12.38 1.87 5.32
C SER D 65 -11.40 2.70 6.15
N THR D 66 -10.32 3.14 5.50
CA THR D 66 -9.35 3.98 6.21
C THR D 66 -10.01 5.27 6.67
N GLU D 67 -10.86 5.88 5.83
CA GLU D 67 -11.47 7.15 6.23
C GLU D 67 -12.36 6.98 7.44
N TYR D 68 -13.05 5.85 7.58
CA TYR D 68 -13.87 5.66 8.79
C TYR D 68 -12.99 5.46 10.01
N VAL D 69 -11.92 4.67 9.89
CA VAL D 69 -11.04 4.48 11.05
C VAL D 69 -10.43 5.80 11.47
N ASP D 70 -10.00 6.61 10.50
CA ASP D 70 -9.48 7.95 10.78
C ASP D 70 -10.50 8.77 11.56
N ALA D 71 -11.77 8.75 11.12
CA ALA D 71 -12.81 9.51 11.81
C ALA D 71 -13.07 9.00 13.23
N LEU D 72 -13.11 7.67 13.39
CA LEU D 72 -13.29 7.12 14.75
C LEU D 72 -12.17 7.58 15.67
N LYS D 73 -10.93 7.54 15.19
CA LYS D 73 -9.80 8.02 15.97
C LYS D 73 -9.91 9.51 16.24
N LYS D 74 -10.30 10.29 15.24
CA LYS D 74 -10.46 11.72 15.44
C LYS D 74 -11.58 12.00 16.45
N LEU D 75 -12.67 11.24 16.37
CA LEU D 75 -13.76 11.38 17.32
C LEU D 75 -13.28 11.20 18.77
N GLN D 76 -12.43 10.22 19.00
CA GLN D 76 -11.87 10.04 20.35
C GLN D 76 -11.00 11.23 20.75
N MET D 77 -10.11 11.66 19.85
CA MET D 77 -9.27 12.82 20.15
C MET D 77 -10.12 14.04 20.49
N LEU D 78 -11.19 14.27 19.73
CA LEU D 78 -12.05 15.43 19.98
C LEU D 78 -12.74 15.33 21.33
N HIS D 79 -13.12 14.12 21.74
CA HIS D 79 -13.77 13.99 23.04
C HIS D 79 -12.79 13.99 24.19
N CYS D 80 -11.48 14.02 23.91
CA CYS D 80 -10.47 14.20 24.94
C CYS D 80 -10.05 15.66 25.09
N GLU D 81 -10.62 16.56 24.29
CA GLU D 81 -10.54 18.00 24.51
C GLU D 81 -11.92 18.51 24.91
N GLU D 82 -11.96 19.50 25.79
CA GLU D 82 -13.26 19.89 26.33
C GLU D 82 -14.02 20.87 25.44
N LYS D 83 -13.46 21.31 24.33
CA LYS D 83 -14.17 22.23 23.44
C LYS D 83 -15.09 21.45 22.49
N GLU D 84 -16.23 22.06 22.17
CA GLU D 84 -17.24 21.40 21.36
C GLU D 84 -16.72 21.16 19.94
N LEU D 85 -17.42 20.29 19.22
CA LEU D 85 -17.08 20.03 17.83
C LEU D 85 -17.40 21.23 16.95
N THR D 86 -16.59 21.42 15.93
CA THR D 86 -16.92 22.39 14.90
C THR D 86 -18.04 21.83 14.01
N ALA D 87 -18.67 22.73 13.25
CA ALA D 87 -19.70 22.30 12.31
C ALA D 87 -19.14 21.33 11.28
N ASP D 88 -17.92 21.58 10.81
CA ASP D 88 -17.32 20.68 9.85
C ASP D 88 -17.07 19.31 10.45
N ASP D 89 -16.60 19.26 11.70
CA ASP D 89 -16.37 17.99 12.34
C ASP D 89 -17.66 17.25 12.62
N GLU D 90 -18.73 17.96 12.99
CA GLU D 90 -20.03 17.32 13.14
C GLU D 90 -20.48 16.66 11.85
N LEU D 91 -20.38 17.38 10.73
CA LEU D 91 -20.71 16.82 9.40
C LEU D 91 -19.89 15.57 9.11
N LEU D 92 -18.58 15.63 9.36
CA LEU D 92 -17.73 14.46 9.15
C LEU D 92 -18.21 13.26 9.98
N MET D 93 -18.48 13.47 11.27
CA MET D 93 -18.96 12.36 12.11
C MET D 93 -20.30 11.86 11.62
N ASP D 94 -21.19 12.78 11.23
CA ASP D 94 -22.49 12.37 10.71
C ASP D 94 -22.34 11.48 9.48
N SER D 95 -21.32 11.74 8.66
CA SER D 95 -21.17 10.98 7.43
C SER D 95 -20.78 9.53 7.69
N PHE D 96 -20.34 9.21 8.91
CA PHE D 96 -20.06 7.84 9.32
C PHE D 96 -21.03 7.32 10.37
N SER D 97 -22.13 8.05 10.57
CA SER D 97 -23.14 7.73 11.58
CA SER D 97 -23.14 7.73 11.57
C SER D 97 -22.53 7.67 12.98
N LEU D 98 -21.46 8.44 13.19
CA LEU D 98 -20.86 8.53 14.51
C LEU D 98 -21.64 9.59 15.30
N ASN D 99 -22.89 9.25 15.61
CA ASN D 99 -23.82 10.16 16.27
C ASN D 99 -24.97 9.34 16.86
N TYR D 100 -25.88 10.04 17.54
CA TYR D 100 -27.08 9.44 18.10
C TYR D 100 -26.77 8.21 18.96
N ASP D 101 -27.07 7.00 18.47
CA ASP D 101 -26.80 5.80 19.27
C ASP D 101 -25.34 5.38 19.25
N CYS D 102 -24.50 6.02 18.44
CA CYS D 102 -23.06 5.76 18.41
C CYS D 102 -22.30 7.05 18.66
N PRO D 103 -22.47 7.65 19.84
CA PRO D 103 -21.81 8.92 20.11
C PRO D 103 -20.33 8.74 20.40
N GLY D 104 -19.62 9.86 20.38
CA GLY D 104 -18.25 9.87 20.88
C GLY D 104 -18.18 9.83 22.40
N PHE D 105 -17.03 9.39 22.89
CA PHE D 105 -16.66 9.51 24.29
C PHE D 105 -15.15 9.39 24.38
N PRO D 106 -14.54 9.77 25.51
CA PRO D 106 -13.08 9.94 25.52
C PRO D 106 -12.30 8.69 25.13
N SER D 107 -12.88 7.50 25.26
CA SER D 107 -12.15 6.29 24.93
C SER D 107 -12.78 5.51 23.77
N VAL D 108 -13.57 6.17 22.92
CA VAL D 108 -14.41 5.45 21.96
C VAL D 108 -13.55 4.60 21.02
N PHE D 109 -12.38 5.09 20.61
CA PHE D 109 -11.54 4.30 19.72
C PHE D 109 -10.85 3.14 20.44
N ASP D 110 -10.16 3.41 21.57
CA ASP D 110 -9.51 2.32 22.29
C ASP D 110 -10.52 1.26 22.73
N TYR D 111 -11.72 1.70 23.10
CA TYR D 111 -12.77 0.77 23.51
C TYR D 111 -13.18 -0.16 22.37
N SER D 112 -13.46 0.42 21.20
CA SER D 112 -13.88 -0.34 20.02
C SER D 112 -12.76 -1.23 19.52
N LEU D 113 -11.54 -0.68 19.44
CA LEU D 113 -10.37 -1.45 19.05
C LEU D 113 -10.13 -2.63 20.00
N ALA D 114 -10.37 -2.43 21.30
CA ALA D 114 -10.12 -3.50 22.26
C ALA D 114 -10.87 -4.76 21.87
N ALA D 115 -12.15 -4.62 21.49
CA ALA D 115 -12.95 -5.77 21.08
C ALA D 115 -12.30 -6.47 19.89
N VAL D 116 -11.81 -5.70 18.93
CA VAL D 116 -11.10 -6.28 17.79
C VAL D 116 -9.86 -7.03 18.25
N GLN D 117 -9.08 -6.43 19.15
CA GLN D 117 -7.89 -7.10 19.68
C GLN D 117 -8.24 -8.43 20.33
N GLY D 118 -9.31 -8.46 21.14
CA GLY D 118 -9.68 -9.70 21.78
C GLY D 118 -10.15 -10.78 20.81
N SER D 119 -11.02 -10.41 19.87
CA SER D 119 -11.57 -11.44 18.99
C SER D 119 -10.55 -11.92 17.96
N LEU D 120 -9.64 -11.05 17.51
CA LEU D 120 -8.56 -11.49 16.63
C LEU D 120 -7.64 -12.48 17.35
N ALA D 121 -7.28 -12.18 18.60
CA ALA D 121 -6.48 -13.13 19.38
C ALA D 121 -7.23 -14.44 19.58
N ALA D 122 -8.55 -14.37 19.77
CA ALA D 122 -9.29 -15.62 19.94
C ALA D 122 -9.26 -16.46 18.67
N ALA D 123 -9.41 -15.82 17.51
CA ALA D 123 -9.31 -16.56 16.25
C ALA D 123 -7.94 -17.20 16.09
N SER D 124 -6.87 -16.44 16.40
CA SER D 124 -5.52 -17.01 16.31
C SER D 124 -5.34 -18.19 17.26
N ALA D 125 -5.90 -18.10 18.47
CA ALA D 125 -5.80 -19.22 19.41
C ALA D 125 -6.47 -20.47 18.84
N LEU D 126 -7.57 -20.29 18.09
CA LEU D 126 -8.19 -21.43 17.40
C LEU D 126 -7.35 -21.93 16.23
N ILE D 127 -6.83 -21.01 15.43
CA ILE D 127 -6.13 -21.37 14.20
C ILE D 127 -4.90 -22.23 14.51
N CYS D 128 -4.11 -21.81 15.48
CA CYS D 128 -2.93 -22.56 15.88
CA CYS D 128 -2.93 -22.56 15.89
C CYS D 128 -3.24 -23.74 16.79
N ARG D 129 -4.53 -23.98 17.09
CA ARG D 129 -5.01 -25.10 17.88
C ARG D 129 -4.57 -25.05 19.35
N HIS D 130 -4.19 -23.89 19.87
CA HIS D 130 -3.98 -23.80 21.31
C HIS D 130 -5.27 -24.11 22.07
N CYS D 131 -6.42 -23.72 21.51
CA CYS D 131 -7.71 -23.90 22.17
C CYS D 131 -8.71 -24.50 21.19
N GLU D 132 -9.59 -25.35 21.72
CA GLU D 132 -10.68 -25.89 20.92
C GLU D 132 -11.86 -24.93 20.86
N VAL D 133 -12.05 -24.13 21.91
CA VAL D 133 -13.05 -23.09 21.98
C VAL D 133 -12.40 -21.88 22.63
N VAL D 134 -12.77 -20.68 22.19
CA VAL D 134 -12.34 -19.47 22.86
C VAL D 134 -13.56 -18.57 23.04
N ILE D 135 -13.71 -18.07 24.24
CA ILE D 135 -14.77 -17.15 24.61
C ILE D 135 -14.21 -15.74 24.68
N ASN D 136 -14.97 -14.76 24.15
CA ASN D 136 -14.62 -13.35 24.32
C ASN D 136 -15.88 -12.58 24.69
N TRP D 137 -16.12 -12.41 25.99
CA TRP D 137 -17.30 -11.66 26.42
C TRP D 137 -17.13 -10.15 26.28
N GLY D 138 -15.97 -9.67 25.82
CA GLY D 138 -15.88 -8.29 25.41
C GLY D 138 -16.12 -8.03 23.94
N GLY D 139 -16.37 -9.06 23.13
CA GLY D 139 -16.60 -8.91 21.71
C GLY D 139 -18.03 -9.22 21.31
N GLY D 140 -18.26 -9.21 20.00
CA GLY D 140 -19.55 -9.59 19.45
C GLY D 140 -20.35 -8.43 18.88
N TRP D 141 -19.67 -7.46 18.27
CA TRP D 141 -20.29 -6.17 17.90
C TRP D 141 -20.75 -6.24 16.45
N HIS D 142 -21.91 -6.87 16.26
CA HIS D 142 -22.29 -7.40 14.96
C HIS D 142 -22.87 -6.36 14.01
N HIS D 143 -23.17 -5.14 14.49
CA HIS D 143 -23.85 -4.13 13.66
C HIS D 143 -22.91 -3.22 12.87
N ALA D 144 -21.63 -3.11 13.25
CA ALA D 144 -20.77 -2.14 12.59
C ALA D 144 -20.52 -2.53 11.14
N LYS D 145 -20.51 -1.53 10.26
CA LYS D 145 -20.34 -1.74 8.84
C LYS D 145 -19.00 -1.17 8.40
N ARG D 146 -18.67 -1.40 7.12
CA ARG D 146 -17.36 -0.99 6.60
C ARG D 146 -17.04 0.46 6.95
N SER D 147 -18.01 1.36 6.76
CA SER D 147 -17.77 2.77 6.99
C SER D 147 -18.90 3.40 7.81
N GLU D 148 -19.46 2.65 8.75
CA GLU D 148 -20.59 3.20 9.50
C GLU D 148 -20.70 2.53 10.85
N ALA D 149 -20.78 3.34 11.91
CA ALA D 149 -21.13 2.81 13.22
C ALA D 149 -22.63 2.59 13.27
N SER D 150 -23.05 1.63 14.10
CA SER D 150 -24.46 1.28 14.18
C SER D 150 -24.74 0.54 15.48
N GLY D 151 -25.82 0.92 16.16
CA GLY D 151 -26.25 0.16 17.32
C GLY D 151 -25.21 0.02 18.41
N PHE D 152 -24.47 1.09 18.70
CA PHE D 152 -23.32 1.13 19.61
C PHE D 152 -22.23 0.15 19.23
N CYS D 153 -22.19 -0.26 17.96
CA CYS D 153 -21.07 -1.02 17.42
C CYS D 153 -20.25 -0.10 16.54
N TYR D 154 -18.99 0.09 16.88
CA TYR D 154 -18.12 0.97 16.15
C TYR D 154 -17.16 0.23 15.22
N LEU D 155 -16.62 -0.91 15.68
CA LEU D 155 -15.74 -1.73 14.86
C LEU D 155 -16.24 -3.16 14.90
N ASN D 156 -16.24 -3.83 13.76
CA ASN D 156 -16.85 -5.17 13.72
C ASN D 156 -15.77 -6.21 14.03
N ASP D 157 -15.61 -6.51 15.31
CA ASP D 157 -14.64 -7.52 15.71
C ASP D 157 -15.00 -8.90 15.15
N ILE D 158 -16.29 -9.18 14.93
CA ILE D 158 -16.68 -10.50 14.42
C ILE D 158 -16.21 -10.67 12.98
N VAL D 159 -16.49 -9.67 12.14
CA VAL D 159 -16.07 -9.75 10.74
C VAL D 159 -14.57 -9.93 10.66
N LEU D 160 -13.83 -9.16 11.45
CA LEU D 160 -12.38 -9.26 11.41
C LEU D 160 -11.91 -10.63 11.89
N ALA D 161 -12.53 -11.15 12.95
CA ALA D 161 -12.16 -12.50 13.41
C ALA D 161 -12.48 -13.54 12.34
N ILE D 162 -13.68 -13.47 11.74
CA ILE D 162 -14.05 -14.47 10.75
C ILE D 162 -13.11 -14.39 9.56
N HIS D 163 -12.77 -13.18 9.14
CA HIS D 163 -11.82 -13.02 8.04
C HIS D 163 -10.48 -13.67 8.36
N ARG D 164 -9.98 -13.48 9.58
CA ARG D 164 -8.76 -14.19 9.97
C ARG D 164 -8.94 -15.70 9.86
N LEU D 165 -10.11 -16.21 10.26
CA LEU D 165 -10.35 -17.65 10.24
C LEU D 165 -10.40 -18.18 8.80
N VAL D 166 -11.16 -17.53 7.91
CA VAL D 166 -11.31 -18.07 6.55
C VAL D 166 -10.00 -18.00 5.80
N SER D 167 -9.18 -17.01 6.12
CA SER D 167 -7.91 -16.83 5.45
C SER D 167 -6.79 -17.66 6.07
N SER D 168 -7.13 -18.77 6.74
CA SER D 168 -6.11 -19.62 7.37
C SER D 168 -5.95 -20.94 6.61
N THR D 179 -11.65 -23.96 3.47
CA THR D 179 -12.00 -23.42 4.78
C THR D 179 -13.37 -22.76 4.75
N ARG D 180 -14.31 -23.25 5.54
CA ARG D 180 -15.63 -22.64 5.61
C ARG D 180 -15.95 -22.32 7.06
N VAL D 181 -16.62 -21.17 7.27
CA VAL D 181 -16.99 -20.72 8.60
C VAL D 181 -18.50 -20.64 8.67
N LEU D 182 -19.08 -21.19 9.74
CA LEU D 182 -20.49 -20.98 10.06
C LEU D 182 -20.60 -19.94 11.16
N TYR D 183 -21.32 -18.86 10.88
CA TYR D 183 -21.60 -17.82 11.86
C TYR D 183 -23.03 -17.96 12.36
N VAL D 184 -23.19 -18.04 13.68
CA VAL D 184 -24.50 -18.21 14.31
C VAL D 184 -24.70 -17.02 15.24
N ASP D 185 -25.80 -16.29 15.04
CA ASP D 185 -26.05 -15.02 15.73
C ASP D 185 -27.33 -15.19 16.56
N LEU D 186 -27.17 -15.30 17.87
CA LEU D 186 -28.27 -15.57 18.79
C LEU D 186 -28.82 -14.31 19.44
N ASP D 187 -28.26 -13.16 19.10
CA ASP D 187 -28.70 -11.88 19.63
C ASP D 187 -30.18 -11.63 19.32
N LEU D 188 -30.84 -10.87 20.19
CA LEU D 188 -32.21 -10.43 19.92
C LEU D 188 -32.32 -9.73 18.57
N HIS D 189 -31.26 -9.04 18.16
CA HIS D 189 -31.22 -8.24 16.95
C HIS D 189 -30.53 -8.98 15.81
N HIS D 190 -30.99 -8.69 14.60
CA HIS D 190 -30.43 -9.25 13.39
C HIS D 190 -28.96 -8.86 13.25
N GLY D 191 -28.12 -9.82 12.90
CA GLY D 191 -26.70 -9.57 12.74
C GLY D 191 -26.39 -8.99 11.37
N ASP D 192 -26.78 -7.73 11.13
CA ASP D 192 -26.76 -7.19 9.77
C ASP D 192 -25.34 -6.92 9.28
N GLY D 193 -24.47 -6.38 10.14
CA GLY D 193 -23.12 -6.07 9.69
C GLY D 193 -22.34 -7.29 9.26
N VAL D 194 -22.43 -8.39 10.02
CA VAL D 194 -21.71 -9.60 9.65
C VAL D 194 -22.29 -10.19 8.37
N GLU D 195 -23.61 -10.32 8.31
CA GLU D 195 -24.26 -10.80 7.09
C GLU D 195 -23.83 -9.98 5.87
N GLU D 196 -23.87 -8.65 5.99
CA GLU D 196 -23.52 -7.79 4.88
C GLU D 196 -22.07 -7.98 4.46
N ALA D 197 -21.17 -8.10 5.43
CA ALA D 197 -19.75 -8.24 5.10
C ALA D 197 -19.47 -9.46 4.23
N PHE D 198 -20.22 -10.54 4.42
CA PHE D 198 -19.97 -11.79 3.72
C PHE D 198 -21.10 -12.13 2.75
N TRP D 199 -21.87 -11.10 2.35
CA TRP D 199 -23.01 -11.28 1.45
C TRP D 199 -22.62 -11.99 0.15
N TYR D 200 -21.41 -11.78 -0.33
CA TYR D 200 -20.95 -12.36 -1.59
C TYR D 200 -20.03 -13.54 -1.40
N SER D 201 -19.87 -14.01 -0.16
CA SER D 201 -18.90 -15.05 0.16
C SER D 201 -19.60 -16.34 0.54
N PRO D 202 -19.53 -17.40 -0.29
CA PRO D 202 -20.13 -18.68 0.12
C PRO D 202 -19.37 -19.37 1.23
N ARG D 203 -18.11 -18.99 1.48
CA ARG D 203 -17.32 -19.69 2.47
C ARG D 203 -17.64 -19.27 3.89
N VAL D 204 -18.35 -18.17 4.06
CA VAL D 204 -18.84 -17.76 5.38
C VAL D 204 -20.35 -17.79 5.31
N VAL D 205 -20.95 -18.80 5.90
CA VAL D 205 -22.41 -18.88 5.94
C VAL D 205 -22.86 -18.23 7.24
N THR D 206 -23.76 -17.27 7.14
CA THR D 206 -24.25 -16.53 8.29
C THR D 206 -25.68 -16.96 8.59
N PHE D 207 -26.02 -17.02 9.89
CA PHE D 207 -27.35 -17.44 10.32
C PHE D 207 -27.70 -16.64 11.56
N SER D 208 -28.71 -15.80 11.44
CA SER D 208 -29.17 -14.97 12.54
C SER D 208 -30.60 -15.35 12.85
N VAL D 209 -30.86 -15.61 14.13
CA VAL D 209 -32.21 -15.70 14.67
C VAL D 209 -32.41 -14.49 15.55
N HIS D 210 -33.59 -13.88 15.49
CA HIS D 210 -33.75 -12.54 16.02
C HIS D 210 -35.22 -12.17 15.97
N HIS D 211 -35.56 -11.13 16.72
CA HIS D 211 -36.85 -10.48 16.52
C HIS D 211 -36.76 -9.56 15.32
N ALA D 212 -37.81 -9.55 14.51
CA ALA D 212 -38.00 -8.46 13.56
C ALA D 212 -39.48 -8.09 13.56
N SER D 213 -39.75 -6.80 13.43
CA SER D 213 -41.13 -6.31 13.36
C SER D 213 -41.05 -4.88 12.85
N PRO D 214 -42.15 -4.27 12.39
CA PRO D 214 -42.05 -2.95 11.74
C PRO D 214 -41.50 -1.89 12.68
N GLY D 215 -40.37 -1.31 12.28
CA GLY D 215 -39.72 -0.27 13.06
C GLY D 215 -38.72 -0.77 14.06
N PHE D 216 -38.58 -2.08 14.25
CA PHE D 216 -37.64 -2.63 15.22
C PHE D 216 -36.25 -2.65 14.61
N PHE D 217 -35.27 -2.22 15.40
CA PHE D 217 -33.86 -2.15 14.98
C PHE D 217 -33.32 -3.53 14.64
N PRO D 218 -32.50 -3.66 13.57
CA PRO D 218 -32.09 -2.61 12.63
C PRO D 218 -32.99 -2.58 11.40
N GLY D 219 -33.97 -3.50 11.37
CA GLY D 219 -34.98 -3.52 10.33
C GLY D 219 -34.82 -4.63 9.33
N THR D 220 -33.64 -5.26 9.26
CA THR D 220 -33.35 -6.27 8.27
C THR D 220 -33.50 -7.67 8.84
N GLY D 221 -33.11 -8.68 8.05
CA GLY D 221 -33.25 -10.06 8.46
C GLY D 221 -34.67 -10.59 8.38
N THR D 222 -35.47 -10.06 7.47
CA THR D 222 -36.85 -10.48 7.36
C THR D 222 -37.33 -10.23 5.93
N TRP D 223 -38.62 -10.48 5.72
CA TRP D 223 -39.24 -10.25 4.42
C TRP D 223 -38.85 -8.87 3.88
N ASN D 224 -38.49 -8.83 2.60
CA ASN D 224 -37.92 -7.63 2.02
C ASN D 224 -38.90 -6.91 1.10
N PRO D 232 -43.50 -10.06 -0.95
CA PRO D 232 -42.05 -9.86 -0.88
C PRO D 232 -41.28 -11.16 -0.65
N ILE D 233 -39.95 -11.04 -0.59
CA ILE D 233 -39.06 -12.20 -0.59
C ILE D 233 -37.97 -12.02 0.47
N PHE D 234 -37.33 -13.13 0.82
CA PHE D 234 -36.14 -13.10 1.65
C PHE D 234 -34.90 -12.97 0.76
N LEU D 235 -34.16 -11.88 0.92
CA LEU D 235 -32.83 -11.82 0.32
C LEU D 235 -31.88 -12.75 1.08
N ASN D 236 -30.91 -13.34 0.37
CA ASN D 236 -30.13 -14.38 1.04
C ASN D 236 -28.69 -14.48 0.54
N GLY D 237 -28.14 -13.39 0.02
CA GLY D 237 -26.81 -13.39 -0.55
C GLY D 237 -26.82 -13.01 -2.03
N ALA D 238 -25.63 -12.85 -2.58
CA ALA D 238 -25.54 -12.44 -3.98
C ALA D 238 -24.23 -12.91 -4.57
N GLY D 239 -24.16 -12.87 -5.91
CA GLY D 239 -23.02 -13.46 -6.60
C GLY D 239 -22.85 -14.92 -6.21
N ARG D 240 -21.59 -15.33 -6.06
CA ARG D 240 -21.32 -16.68 -5.58
C ARG D 240 -21.77 -16.92 -4.14
N GLY D 241 -22.14 -15.87 -3.42
CA GLY D 241 -22.72 -15.95 -2.10
C GLY D 241 -24.23 -16.10 -2.07
N ARG D 242 -24.89 -16.30 -3.21
CA ARG D 242 -26.32 -16.51 -3.20
C ARG D 242 -26.68 -17.71 -2.34
N PHE D 243 -27.72 -17.56 -1.53
CA PHE D 243 -28.25 -18.57 -0.61
C PHE D 243 -27.37 -18.79 0.62
N SER D 244 -26.34 -17.98 0.85
CA SER D 244 -25.41 -18.21 1.95
C SER D 244 -25.68 -17.35 3.19
N ALA D 245 -26.75 -16.57 3.20
CA ALA D 245 -27.13 -15.73 4.33
C ALA D 245 -28.51 -16.17 4.76
N PHE D 246 -28.61 -16.71 5.98
CA PHE D 246 -29.82 -17.31 6.50
C PHE D 246 -30.38 -16.46 7.63
N ASN D 247 -31.71 -16.39 7.71
CA ASN D 247 -32.37 -15.59 8.72
C ASN D 247 -33.63 -16.30 9.21
N LEU D 248 -33.90 -16.16 10.51
CA LEU D 248 -35.11 -16.69 11.14
C LEU D 248 -35.66 -15.60 12.06
N PRO D 249 -36.57 -14.79 11.57
CA PRO D 249 -37.18 -13.76 12.42
C PRO D 249 -38.33 -14.37 13.20
N LEU D 250 -38.47 -13.94 14.46
CA LEU D 250 -39.41 -14.56 15.39
C LEU D 250 -40.26 -13.50 16.06
N GLU D 251 -41.54 -13.81 16.27
CA GLU D 251 -42.43 -12.89 16.97
C GLU D 251 -42.02 -12.73 18.43
N GLU D 252 -42.42 -11.61 19.02
CA GLU D 252 -42.11 -11.38 20.42
C GLU D 252 -42.83 -12.39 21.30
N GLY D 253 -42.27 -12.60 22.50
CA GLY D 253 -42.86 -13.47 23.50
C GLY D 253 -42.38 -14.90 23.50
N ILE D 254 -41.46 -15.27 22.59
CA ILE D 254 -41.12 -16.68 22.44
C ILE D 254 -40.33 -17.14 23.68
N ASN D 255 -40.59 -18.38 24.11
CA ASN D 255 -39.98 -18.93 25.32
C ASN D 255 -38.80 -19.83 24.94
N ASP D 256 -38.14 -20.39 25.96
CA ASP D 256 -36.96 -21.24 25.74
C ASP D 256 -37.27 -22.41 24.79
N LEU D 257 -38.35 -23.13 25.05
CA LEU D 257 -38.63 -24.35 24.31
C LEU D 257 -38.92 -24.05 22.84
N ASP D 258 -39.80 -23.09 22.58
CA ASP D 258 -40.19 -22.82 21.19
C ASP D 258 -39.02 -22.26 20.39
N TRP D 259 -38.23 -21.39 21.01
CA TRP D 259 -37.04 -20.86 20.37
C TRP D 259 -36.03 -21.97 20.07
N SER D 260 -35.87 -22.91 21.01
CA SER D 260 -34.95 -24.03 20.81
C SER D 260 -35.43 -24.92 19.68
N ASN D 261 -36.72 -25.28 19.68
CA ASN D 261 -37.28 -26.08 18.59
C ASN D 261 -37.20 -25.34 17.25
N ALA D 262 -37.33 -24.01 17.29
CA ALA D 262 -37.23 -23.22 16.07
C ALA D 262 -35.84 -23.28 15.47
N ILE D 263 -34.79 -23.17 16.28
CA ILE D 263 -33.46 -23.07 15.70
C ILE D 263 -32.70 -24.40 15.66
N GLY D 264 -33.09 -25.38 16.48
CA GLY D 264 -32.35 -26.63 16.60
C GLY D 264 -32.11 -27.39 15.30
N PRO D 265 -33.18 -27.69 14.58
CA PRO D 265 -33.02 -28.39 13.29
C PRO D 265 -32.25 -27.56 12.27
N ILE D 266 -32.40 -26.23 12.32
CA ILE D 266 -31.63 -25.38 11.41
C ILE D 266 -30.15 -25.51 11.70
N LEU D 267 -29.76 -25.40 12.97
CA LEU D 267 -28.36 -25.54 13.34
C LEU D 267 -27.81 -26.88 12.86
N ASP D 268 -28.49 -27.97 13.19
CA ASP D 268 -27.97 -29.28 12.80
C ASP D 268 -27.88 -29.42 11.29
N SER D 269 -28.88 -28.90 10.57
CA SER D 269 -28.86 -28.94 9.11
C SER D 269 -27.67 -28.18 8.53
N LEU D 270 -27.40 -26.99 9.08
CA LEU D 270 -26.27 -26.20 8.57
C LEU D 270 -24.96 -26.94 8.79
N ASN D 271 -24.78 -27.54 9.97
CA ASN D 271 -23.54 -28.27 10.25
C ASN D 271 -23.37 -29.47 9.31
N ILE D 272 -24.43 -30.26 9.12
CA ILE D 272 -24.35 -31.42 8.24
C ILE D 272 -24.01 -31.00 6.81
N VAL D 273 -24.63 -29.94 6.31
CA VAL D 273 -24.44 -29.56 4.92
C VAL D 273 -23.15 -28.77 4.73
N ILE D 274 -22.88 -27.79 5.58
CA ILE D 274 -21.73 -26.92 5.35
C ILE D 274 -20.43 -27.60 5.76
N GLN D 275 -20.49 -28.48 6.76
CA GLN D 275 -19.30 -29.06 7.38
C GLN D 275 -18.26 -27.99 7.71
N PRO D 276 -18.59 -27.02 8.57
CA PRO D 276 -17.72 -25.87 8.76
C PRO D 276 -16.40 -26.24 9.41
N SER D 277 -15.34 -25.50 9.02
CA SER D 277 -14.04 -25.64 9.69
C SER D 277 -14.04 -24.96 11.04
N TYR D 278 -14.77 -23.84 11.16
CA TYR D 278 -14.92 -23.12 12.41
C TYR D 278 -16.37 -22.68 12.55
N VAL D 279 -16.80 -22.55 13.80
CA VAL D 279 -18.09 -21.97 14.13
C VAL D 279 -17.82 -20.72 14.95
N VAL D 280 -18.51 -19.64 14.62
CA VAL D 280 -18.44 -18.39 15.39
C VAL D 280 -19.85 -18.09 15.87
N VAL D 281 -20.02 -17.94 17.18
CA VAL D 281 -21.35 -17.73 17.78
C VAL D 281 -21.34 -16.40 18.51
N GLN D 282 -22.30 -15.54 18.14
CA GLN D 282 -22.57 -14.32 18.87
C GLN D 282 -23.68 -14.67 19.84
N CYS D 283 -23.45 -14.42 21.13
CA CYS D 283 -24.35 -14.87 22.18
CA CYS D 283 -24.33 -14.86 22.20
C CYS D 283 -24.94 -13.68 22.93
N GLY D 284 -25.41 -12.67 22.20
CA GLY D 284 -26.06 -11.53 22.80
C GLY D 284 -27.17 -11.95 23.72
N ALA D 285 -27.15 -11.41 24.96
CA ALA D 285 -28.06 -11.82 26.03
C ALA D 285 -29.34 -11.02 26.08
N ASP D 286 -29.68 -10.26 25.03
CA ASP D 286 -30.86 -9.44 25.12
C ASP D 286 -32.15 -10.19 24.77
N CYS D 287 -32.09 -11.51 24.56
CA CYS D 287 -33.29 -12.33 24.49
C CYS D 287 -33.78 -12.77 25.85
N LEU D 288 -33.02 -12.52 26.91
CA LEU D 288 -33.48 -12.91 28.24
C LEU D 288 -34.79 -12.20 28.56
N ALA D 289 -35.69 -12.94 29.20
CA ALA D 289 -36.98 -12.40 29.61
C ALA D 289 -36.82 -11.15 30.46
N THR D 290 -35.71 -11.05 31.19
CA THR D 290 -35.46 -9.93 32.08
C THR D 290 -34.63 -8.81 31.44
N ASP D 291 -34.26 -8.92 30.16
CA ASP D 291 -33.63 -7.79 29.49
C ASP D 291 -34.65 -6.65 29.38
N PRO D 292 -34.21 -5.39 29.53
CA PRO D 292 -35.17 -4.27 29.46
C PRO D 292 -35.87 -4.14 28.12
N HIS D 293 -35.34 -4.73 27.03
CA HIS D 293 -36.11 -4.82 25.78
C HIS D 293 -37.44 -5.53 26.00
N ARG D 294 -37.44 -6.57 26.83
CA ARG D 294 -38.67 -7.33 27.16
C ARG D 294 -39.40 -7.81 25.91
N ILE D 295 -38.67 -8.46 25.01
CA ILE D 295 -39.23 -8.95 23.75
C ILE D 295 -39.29 -10.48 23.72
N PHE D 296 -38.16 -11.15 23.92
CA PHE D 296 -38.17 -12.60 24.08
C PHE D 296 -38.20 -12.97 25.56
N ARG D 297 -38.44 -14.25 25.82
CA ARG D 297 -38.57 -14.76 27.18
C ARG D 297 -37.61 -15.90 27.44
N LEU D 298 -36.39 -15.83 26.90
CA LEU D 298 -35.44 -16.89 27.21
C LEU D 298 -34.95 -16.74 28.65
N THR D 299 -34.35 -17.81 29.18
CA THR D 299 -33.78 -17.79 30.52
C THR D 299 -32.32 -18.23 30.47
N ASN D 300 -31.69 -18.28 31.64
CA ASN D 300 -30.43 -19.01 31.80
C ASN D 300 -30.64 -20.33 32.54
N PHE D 301 -31.86 -20.85 32.56
CA PHE D 301 -32.15 -22.02 33.39
C PHE D 301 -31.42 -23.26 32.87
N TYR D 302 -30.86 -24.04 33.80
CA TYR D 302 -30.16 -25.29 33.48
C TYR D 302 -30.68 -26.41 34.37
N PRO D 303 -31.88 -26.94 34.08
CA PRO D 303 -32.53 -27.93 34.97
C PRO D 303 -31.71 -29.19 35.22
N SER D 316 -37.67 -26.68 31.82
CA SER D 316 -37.34 -25.51 31.01
C SER D 316 -35.82 -25.27 30.98
N LEU D 317 -35.24 -25.46 29.80
CA LEU D 317 -33.81 -25.32 29.57
C LEU D 317 -33.56 -24.08 28.73
N SER D 318 -32.68 -23.18 29.22
CA SER D 318 -32.24 -21.99 28.49
C SER D 318 -32.04 -22.27 27.01
N GLY D 319 -32.76 -21.51 26.17
CA GLY D 319 -32.52 -21.60 24.73
C GLY D 319 -31.06 -21.39 24.37
N TYR D 320 -30.40 -20.46 25.05
CA TYR D 320 -28.98 -20.22 24.85
C TYR D 320 -28.15 -21.47 25.16
N LEU D 321 -28.37 -22.08 26.33
CA LEU D 321 -27.58 -23.25 26.71
C LEU D 321 -27.87 -24.44 25.80
N TYR D 322 -29.13 -24.60 25.35
CA TYR D 322 -29.44 -25.62 24.35
C TYR D 322 -28.66 -25.41 23.06
N ALA D 323 -28.61 -24.17 22.57
CA ALA D 323 -27.94 -23.90 21.30
C ALA D 323 -26.43 -24.12 21.40
N ILE D 324 -25.82 -23.60 22.47
CA ILE D 324 -24.37 -23.75 22.63
C ILE D 324 -24.01 -25.23 22.79
N LYS D 325 -24.76 -25.96 23.61
CA LYS D 325 -24.46 -27.38 23.79
C LYS D 325 -24.53 -28.12 22.47
N LYS D 326 -25.53 -27.81 21.65
CA LYS D 326 -25.67 -28.45 20.34
C LYS D 326 -24.49 -28.09 19.44
N ILE D 327 -24.12 -26.81 19.39
CA ILE D 327 -22.99 -26.38 18.56
C ILE D 327 -21.71 -27.07 19.01
N LEU D 328 -21.46 -27.11 20.33
CA LEU D 328 -20.24 -27.75 20.81
C LEU D 328 -20.24 -29.25 20.55
N SER D 329 -21.43 -29.88 20.46
CA SER D 329 -21.46 -31.31 20.23
C SER D 329 -20.90 -31.68 18.86
N TRP D 330 -20.77 -30.71 17.96
CA TRP D 330 -20.21 -30.95 16.64
C TRP D 330 -18.70 -31.12 16.65
N LYS D 331 -18.03 -30.75 17.75
CA LYS D 331 -16.58 -30.90 17.86
C LYS D 331 -15.84 -30.10 16.77
N VAL D 332 -16.32 -28.90 16.49
CA VAL D 332 -15.69 -28.01 15.52
C VAL D 332 -15.08 -26.86 16.31
N PRO D 333 -13.85 -26.42 16.03
CA PRO D 333 -13.30 -25.27 16.76
C PRO D 333 -14.24 -24.08 16.72
N THR D 334 -14.56 -23.55 17.90
CA THR D 334 -15.65 -22.60 18.03
C THR D 334 -15.21 -21.34 18.76
N LEU D 335 -15.62 -20.20 18.23
CA LEU D 335 -15.44 -18.89 18.85
C LEU D 335 -16.78 -18.46 19.43
N ILE D 336 -16.82 -18.17 20.73
CA ILE D 336 -18.04 -17.71 21.39
C ILE D 336 -17.84 -16.26 21.81
N LEU D 337 -18.72 -15.39 21.32
CA LEU D 337 -18.63 -13.97 21.58
C LEU D 337 -19.84 -13.51 22.36
N GLY D 338 -19.73 -12.29 22.91
CA GLY D 338 -20.84 -11.65 23.57
C GLY D 338 -21.71 -10.85 22.62
N GLY D 339 -22.10 -9.67 23.04
CA GLY D 339 -22.90 -8.77 22.24
C GLY D 339 -23.86 -8.00 23.13
N GLY D 340 -25.10 -7.89 22.68
CA GLY D 340 -26.12 -7.23 23.47
C GLY D 340 -26.31 -7.87 24.85
N GLY D 341 -27.11 -7.19 25.66
CA GLY D 341 -27.39 -7.65 27.01
C GLY D 341 -27.36 -6.49 27.98
N TYR D 342 -28.53 -5.94 28.33
CA TYR D 342 -28.62 -4.65 28.99
C TYR D 342 -29.14 -4.75 30.42
N ASN D 343 -29.40 -5.96 30.88
CA ASN D 343 -29.52 -6.27 32.31
C ASN D 343 -28.18 -6.89 32.69
N PHE D 344 -27.27 -6.07 33.22
CA PHE D 344 -25.89 -6.51 33.40
C PHE D 344 -25.75 -7.72 34.35
N PRO D 345 -26.38 -7.75 35.54
CA PRO D 345 -26.29 -8.97 36.36
C PRO D 345 -26.84 -10.21 35.66
N ASP D 346 -27.98 -10.08 34.97
CA ASP D 346 -28.56 -11.26 34.31
C ASP D 346 -27.74 -11.69 33.10
N THR D 347 -27.07 -10.76 32.43
CA THR D 347 -26.13 -11.13 31.38
C THR D 347 -24.96 -11.90 31.95
N ALA D 348 -24.41 -11.44 33.08
CA ALA D 348 -23.36 -12.18 33.76
C ALA D 348 -23.85 -13.58 34.17
N ARG D 349 -25.07 -13.66 34.69
CA ARG D 349 -25.63 -14.96 35.08
C ARG D 349 -25.68 -15.92 33.90
N LEU D 350 -26.11 -15.44 32.72
CA LEU D 350 -26.18 -16.30 31.55
C LEU D 350 -24.79 -16.69 31.06
N TRP D 351 -23.90 -15.70 30.91
CA TRP D 351 -22.59 -15.98 30.31
C TRP D 351 -21.70 -16.79 31.24
N THR D 352 -21.92 -16.72 32.55
CA THR D 352 -21.28 -17.66 33.47
C THR D 352 -21.74 -19.09 33.21
N ARG D 353 -23.04 -19.29 32.99
CA ARG D 353 -23.50 -20.63 32.69
C ARG D 353 -23.01 -21.09 31.32
N VAL D 354 -22.98 -20.18 30.34
CA VAL D 354 -22.40 -20.56 29.04
C VAL D 354 -20.95 -20.99 29.22
N THR D 355 -20.21 -20.27 30.06
CA THR D 355 -18.81 -20.58 30.26
C THR D 355 -18.63 -21.95 30.92
N ALA D 356 -19.39 -22.21 31.99
CA ALA D 356 -19.33 -23.52 32.64
C ALA D 356 -19.69 -24.64 31.67
N LEU D 357 -20.77 -24.45 30.88
CA LEU D 357 -21.18 -25.46 29.92
C LEU D 357 -20.09 -25.76 28.90
N THR D 358 -19.40 -24.71 28.42
CA THR D 358 -18.32 -24.90 27.46
C THR D 358 -17.20 -25.76 28.04
N ILE D 359 -16.79 -25.48 29.28
CA ILE D 359 -15.81 -26.32 29.95
C ILE D 359 -16.30 -27.77 30.02
N GLU D 360 -17.51 -27.98 30.56
CA GLU D 360 -18.07 -29.34 30.67
C GLU D 360 -18.03 -30.08 29.33
N GLU D 361 -18.53 -29.45 28.26
CA GLU D 361 -18.67 -30.16 26.99
C GLU D 361 -17.32 -30.38 26.32
N VAL D 362 -16.40 -29.42 26.43
CA VAL D 362 -15.11 -29.56 25.78
C VAL D 362 -14.22 -30.53 26.55
N LYS D 363 -14.15 -30.35 27.86
CA LYS D 363 -13.23 -31.10 28.68
C LYS D 363 -13.82 -32.40 29.24
N GLY D 364 -15.12 -32.62 29.07
CA GLY D 364 -15.75 -33.80 29.65
C GLY D 364 -15.64 -33.82 31.16
N LYS D 365 -15.77 -32.66 31.79
CA LYS D 365 -15.46 -32.52 33.21
C LYS D 365 -16.57 -31.71 33.86
N LYS D 366 -17.21 -32.30 34.86
CA LYS D 366 -18.40 -31.71 35.48
C LYS D 366 -18.07 -30.36 36.12
N MET D 367 -18.86 -29.34 35.80
CA MET D 367 -18.75 -28.03 36.43
C MET D 367 -19.99 -27.83 37.29
N THR D 368 -19.82 -27.91 38.61
CA THR D 368 -20.93 -27.75 39.53
C THR D 368 -20.97 -26.31 39.98
N ILE D 369 -22.11 -25.65 39.76
CA ILE D 369 -22.29 -24.25 40.07
C ILE D 369 -23.41 -24.13 41.09
N SER D 370 -23.12 -23.54 42.24
CA SER D 370 -24.14 -23.37 43.26
C SER D 370 -25.27 -22.48 42.75
N PRO D 371 -26.53 -22.80 43.08
CA PRO D 371 -27.63 -21.91 42.71
C PRO D 371 -27.59 -20.55 43.41
N GLU D 372 -26.68 -20.34 44.35
CA GLU D 372 -26.55 -19.07 45.05
C GLU D 372 -25.28 -18.36 44.60
N ILE D 373 -25.40 -17.07 44.32
CA ILE D 373 -24.26 -16.25 43.91
C ILE D 373 -23.20 -16.29 45.00
N PRO D 374 -21.97 -16.68 44.68
CA PRO D 374 -20.91 -16.65 45.70
C PRO D 374 -20.54 -15.22 46.05
N GLU D 375 -19.97 -15.07 47.24
CA GLU D 375 -19.51 -13.76 47.67
C GLU D 375 -18.39 -13.26 46.78
N HIS D 376 -18.44 -11.96 46.44
CA HIS D 376 -17.41 -11.34 45.63
C HIS D 376 -17.65 -9.84 45.46
N SER D 377 -16.75 -9.18 44.74
CA SER D 377 -16.76 -7.74 44.54
C SER D 377 -18.14 -7.18 44.23
N TYR D 378 -18.86 -7.81 43.30
CA TYR D 378 -20.14 -7.31 42.82
C TYR D 378 -21.34 -8.05 43.40
N PHE D 379 -21.18 -8.70 44.56
CA PHE D 379 -22.27 -9.49 45.13
C PHE D 379 -23.55 -8.67 45.28
N SER D 380 -23.42 -7.40 45.67
CA SER D 380 -24.59 -6.57 45.94
C SER D 380 -25.42 -6.30 44.68
N ARG D 381 -24.83 -6.48 43.49
CA ARG D 381 -25.56 -6.26 42.24
C ARG D 381 -26.55 -7.37 41.94
N TYR D 382 -26.52 -8.46 42.69
CA TYR D 382 -27.37 -9.61 42.43
C TYR D 382 -28.50 -9.73 43.44
N GLY D 383 -28.75 -8.68 44.21
CA GLY D 383 -29.88 -8.63 45.11
C GLY D 383 -31.20 -8.48 44.39
N PRO D 384 -32.31 -8.69 45.10
CA PRO D 384 -32.32 -8.99 46.54
C PRO D 384 -32.30 -10.47 46.89
N ASP D 385 -32.26 -11.37 45.90
CA ASP D 385 -32.28 -12.80 46.16
C ASP D 385 -30.94 -13.49 45.96
N PHE D 386 -30.05 -12.95 45.13
CA PHE D 386 -28.68 -13.46 45.00
C PHE D 386 -28.65 -14.91 44.53
N GLU D 387 -29.51 -15.26 43.59
CA GLU D 387 -29.51 -16.58 42.98
C GLU D 387 -28.94 -16.51 41.57
N LEU D 388 -28.46 -17.66 41.08
CA LEU D 388 -27.88 -17.70 39.74
C LEU D 388 -28.95 -17.69 38.66
N ASP D 389 -30.07 -18.40 38.88
CA ASP D 389 -31.21 -18.30 37.96
C ASP D 389 -31.66 -16.85 37.85
N ILE D 390 -32.05 -16.43 36.64
CA ILE D 390 -32.68 -15.13 36.52
C ILE D 390 -34.02 -15.17 37.23
N ASP D 391 -34.47 -14.02 37.71
CA ASP D 391 -35.69 -13.91 38.51
C ASP D 391 -36.89 -13.81 37.58
N TYR D 392 -37.34 -14.97 37.08
CA TYR D 392 -38.42 -14.99 36.10
C TYR D 392 -39.20 -16.29 36.19
N PHE D 393 -40.53 -16.17 36.09
CA PHE D 393 -41.40 -17.34 36.12
C PHE D 393 -42.02 -17.56 34.74
N PRO D 394 -41.57 -18.55 33.97
CA PRO D 394 -42.10 -18.82 32.63
C PRO D 394 -43.48 -19.46 32.65
N ASP D 403 -47.27 -22.44 12.85
CA ASP D 403 -47.31 -22.53 11.40
C ASP D 403 -46.31 -21.57 10.75
N SER D 404 -46.13 -20.41 11.39
CA SER D 404 -45.10 -19.47 10.95
C SER D 404 -43.73 -20.15 10.92
N ILE D 405 -43.40 -20.86 12.00
CA ILE D 405 -42.06 -21.45 12.13
C ILE D 405 -41.90 -22.61 11.16
N GLN D 406 -42.96 -23.42 10.98
CA GLN D 406 -42.90 -24.49 10.01
C GLN D 406 -42.69 -23.96 8.60
N LYS D 407 -43.35 -22.85 8.27
CA LYS D 407 -43.13 -22.22 6.97
C LYS D 407 -41.69 -21.73 6.83
N HIS D 408 -41.12 -21.18 7.90
CA HIS D 408 -39.71 -20.75 7.84
C HIS D 408 -38.79 -21.95 7.66
N HIS D 409 -39.06 -23.04 8.37
CA HIS D 409 -38.25 -24.24 8.20
C HIS D 409 -38.27 -24.73 6.76
N ARG D 410 -39.43 -24.75 6.12
CA ARG D 410 -39.50 -25.20 4.73
C ARG D 410 -38.72 -24.25 3.83
N ARG D 411 -38.85 -22.95 4.08
CA ARG D 411 -38.09 -21.96 3.31
C ARG D 411 -36.59 -22.14 3.53
N ILE D 412 -36.17 -22.39 4.76
CA ILE D 412 -34.73 -22.46 5.02
C ILE D 412 -34.14 -23.77 4.50
N LEU D 413 -34.88 -24.88 4.61
CA LEU D 413 -34.38 -26.13 4.03
C LEU D 413 -34.22 -26.01 2.52
N GLU D 414 -35.17 -25.34 1.86
CA GLU D 414 -35.07 -25.08 0.43
C GLU D 414 -33.87 -24.19 0.11
N GLN D 415 -33.65 -23.13 0.89
CA GLN D 415 -32.47 -22.29 0.69
C GLN D 415 -31.19 -23.10 0.86
N LEU D 416 -31.14 -23.95 1.89
CA LEU D 416 -29.94 -24.76 2.12
C LEU D 416 -29.70 -25.74 0.97
N ARG D 417 -30.79 -26.29 0.40
CA ARG D 417 -30.64 -27.09 -0.80
C ARG D 417 -30.07 -26.26 -1.95
N ASN D 418 -30.59 -25.05 -2.15
CA ASN D 418 -30.05 -24.17 -3.19
C ASN D 418 -28.60 -23.81 -2.91
N TYR D 419 -28.26 -23.56 -1.65
CA TYR D 419 -26.87 -23.28 -1.30
C TYR D 419 -25.98 -24.46 -1.63
N ALA D 420 -26.43 -25.67 -1.31
CA ALA D 420 -25.61 -26.86 -1.56
C ALA D 420 -25.48 -27.14 -3.05
N ASP D 421 -26.56 -27.00 -3.82
CA ASP D 421 -26.48 -27.20 -5.27
C ASP D 421 -25.52 -26.21 -5.89
N LEU D 422 -25.69 -24.92 -5.56
CA LEU D 422 -24.85 -23.89 -6.14
C LEU D 422 -23.38 -24.14 -5.84
N ASN D 423 -23.08 -24.67 -4.66
CA ASN D 423 -21.71 -24.87 -4.22
C ASN D 423 -21.23 -26.30 -4.43
N LYS D 424 -22.03 -27.13 -5.10
CA LYS D 424 -21.64 -28.49 -5.45
C LYS D 424 -21.19 -29.28 -4.22
N LEU D 425 -22.00 -29.22 -3.16
CA LEU D 425 -21.69 -29.92 -1.92
C LEU D 425 -22.46 -31.24 -1.85
#